data_7SV2
#
_entry.id   7SV2
#
_cell.length_a   104.786
_cell.length_b   134.300
_cell.length_c   275.274
_cell.angle_alpha   90.000
_cell.angle_beta   90.000
_cell.angle_gamma   90.000
#
_symmetry.space_group_name_H-M   'C 2 2 21'
#
loop_
_entity.id
_entity.type
_entity.pdbx_description
1 polymer 'Cytochrome P450 3A5'
2 non-polymer 'PROTOPORPHYRIN IX CONTAINING FE'
3 non-polymer '(3aS,4R,5S,6R,8R,9R,9aR,10R)-6-ethyl-5-hydroxy-4,6,9,10-tetramethyl-1-oxodecahydro-3a,9-propanocyclopenta[8]annulen-8-yl [(5-amino-1H-1,2,4-triazol-3-yl)sulfanyl]acetate'
4 water water
#
_entity_poly.entity_id   1
_entity_poly.type   'polypeptide(L)'
_entity_poly.pdbx_seq_one_letter_code
;MALYGTRTHGLFKRLGIPGPTPLPLLGNVLSYRQGLWKFDTECYKKYGKMWGTYEGQLPVLAITDPDVIRTVLVKECYSV
FTNRRSLGPVGFMKSAISLAEDEEWKRIRSLLSPTFTSGKLKEMFPIIAQYGDVLVRNLRREAEKGKPVTLKDIFGAYSM
DVITGTSFGVNIDSLNNPQDPFVESTKKFLKFGFLDPLFLSIILFPFLTPVFEALNVSLFPKDTINFLSKSVNRMKKSRL
NDKQKHRLDFLQLMIDSQNSKETESHKALSDLELAAQSIIFIFAGYETTSSVLSFTLYELATHPDVQQKLQKEIDAVLPN
KAPPTYDAVVQMEYLDMVVNETLRLFPVAIRLERTCKKDVEINGVFIPKGSMVVIPTYALHHDPKYWTEPEEFRPERFSK
KKDSIDPYIYTPFGTGPRNCIGMRFALMNMKLALIRVLQNFSFKPCKETQIPLKLDTQGLLQPEKPIVLKVDSRDGHHHH
;
_entity_poly.pdbx_strand_id   A,B,C,D
#
loop_
_chem_comp.id
_chem_comp.type
_chem_comp.name
_chem_comp.formula
HEM non-polymer 'PROTOPORPHYRIN IX CONTAINING FE' 'C34 H32 Fe N4 O4'
MWY non-polymer '(3aS,4R,5S,6R,8R,9R,9aR,10R)-6-ethyl-5-hydroxy-4,6,9,10-tetramethyl-1-oxodecahydro-3a,9-propanocyclopenta[8]annulen-8-yl [(5-amino-1H-1,2,4-triazol-3-yl)sulfanyl]acetate' 'C24 H38 N4 O4 S'
#
# COMPACT_ATOMS: atom_id res chain seq x y z
N ALA A 2 3.19 18.69 22.00
CA ALA A 2 3.04 19.05 23.39
C ALA A 2 2.41 17.91 24.20
N LEU A 3 1.38 17.30 23.63
CA LEU A 3 0.65 16.24 24.32
C LEU A 3 1.59 15.11 24.71
N TYR A 4 1.46 14.64 25.95
CA TYR A 4 2.35 13.59 26.45
C TYR A 4 2.21 12.30 25.65
N GLY A 5 1.10 12.09 24.95
CA GLY A 5 0.97 10.83 24.25
C GLY A 5 1.61 10.78 22.88
N THR A 6 2.16 11.90 22.38
CA THR A 6 2.52 11.98 20.97
C THR A 6 3.85 12.69 20.69
N ARG A 7 4.72 12.89 21.69
CA ARG A 7 5.86 13.78 21.49
C ARG A 7 6.83 13.26 20.44
N THR A 8 7.05 11.95 20.42
CA THR A 8 8.06 11.36 19.55
C THR A 8 7.49 10.79 18.25
N HIS A 9 6.17 10.79 18.08
CA HIS A 9 5.54 10.04 17.00
C HIS A 9 5.78 10.62 15.61
N GLY A 10 6.53 11.71 15.48
CA GLY A 10 6.94 12.19 14.19
C GLY A 10 8.39 11.90 13.83
N LEU A 11 9.09 11.15 14.67
CA LEU A 11 10.53 10.94 14.49
C LEU A 11 10.83 10.19 13.20
N PHE A 12 10.28 8.98 13.05
CA PHE A 12 10.60 8.16 11.90
C PHE A 12 10.10 8.79 10.60
N LYS A 13 8.96 9.48 10.65
CA LYS A 13 8.51 10.23 9.49
C LYS A 13 9.51 11.32 9.13
N ARG A 14 10.08 11.97 10.14
CA ARG A 14 11.09 13.00 9.90
C ARG A 14 12.36 12.40 9.30
N LEU A 15 12.71 11.19 9.71
CA LEU A 15 13.92 10.51 9.25
C LEU A 15 13.72 9.76 7.93
N GLY A 16 12.51 9.77 7.38
CA GLY A 16 12.25 9.02 6.17
C GLY A 16 12.23 7.51 6.37
N ILE A 17 11.95 7.05 7.57
CA ILE A 17 11.89 5.62 7.88
C ILE A 17 10.42 5.20 7.85
N PRO A 18 10.05 4.22 7.03
CA PRO A 18 8.65 3.79 6.97
C PRO A 18 8.25 3.02 8.22
N GLY A 19 6.94 2.87 8.39
CA GLY A 19 6.39 2.16 9.52
C GLY A 19 4.91 2.46 9.70
N PRO A 20 4.24 1.66 10.54
CA PRO A 20 2.81 1.87 10.77
C PRO A 20 2.56 3.12 11.61
N THR A 21 1.49 3.83 11.26
CA THR A 21 1.17 5.07 11.96
C THR A 21 0.82 4.78 13.42
N PRO A 22 1.47 5.43 14.37
CA PRO A 22 1.19 5.15 15.78
C PRO A 22 -0.09 5.83 16.26
N LEU A 23 -0.72 5.20 17.26
CA LEU A 23 -1.85 5.80 17.95
C LEU A 23 -1.36 6.66 19.11
N PRO A 24 -2.12 7.69 19.50
CA PRO A 24 -1.71 8.49 20.67
C PRO A 24 -1.60 7.61 21.91
N LEU A 25 -0.63 7.94 22.76
CA LEU A 25 -0.36 7.22 24.01
C LEU A 25 0.13 5.80 23.77
N LEU A 26 -0.59 5.04 22.94
CA LEU A 26 -0.26 3.62 22.76
C LEU A 26 0.93 3.42 21.84
N GLY A 27 1.04 4.24 20.79
CA GLY A 27 1.99 3.94 19.73
C GLY A 27 1.47 2.79 18.90
N ASN A 28 2.35 1.83 18.62
CA ASN A 28 1.99 0.64 17.87
C ASN A 28 1.92 -0.61 18.75
N VAL A 29 1.99 -0.44 20.06
CA VAL A 29 2.18 -1.59 20.96
C VAL A 29 0.98 -2.52 20.91
N LEU A 30 -0.21 -2.01 20.62
CA LEU A 30 -1.38 -2.88 20.55
C LEU A 30 -1.38 -3.77 19.31
N SER A 31 -0.51 -3.50 18.34
CA SER A 31 -0.35 -4.43 17.23
C SER A 31 0.40 -5.69 17.62
N TYR A 32 0.97 -5.73 18.83
CA TYR A 32 1.63 -6.93 19.33
C TYR A 32 0.62 -8.02 19.68
N ARG A 33 -0.66 -7.67 19.82
CA ARG A 33 -1.65 -8.61 20.32
C ARG A 33 -1.79 -9.83 19.42
N GLN A 34 -1.44 -9.69 18.14
CA GLN A 34 -1.49 -10.81 17.20
C GLN A 34 -0.25 -11.69 17.28
N GLY A 35 0.65 -11.43 18.22
CA GLY A 35 1.91 -12.14 18.29
C GLY A 35 3.05 -11.33 17.70
N LEU A 36 4.16 -11.21 18.44
CA LEU A 36 5.31 -10.46 17.94
C LEU A 36 5.87 -11.09 16.68
N TRP A 37 5.83 -12.42 16.58
CA TRP A 37 6.30 -13.09 15.37
C TRP A 37 5.49 -12.66 14.16
N LYS A 38 4.19 -12.44 14.33
CA LYS A 38 3.33 -12.05 13.22
C LYS A 38 3.53 -10.57 12.85
N PHE A 39 3.60 -9.71 13.86
CA PHE A 39 3.76 -8.28 13.60
C PHE A 39 5.08 -7.98 12.90
N ASP A 40 6.16 -8.61 13.35
CA ASP A 40 7.46 -8.39 12.73
C ASP A 40 7.48 -8.87 11.28
N THR A 41 6.89 -10.03 11.03
CA THR A 41 6.86 -10.58 9.67
C THR A 41 6.08 -9.66 8.74
N GLU A 42 4.93 -9.16 9.20
CA GLU A 42 4.09 -8.32 8.34
C GLU A 42 4.72 -6.96 8.12
N CYS A 43 5.39 -6.40 9.13
CA CYS A 43 6.13 -5.15 8.93
C CYS A 43 7.28 -5.36 7.95
N TYR A 44 7.97 -6.49 8.04
CA TYR A 44 9.06 -6.80 7.13
C TYR A 44 8.56 -6.85 5.69
N LYS A 45 7.50 -7.62 5.45
CA LYS A 45 6.99 -7.78 4.09
C LYS A 45 6.41 -6.48 3.55
N LYS A 46 5.89 -5.62 4.41
CA LYS A 46 5.25 -4.38 3.98
C LYS A 46 6.22 -3.24 3.80
N TYR A 47 7.19 -3.08 4.72
CA TYR A 47 8.05 -1.91 4.71
C TYR A 47 9.47 -2.17 4.26
N GLY A 48 9.93 -3.41 4.24
CA GLY A 48 11.23 -3.72 3.69
C GLY A 48 12.34 -3.92 4.69
N LYS A 49 13.54 -3.46 4.33
CA LYS A 49 14.75 -3.76 5.10
C LYS A 49 14.77 -3.08 6.47
N MET A 50 14.00 -2.02 6.66
CA MET A 50 14.09 -1.23 7.88
C MET A 50 12.79 -0.49 8.11
N TRP A 51 12.27 -0.54 9.33
CA TRP A 51 11.03 0.15 9.65
C TRP A 51 11.07 0.58 11.11
N GLY A 52 10.19 1.52 11.45
CA GLY A 52 10.13 2.07 12.79
C GLY A 52 8.74 1.99 13.38
N THR A 53 8.68 1.70 14.68
CA THR A 53 7.44 1.64 15.44
C THR A 53 7.65 2.37 16.76
N TYR A 54 6.57 2.47 17.55
CA TYR A 54 6.61 3.14 18.84
C TYR A 54 5.94 2.27 19.89
N GLU A 55 6.64 2.01 20.98
CA GLU A 55 6.06 1.40 22.17
C GLU A 55 5.71 2.54 23.11
N GLY A 56 4.46 2.96 23.11
CA GLY A 56 4.09 4.21 23.74
C GLY A 56 4.73 5.36 23.00
N GLN A 57 5.73 5.98 23.61
CA GLN A 57 6.53 7.01 22.95
C GLN A 57 7.93 6.53 22.62
N LEU A 58 8.28 5.30 22.97
CA LEU A 58 9.63 4.80 22.76
C LEU A 58 9.83 4.45 21.29
N PRO A 59 10.75 5.12 20.59
CA PRO A 59 11.00 4.75 19.19
C PRO A 59 11.68 3.40 19.11
N VAL A 60 11.24 2.60 18.14
CA VAL A 60 11.74 1.24 17.95
C VAL A 60 12.15 1.10 16.49
N LEU A 61 13.44 0.91 16.25
CA LEU A 61 13.96 0.75 14.89
C LEU A 61 14.28 -0.73 14.66
N ALA A 62 13.67 -1.30 13.62
CA ALA A 62 13.93 -2.68 13.24
C ALA A 62 14.86 -2.72 12.05
N ILE A 63 15.87 -3.59 12.12
CA ILE A 63 16.91 -3.69 11.10
C ILE A 63 17.04 -5.14 10.66
N THR A 64 17.23 -5.35 9.36
CA THR A 64 17.37 -6.69 8.80
C THR A 64 18.65 -6.90 8.00
N ASP A 65 19.41 -5.86 7.75
CA ASP A 65 20.64 -6.02 6.99
C ASP A 65 21.69 -6.73 7.84
N PRO A 66 22.33 -7.79 7.34
CA PRO A 66 23.34 -8.50 8.13
C PRO A 66 24.46 -7.61 8.66
N ASP A 67 24.99 -6.71 7.83
CA ASP A 67 26.10 -5.87 8.26
C ASP A 67 25.68 -4.88 9.32
N VAL A 68 24.48 -4.30 9.18
CA VAL A 68 23.96 -3.42 10.23
C VAL A 68 23.73 -4.20 11.52
N ILE A 69 23.20 -5.42 11.40
CA ILE A 69 22.99 -6.25 12.59
C ILE A 69 24.33 -6.56 13.25
N ARG A 70 25.35 -6.86 12.45
CA ARG A 70 26.68 -7.11 13.01
C ARG A 70 27.24 -5.88 13.71
N THR A 71 26.92 -4.68 13.23
CA THR A 71 27.37 -3.47 13.90
C THR A 71 26.70 -3.30 15.25
N VAL A 72 25.40 -3.58 15.32
CA VAL A 72 24.66 -3.36 16.57
C VAL A 72 25.02 -4.42 17.60
N LEU A 73 25.08 -5.68 17.18
CA LEU A 73 25.22 -6.79 18.12
C LEU A 73 26.67 -7.09 18.49
N VAL A 74 27.63 -6.74 17.63
CA VAL A 74 29.02 -7.10 17.88
C VAL A 74 29.90 -5.87 17.97
N LYS A 75 29.96 -5.09 16.90
CA LYS A 75 30.92 -4.00 16.81
C LYS A 75 30.70 -2.94 17.88
N GLU A 76 29.46 -2.50 18.06
CA GLU A 76 29.14 -1.39 18.94
C GLU A 76 28.35 -1.83 20.17
N CYS A 77 28.59 -3.05 20.64
CA CYS A 77 27.91 -3.53 21.84
C CYS A 77 28.34 -2.75 23.07
N TYR A 78 29.64 -2.78 23.39
CA TYR A 78 30.13 -2.14 24.60
C TYR A 78 29.97 -0.62 24.55
N SER A 79 30.06 -0.03 23.36
CA SER A 79 30.05 1.43 23.24
C SER A 79 28.65 2.01 23.16
N VAL A 80 27.68 1.31 22.57
CA VAL A 80 26.36 1.89 22.34
C VAL A 80 25.25 0.94 22.79
N PHE A 81 25.26 -0.30 22.29
CA PHE A 81 24.14 -1.23 22.45
C PHE A 81 24.48 -2.30 23.49
N THR A 82 24.76 -1.82 24.71
CA THR A 82 25.24 -2.72 25.75
C THR A 82 24.11 -3.46 26.45
N ASN A 83 22.92 -2.89 26.49
CA ASN A 83 21.82 -3.45 27.26
C ASN A 83 20.59 -3.60 26.37
N ARG A 84 19.65 -4.41 26.82
CA ARG A 84 18.37 -4.54 26.15
C ARG A 84 17.42 -3.49 26.70
N ARG A 85 16.12 -3.77 26.72
CA ARG A 85 15.17 -2.77 27.18
C ARG A 85 15.29 -2.58 28.69
N SER A 86 14.79 -1.45 29.16
CA SER A 86 14.61 -1.20 30.58
C SER A 86 13.23 -1.70 30.97
N LEU A 87 13.17 -2.85 31.64
CA LEU A 87 11.90 -3.53 31.86
C LEU A 87 10.94 -2.66 32.66
N GLY A 88 11.34 -2.27 33.87
CA GLY A 88 10.48 -1.50 34.73
C GLY A 88 10.71 -1.85 36.18
N PRO A 89 9.62 -1.96 36.96
CA PRO A 89 9.75 -2.33 38.37
C PRO A 89 10.01 -3.82 38.53
N VAL A 90 11.21 -4.15 39.01
CA VAL A 90 11.62 -5.55 39.13
C VAL A 90 12.18 -5.83 40.52
N GLY A 91 12.49 -4.76 41.27
CA GLY A 91 13.03 -4.95 42.60
C GLY A 91 14.48 -5.43 42.55
N PHE A 92 14.80 -6.39 43.43
CA PHE A 92 16.18 -6.89 43.49
C PHE A 92 16.58 -7.63 42.22
N MET A 93 15.61 -8.08 41.42
CA MET A 93 15.92 -8.73 40.15
C MET A 93 16.65 -7.81 39.19
N LYS A 94 16.79 -6.52 39.51
CA LYS A 94 17.65 -5.64 38.73
C LYS A 94 19.09 -6.13 38.69
N SER A 95 19.51 -6.86 39.73
CA SER A 95 20.87 -7.37 39.81
C SER A 95 21.05 -8.69 39.05
N ALA A 96 19.98 -9.24 38.50
CA ALA A 96 20.11 -10.43 37.68
C ALA A 96 20.96 -10.14 36.45
N ILE A 97 21.75 -11.14 36.04
CA ILE A 97 22.77 -10.93 35.00
C ILE A 97 22.15 -10.34 33.74
N SER A 98 20.99 -10.85 33.34
CA SER A 98 20.36 -10.38 32.11
C SER A 98 19.87 -8.94 32.26
N LEU A 99 19.29 -8.61 33.41
CA LEU A 99 18.73 -7.27 33.62
C LEU A 99 19.75 -6.27 34.10
N ALA A 100 20.90 -6.71 34.60
CA ALA A 100 21.98 -5.79 34.95
C ALA A 100 22.48 -5.10 33.69
N GLU A 101 23.12 -3.95 33.87
CA GLU A 101 23.51 -3.10 32.76
C GLU A 101 24.96 -2.63 32.92
N ASP A 102 25.61 -2.41 31.78
CA ASP A 102 26.91 -1.74 31.69
C ASP A 102 27.93 -2.52 32.52
N GLU A 103 28.75 -1.86 33.35
CA GLU A 103 29.84 -2.54 34.03
C GLU A 103 29.34 -3.57 35.03
N GLU A 104 28.19 -3.32 35.65
CA GLU A 104 27.62 -4.31 36.56
C GLU A 104 27.28 -5.60 35.82
N TRP A 105 26.80 -5.49 34.58
CA TRP A 105 26.54 -6.68 33.78
C TRP A 105 27.84 -7.40 33.42
N LYS A 106 28.88 -6.64 33.04
CA LYS A 106 30.15 -7.27 32.71
C LYS A 106 30.71 -8.07 33.88
N ARG A 107 30.62 -7.52 35.09
CA ARG A 107 31.14 -8.21 36.27
C ARG A 107 30.37 -9.50 36.54
N ILE A 108 29.03 -9.42 36.57
CA ILE A 108 28.22 -10.58 36.89
C ILE A 108 28.37 -11.67 35.83
N ARG A 109 28.38 -11.28 34.55
CA ARG A 109 28.58 -12.26 33.48
C ARG A 109 29.95 -12.90 33.59
N SER A 110 30.97 -12.12 33.91
CA SER A 110 32.31 -12.67 34.08
C SER A 110 32.37 -13.65 35.25
N LEU A 111 31.57 -13.41 36.30
CA LEU A 111 31.58 -14.32 37.44
C LEU A 111 30.86 -15.63 37.10
N LEU A 112 29.75 -15.56 36.36
CA LEU A 112 28.93 -16.75 36.12
C LEU A 112 29.37 -17.57 34.92
N SER A 113 30.08 -16.96 33.96
CA SER A 113 30.48 -17.68 32.75
C SER A 113 31.24 -18.99 33.01
N PRO A 114 32.15 -19.10 33.98
CA PRO A 114 32.82 -20.40 34.21
C PRO A 114 31.88 -21.57 34.46
N THR A 115 30.62 -21.32 34.81
CA THR A 115 29.68 -22.41 35.01
C THR A 115 29.58 -23.30 33.77
N PHE A 116 29.72 -22.72 32.58
CA PHE A 116 29.50 -23.44 31.33
C PHE A 116 30.79 -23.54 30.50
N THR A 117 31.91 -23.85 31.16
CA THR A 117 33.10 -24.19 30.41
C THR A 117 32.98 -25.60 29.85
N SER A 118 33.79 -25.91 28.83
CA SER A 118 33.77 -27.24 28.23
C SER A 118 33.96 -28.31 29.28
N GLY A 119 34.89 -28.09 30.22
CA GLY A 119 35.09 -29.06 31.29
C GLY A 119 33.88 -29.21 32.20
N LYS A 120 33.23 -28.09 32.54
CA LYS A 120 32.09 -28.16 33.45
C LYS A 120 30.88 -28.79 32.77
N LEU A 121 30.67 -28.50 31.48
CA LEU A 121 29.62 -29.17 30.73
C LEU A 121 29.88 -30.68 30.67
N LYS A 122 31.12 -31.07 30.41
CA LYS A 122 31.48 -32.47 30.40
C LYS A 122 31.32 -33.11 31.78
N GLU A 123 31.60 -32.34 32.84
CA GLU A 123 31.53 -32.88 34.20
C GLU A 123 30.09 -33.14 34.62
N MET A 124 29.17 -32.23 34.30
CA MET A 124 27.79 -32.38 34.72
C MET A 124 26.98 -33.29 33.79
N PHE A 125 27.56 -33.73 32.67
CA PHE A 125 26.83 -34.56 31.72
C PHE A 125 26.26 -35.83 32.34
N PRO A 126 26.97 -36.58 33.19
CA PRO A 126 26.34 -37.77 33.80
C PRO A 126 25.11 -37.45 34.63
N ILE A 127 25.04 -36.26 35.24
CA ILE A 127 23.83 -35.87 35.96
C ILE A 127 22.66 -35.75 35.01
N ILE A 128 22.89 -35.16 33.83
CA ILE A 128 21.84 -35.02 32.84
C ILE A 128 21.44 -36.37 32.28
N ALA A 129 22.42 -37.27 32.13
CA ALA A 129 22.13 -38.60 31.61
C ALA A 129 21.24 -39.39 32.56
N GLN A 130 21.41 -39.19 33.88
CA GLN A 130 20.55 -39.87 34.85
C GLN A 130 19.09 -39.45 34.69
N TYR A 131 18.85 -38.13 34.52
CA TYR A 131 17.50 -37.68 34.22
C TYR A 131 17.01 -38.22 32.89
N GLY A 132 17.92 -38.44 31.94
CA GLY A 132 17.53 -39.04 30.68
C GLY A 132 16.98 -40.45 30.85
N ASP A 133 17.54 -41.20 31.80
CA ASP A 133 17.00 -42.52 32.12
C ASP A 133 15.60 -42.40 32.70
N VAL A 134 15.41 -41.44 33.61
CA VAL A 134 14.09 -41.19 34.18
C VAL A 134 13.11 -40.77 33.10
N LEU A 135 13.60 -40.00 32.12
CA LEU A 135 12.74 -39.54 31.03
C LEU A 135 12.23 -40.70 30.20
N VAL A 136 13.13 -41.59 29.76
CA VAL A 136 12.73 -42.73 28.94
C VAL A 136 11.74 -43.61 29.69
N ARG A 137 12.00 -43.85 30.98
CA ARG A 137 11.15 -44.75 31.76
C ARG A 137 9.77 -44.16 31.99
N ASN A 138 9.69 -42.88 32.35
CA ASN A 138 8.40 -42.24 32.50
C ASN A 138 7.66 -42.15 31.16
N LEU A 139 8.41 -42.00 30.07
CA LEU A 139 7.77 -41.93 28.75
C LEU A 139 7.24 -43.29 28.33
N ARG A 140 7.96 -44.36 28.65
CA ARG A 140 7.48 -45.70 28.35
C ARG A 140 6.20 -46.01 29.11
N ARG A 141 6.09 -45.50 30.34
CA ARG A 141 4.88 -45.68 31.12
C ARG A 141 3.68 -45.05 30.43
N GLU A 142 3.84 -43.82 29.93
CA GLU A 142 2.76 -43.18 29.19
C GLU A 142 2.56 -43.81 27.82
N ALA A 143 3.62 -44.35 27.22
CA ALA A 143 3.50 -44.93 25.89
C ALA A 143 2.74 -46.26 25.94
N GLU A 144 3.07 -47.12 26.90
CA GLU A 144 2.56 -48.49 26.91
C GLU A 144 1.07 -48.57 27.23
N LYS A 145 0.42 -47.47 27.60
CA LYS A 145 -1.02 -47.45 27.67
C LYS A 145 -1.66 -47.26 26.29
N GLY A 146 -0.84 -47.04 25.26
CA GLY A 146 -1.34 -46.79 23.92
C GLY A 146 -1.92 -45.42 23.70
N LYS A 147 -1.96 -44.57 24.73
CA LYS A 147 -2.61 -43.27 24.60
C LYS A 147 -1.61 -42.19 24.20
N PRO A 148 -2.09 -41.13 23.56
CA PRO A 148 -1.18 -40.05 23.15
C PRO A 148 -0.59 -39.32 24.35
N VAL A 149 0.57 -38.73 24.13
CA VAL A 149 1.38 -38.13 25.19
C VAL A 149 1.40 -36.62 24.99
N THR A 150 1.08 -35.88 26.05
CA THR A 150 1.25 -34.43 26.06
C THR A 150 2.71 -34.13 26.37
N LEU A 151 3.44 -33.62 25.38
CA LEU A 151 4.90 -33.56 25.48
C LEU A 151 5.36 -32.59 26.55
N LYS A 152 4.69 -31.44 26.69
CA LYS A 152 5.19 -30.41 27.60
C LYS A 152 5.12 -30.84 29.05
N ASP A 153 4.22 -31.77 29.40
CA ASP A 153 4.18 -32.31 30.75
C ASP A 153 5.51 -32.97 31.10
N ILE A 154 5.95 -33.94 30.29
CA ILE A 154 7.07 -34.77 30.67
C ILE A 154 8.40 -34.10 30.30
N PHE A 155 8.45 -33.38 29.18
CA PHE A 155 9.68 -32.68 28.82
C PHE A 155 9.87 -31.39 29.58
N GLY A 156 8.79 -30.78 30.07
CA GLY A 156 8.95 -29.69 31.02
C GLY A 156 9.54 -30.16 32.34
N ALA A 157 9.11 -31.35 32.80
CA ALA A 157 9.70 -31.91 34.02
C ALA A 157 11.17 -32.26 33.82
N TYR A 158 11.53 -32.79 32.66
CA TYR A 158 12.94 -33.05 32.36
C TYR A 158 13.73 -31.76 32.35
N SER A 159 13.21 -30.74 31.67
CA SER A 159 13.92 -29.46 31.57
C SER A 159 14.13 -28.82 32.93
N MET A 160 13.13 -28.92 33.82
CA MET A 160 13.29 -28.39 35.17
C MET A 160 14.25 -29.25 36.00
N ASP A 161 14.29 -30.55 35.75
CA ASP A 161 15.17 -31.42 36.52
C ASP A 161 16.64 -31.15 36.21
N VAL A 162 16.98 -30.99 34.93
CA VAL A 162 18.39 -30.82 34.57
C VAL A 162 18.91 -29.48 35.07
N ILE A 163 18.09 -28.43 34.98
CA ILE A 163 18.57 -27.11 35.43
C ILE A 163 18.68 -27.08 36.95
N THR A 164 17.84 -27.84 37.65
CA THR A 164 17.90 -27.88 39.11
C THR A 164 19.04 -28.76 39.60
N GLY A 165 19.18 -29.96 39.03
CA GLY A 165 20.20 -30.88 39.49
C GLY A 165 21.61 -30.40 39.18
N THR A 166 21.80 -29.74 38.03
CA THR A 166 23.14 -29.32 37.63
C THR A 166 23.56 -28.03 38.31
N SER A 167 22.62 -27.10 38.53
CA SER A 167 23.00 -25.79 39.03
C SER A 167 23.08 -25.77 40.55
N PHE A 168 22.20 -26.51 41.22
CA PHE A 168 22.09 -26.44 42.68
C PHE A 168 22.45 -27.75 43.38
N GLY A 169 22.76 -28.80 42.63
CA GLY A 169 23.16 -30.06 43.24
C GLY A 169 22.06 -30.74 44.04
N VAL A 170 20.80 -30.48 43.70
CA VAL A 170 19.66 -31.06 44.40
C VAL A 170 18.75 -31.73 43.38
N ASN A 171 18.28 -32.94 43.69
CA ASN A 171 17.32 -33.65 42.85
C ASN A 171 15.93 -33.41 43.42
N ILE A 172 15.23 -32.42 42.87
CA ILE A 172 13.84 -32.18 43.25
C ILE A 172 12.87 -33.15 42.58
N ASP A 173 13.34 -33.88 41.57
CA ASP A 173 12.58 -34.94 40.91
C ASP A 173 11.24 -34.43 40.37
N SER A 174 11.35 -33.45 39.46
CA SER A 174 10.15 -32.95 38.78
C SER A 174 9.53 -34.03 37.92
N LEU A 175 10.33 -35.01 37.46
CA LEU A 175 9.83 -36.01 36.53
C LEU A 175 8.88 -37.00 37.19
N ASN A 176 9.04 -37.25 38.49
CA ASN A 176 8.24 -38.25 39.18
C ASN A 176 7.27 -37.65 40.19
N ASN A 177 7.25 -36.33 40.35
CA ASN A 177 6.36 -35.66 41.29
C ASN A 177 5.47 -34.68 40.54
N PRO A 178 4.39 -35.17 39.94
CA PRO A 178 3.35 -34.25 39.45
C PRO A 178 2.85 -33.41 40.62
N GLN A 179 2.53 -32.15 40.33
CA GLN A 179 2.53 -31.07 41.33
C GLN A 179 3.99 -30.79 41.68
N ASP A 180 4.68 -30.04 40.80
CA ASP A 180 6.03 -29.57 41.05
C ASP A 180 5.95 -28.07 41.31
N PRO A 181 6.31 -27.60 42.51
CA PRO A 181 6.16 -26.17 42.79
C PRO A 181 7.08 -25.29 41.98
N PHE A 182 8.22 -25.82 41.52
CA PHE A 182 9.13 -25.05 40.67
C PHE A 182 8.50 -24.77 39.30
N VAL A 183 7.87 -25.78 38.71
CA VAL A 183 7.29 -25.61 37.38
C VAL A 183 6.14 -24.62 37.42
N GLU A 184 5.26 -24.74 38.42
CA GLU A 184 4.10 -23.85 38.48
C GLU A 184 4.48 -22.43 38.86
N SER A 185 5.63 -22.23 39.53
CA SER A 185 6.04 -20.88 39.91
C SER A 185 6.38 -20.04 38.68
N THR A 186 6.86 -20.66 37.60
CA THR A 186 7.20 -19.93 36.39
C THR A 186 5.98 -19.53 35.55
N LYS A 187 4.81 -20.09 35.84
CA LYS A 187 3.65 -19.87 34.98
C LYS A 187 3.07 -18.47 35.11
N LYS A 188 3.14 -17.87 36.30
CA LYS A 188 2.47 -16.61 36.56
C LYS A 188 3.15 -15.42 35.88
N PHE A 189 4.39 -15.56 35.43
CA PHE A 189 5.18 -14.42 34.98
C PHE A 189 4.69 -13.97 33.61
N LEU A 190 4.06 -12.79 33.57
CA LEU A 190 3.65 -12.11 32.34
C LEU A 190 2.88 -13.03 31.41
N LYS A 191 1.79 -13.60 31.94
CA LYS A 191 0.93 -14.47 31.16
C LYS A 191 0.44 -13.78 29.88
N PHE A 192 -0.07 -12.56 30.02
CA PHE A 192 -0.63 -11.83 28.89
C PHE A 192 0.43 -11.07 28.09
N GLY A 193 1.69 -11.17 28.47
CA GLY A 193 2.76 -10.60 27.66
C GLY A 193 2.66 -9.09 27.60
N PHE A 194 2.62 -8.56 26.37
CA PHE A 194 2.50 -7.12 26.19
C PHE A 194 1.09 -6.61 26.44
N LEU A 195 0.11 -7.50 26.60
CA LEU A 195 -1.23 -7.13 27.05
C LEU A 195 -1.36 -7.19 28.57
N ASP A 196 -0.28 -7.44 29.30
CA ASP A 196 -0.35 -7.45 30.75
C ASP A 196 -0.60 -6.03 31.26
N PRO A 197 -1.63 -5.82 32.09
CA PRO A 197 -1.97 -4.44 32.49
C PRO A 197 -0.84 -3.70 33.17
N LEU A 198 -0.13 -4.35 34.09
CA LEU A 198 0.97 -3.67 34.77
C LEU A 198 2.10 -3.36 33.80
N PHE A 199 2.49 -4.33 32.98
CA PHE A 199 3.55 -4.11 32.00
C PHE A 199 3.14 -3.06 30.97
N LEU A 200 1.87 -3.06 30.59
CA LEU A 200 1.40 -2.08 29.61
C LEU A 200 1.37 -0.68 30.20
N SER A 201 1.02 -0.55 31.49
CA SER A 201 1.04 0.74 32.14
C SER A 201 2.45 1.32 32.17
N ILE A 202 3.46 0.46 32.36
CA ILE A 202 4.84 0.92 32.35
C ILE A 202 5.24 1.36 30.95
N ILE A 203 4.79 0.64 29.92
CA ILE A 203 5.08 1.03 28.54
C ILE A 203 4.45 2.37 28.22
N LEU A 204 3.21 2.59 28.67
CA LEU A 204 2.54 3.86 28.39
C LEU A 204 3.07 4.98 29.27
N PHE A 205 3.44 4.67 30.51
CA PHE A 205 3.86 5.68 31.49
C PHE A 205 5.15 5.21 32.16
N PRO A 206 6.29 5.41 31.49
CA PRO A 206 7.56 4.93 32.07
C PRO A 206 7.91 5.58 33.39
N PHE A 207 7.42 6.79 33.66
CA PHE A 207 7.71 7.46 34.92
C PHE A 207 7.00 6.83 36.11
N LEU A 208 6.14 5.83 35.89
CA LEU A 208 5.51 5.10 36.99
C LEU A 208 6.46 4.09 37.62
N THR A 209 7.56 3.75 36.96
CA THR A 209 8.48 2.75 37.49
C THR A 209 9.02 3.11 38.87
N PRO A 210 9.51 4.34 39.13
CA PRO A 210 9.93 4.66 40.51
C PRO A 210 8.79 4.63 41.50
N VAL A 211 7.56 4.92 41.07
CA VAL A 211 6.42 4.81 41.97
C VAL A 211 6.20 3.35 42.38
N PHE A 212 6.21 2.45 41.39
CA PHE A 212 5.95 1.04 41.67
C PHE A 212 7.10 0.41 42.46
N GLU A 213 8.34 0.87 42.24
CA GLU A 213 9.45 0.37 43.04
C GLU A 213 9.29 0.72 44.50
N ALA A 214 8.84 1.95 44.78
CA ALA A 214 8.60 2.37 46.16
C ALA A 214 7.45 1.59 46.80
N LEU A 215 6.54 1.05 45.98
CA LEU A 215 5.45 0.22 46.48
C LEU A 215 5.79 -1.27 46.46
N ASN A 216 7.01 -1.65 46.09
CA ASN A 216 7.41 -3.05 45.95
C ASN A 216 6.49 -3.81 45.01
N VAL A 217 6.02 -3.13 43.97
CA VAL A 217 5.29 -3.77 42.88
C VAL A 217 6.32 -4.21 41.84
N SER A 218 6.18 -5.43 41.33
CA SER A 218 7.18 -5.99 40.43
C SER A 218 6.50 -6.70 39.27
N LEU A 219 7.21 -6.73 38.13
CA LEU A 219 6.74 -7.54 37.01
C LEU A 219 6.81 -9.03 37.35
N PHE A 220 7.69 -9.41 38.26
CA PHE A 220 7.75 -10.79 38.73
C PHE A 220 6.70 -11.02 39.82
N PRO A 221 6.02 -12.17 39.80
CA PRO A 221 5.00 -12.45 40.83
C PRO A 221 5.66 -12.57 42.20
N LYS A 222 5.08 -11.87 43.18
CA LYS A 222 5.61 -11.94 44.54
C LYS A 222 5.64 -13.39 45.03
N ASP A 223 4.63 -14.18 44.66
CA ASP A 223 4.58 -15.58 45.07
C ASP A 223 5.75 -16.37 44.50
N THR A 224 6.02 -16.20 43.20
CA THR A 224 7.12 -16.91 42.57
C THR A 224 8.46 -16.50 43.17
N ILE A 225 8.66 -15.19 43.34
CA ILE A 225 9.91 -14.68 43.90
C ILE A 225 10.13 -15.26 45.30
N ASN A 226 9.09 -15.28 46.12
CA ASN A 226 9.25 -15.69 47.51
C ASN A 226 9.52 -17.18 47.63
N PHE A 227 8.87 -17.99 46.79
CA PHE A 227 9.09 -19.44 46.86
C PHE A 227 10.50 -19.80 46.39
N LEU A 228 10.94 -19.22 45.28
CA LEU A 228 12.25 -19.56 44.74
C LEU A 228 13.38 -19.06 45.63
N SER A 229 13.20 -17.88 46.25
CA SER A 229 14.22 -17.36 47.15
C SER A 229 14.39 -18.25 48.37
N LYS A 230 13.27 -18.67 48.98
CA LYS A 230 13.35 -19.60 50.11
C LYS A 230 13.94 -20.94 49.67
N SER A 231 13.58 -21.40 48.48
CA SER A 231 14.14 -22.65 47.97
C SER A 231 15.64 -22.54 47.76
N VAL A 232 16.09 -21.44 47.13
CA VAL A 232 17.52 -21.24 46.92
C VAL A 232 18.24 -21.17 48.26
N ASN A 233 17.67 -20.42 49.22
CA ASN A 233 18.30 -20.27 50.52
C ASN A 233 18.31 -21.60 51.28
N ARG A 234 17.32 -22.46 51.06
CA ARG A 234 17.31 -23.78 51.68
C ARG A 234 18.41 -24.66 51.10
N MET A 235 18.49 -24.74 49.76
CA MET A 235 19.57 -25.49 49.13
C MET A 235 20.93 -24.91 49.50
N LYS A 236 21.01 -23.60 49.68
CA LYS A 236 22.26 -22.96 50.07
C LYS A 236 22.70 -23.41 51.45
N LYS A 237 21.81 -23.34 52.44
CA LYS A 237 22.15 -23.78 53.79
C LYS A 237 22.48 -25.27 53.81
N SER A 238 21.79 -26.06 52.98
CA SER A 238 22.10 -27.48 52.89
C SER A 238 23.51 -27.71 52.36
N ARG A 239 23.93 -26.90 51.37
CA ARG A 239 25.27 -27.02 50.81
C ARG A 239 26.33 -26.65 51.84
N LEU A 240 26.05 -25.67 52.70
CA LEU A 240 27.01 -25.27 53.73
C LEU A 240 27.12 -26.31 54.84
N ASN A 241 26.13 -27.18 54.99
CA ASN A 241 26.14 -28.20 56.03
C ASN A 241 26.49 -29.59 55.52
N ASP A 242 26.40 -29.82 54.21
CA ASP A 242 26.78 -31.11 53.65
C ASP A 242 28.27 -31.36 53.87
N LYS A 243 28.62 -32.08 54.94
CA LYS A 243 30.00 -32.42 55.21
C LYS A 243 30.44 -33.55 54.29
N GLN A 244 30.12 -33.44 53.00
CA GLN A 244 30.47 -34.43 52.00
C GLN A 244 30.88 -33.70 50.72
N LYS A 245 31.34 -34.49 49.74
CA LYS A 245 31.78 -33.93 48.48
C LYS A 245 30.59 -33.49 47.63
N HIS A 246 30.87 -32.60 46.68
CA HIS A 246 29.85 -32.02 45.80
C HIS A 246 30.58 -31.28 44.68
N ARG A 247 29.86 -31.07 43.59
CA ARG A 247 30.42 -30.38 42.45
C ARG A 247 30.75 -28.93 42.80
N LEU A 248 31.72 -28.37 42.07
CA LEU A 248 31.84 -26.92 41.96
C LEU A 248 30.85 -26.52 40.87
N ASP A 249 29.60 -26.33 41.28
CA ASP A 249 28.52 -26.06 40.35
C ASP A 249 28.15 -24.57 40.38
N PHE A 250 27.03 -24.25 39.75
CA PHE A 250 26.54 -22.87 39.73
C PHE A 250 26.34 -22.32 41.14
N LEU A 251 25.73 -23.11 42.03
CA LEU A 251 25.47 -22.65 43.38
C LEU A 251 26.76 -22.43 44.15
N GLN A 252 27.71 -23.37 44.05
CA GLN A 252 28.98 -23.23 44.77
C GLN A 252 29.77 -22.04 44.26
N LEU A 253 29.73 -21.78 42.95
CA LEU A 253 30.46 -20.67 42.36
C LEU A 253 30.04 -19.34 42.98
N MET A 254 28.72 -19.16 43.20
CA MET A 254 28.23 -17.95 43.83
C MET A 254 28.48 -17.93 45.34
N ILE A 255 28.43 -19.09 45.99
CA ILE A 255 28.76 -19.15 47.41
C ILE A 255 30.23 -18.76 47.63
N ASP A 256 31.11 -19.17 46.72
CA ASP A 256 32.52 -18.78 46.82
C ASP A 256 32.67 -17.28 46.71
N SER A 257 31.86 -16.63 45.88
CA SER A 257 31.95 -15.18 45.75
C SER A 257 31.51 -14.48 47.03
N GLN A 258 30.65 -15.12 47.83
CA GLN A 258 30.19 -14.50 49.07
C GLN A 258 31.27 -14.51 50.14
N ASN A 259 32.00 -15.61 50.26
CA ASN A 259 32.94 -15.79 51.36
C ASN A 259 34.20 -14.94 51.21
N SER A 260 34.46 -14.39 50.03
CA SER A 260 35.68 -13.61 49.80
C SER A 260 35.67 -12.32 50.62
N LEU A 269 28.97 -10.81 46.23
CA LEU A 269 27.61 -11.17 45.85
C LEU A 269 26.74 -11.31 47.10
N SER A 270 25.67 -10.53 47.17
CA SER A 270 24.81 -10.55 48.34
C SER A 270 23.79 -11.68 48.24
N ASP A 271 23.06 -11.89 49.34
CA ASP A 271 22.03 -12.93 49.37
C ASP A 271 20.96 -12.68 48.31
N LEU A 272 20.58 -11.41 48.11
CA LEU A 272 19.56 -11.10 47.12
C LEU A 272 20.10 -11.27 45.70
N GLU A 273 21.33 -10.83 45.47
CA GLU A 273 21.94 -11.01 44.15
C GLU A 273 22.04 -12.49 43.78
N LEU A 274 22.42 -13.32 44.75
CA LEU A 274 22.51 -14.76 44.51
C LEU A 274 21.15 -15.34 44.13
N ALA A 275 20.09 -14.92 44.83
CA ALA A 275 18.76 -15.39 44.49
C ALA A 275 18.35 -14.93 43.10
N ALA A 276 18.76 -13.71 42.70
CA ALA A 276 18.37 -13.19 41.41
C ALA A 276 18.95 -14.01 40.27
N GLN A 277 20.23 -14.39 40.36
CA GLN A 277 20.83 -15.22 39.32
C GLN A 277 20.13 -16.57 39.23
N SER A 278 19.84 -17.18 40.38
CA SER A 278 19.20 -18.49 40.38
C SER A 278 17.82 -18.43 39.75
N ILE A 279 17.06 -17.38 40.07
CA ILE A 279 15.71 -17.24 39.52
C ILE A 279 15.76 -17.09 38.00
N ILE A 280 16.74 -16.33 37.50
CA ILE A 280 16.84 -16.12 36.06
C ILE A 280 17.21 -17.41 35.34
N PHE A 281 18.14 -18.19 35.92
CA PHE A 281 18.53 -19.45 35.30
C PHE A 281 17.35 -20.42 35.22
N ILE A 282 16.49 -20.42 36.24
CA ILE A 282 15.33 -21.31 36.21
C ILE A 282 14.34 -20.86 35.15
N PHE A 283 14.09 -19.55 35.05
CA PHE A 283 13.17 -19.05 34.03
C PHE A 283 13.73 -19.25 32.63
N ALA A 284 14.96 -18.84 32.40
CA ALA A 284 15.53 -18.90 31.04
C ALA A 284 15.71 -20.34 30.57
N GLY A 285 15.99 -21.27 31.48
CA GLY A 285 16.27 -22.64 31.08
C GLY A 285 15.07 -23.55 30.95
N TYR A 286 13.96 -23.21 31.61
CA TYR A 286 12.82 -24.11 31.66
C TYR A 286 12.01 -24.10 30.37
N GLU A 287 11.26 -23.02 30.13
CA GLU A 287 10.31 -23.01 29.00
C GLU A 287 11.02 -23.09 27.66
N THR A 288 12.20 -22.49 27.54
CA THR A 288 12.98 -22.59 26.30
C THR A 288 13.26 -24.04 25.95
N THR A 289 13.94 -24.76 26.85
CA THR A 289 14.32 -26.14 26.58
C THR A 289 13.10 -27.02 26.34
N SER A 290 12.03 -26.82 27.11
CA SER A 290 10.82 -27.60 26.95
C SER A 290 10.19 -27.35 25.58
N SER A 291 10.03 -26.07 25.21
CA SER A 291 9.39 -25.73 23.95
C SER A 291 10.15 -26.30 22.76
N VAL A 292 11.47 -26.12 22.75
CA VAL A 292 12.26 -26.56 21.61
C VAL A 292 12.23 -28.08 21.48
N LEU A 293 12.30 -28.79 22.62
CA LEU A 293 12.17 -30.25 22.59
C LEU A 293 10.82 -30.66 22.03
N SER A 294 9.75 -29.98 22.45
CA SER A 294 8.42 -30.30 21.94
C SER A 294 8.28 -29.95 20.45
N PHE A 295 8.86 -28.81 20.03
CA PHE A 295 8.84 -28.46 18.62
C PHE A 295 9.62 -29.47 17.78
N THR A 296 10.78 -29.92 18.28
CA THR A 296 11.59 -30.89 17.55
C THR A 296 10.83 -32.19 17.33
N LEU A 297 10.21 -32.72 18.38
CA LEU A 297 9.48 -33.98 18.24
C LEU A 297 8.25 -33.82 17.36
N TYR A 298 7.59 -32.65 17.40
CA TYR A 298 6.50 -32.40 16.47
C TYR A 298 6.99 -32.49 15.03
N GLU A 299 8.14 -31.87 14.74
CA GLU A 299 8.66 -31.87 13.38
C GLU A 299 9.12 -33.27 12.98
N LEU A 300 9.68 -34.02 13.93
CA LEU A 300 10.09 -35.39 13.61
C LEU A 300 8.90 -36.31 13.39
N ALA A 301 7.80 -36.07 14.13
CA ALA A 301 6.61 -36.89 13.95
C ALA A 301 5.94 -36.61 12.60
N THR A 302 5.97 -35.35 12.17
CA THR A 302 5.37 -34.98 10.88
C THR A 302 6.35 -35.11 9.72
N HIS A 303 7.62 -35.43 9.99
CA HIS A 303 8.61 -35.74 8.96
C HIS A 303 9.26 -37.07 9.31
N PRO A 304 8.54 -38.19 9.14
CA PRO A 304 9.09 -39.48 9.55
C PRO A 304 10.34 -39.90 8.80
N ASP A 305 10.59 -39.34 7.61
CA ASP A 305 11.84 -39.62 6.93
C ASP A 305 13.03 -39.03 7.70
N VAL A 306 12.86 -37.82 8.23
CA VAL A 306 13.91 -37.22 9.03
C VAL A 306 14.07 -37.98 10.34
N GLN A 307 12.96 -38.41 10.94
CA GLN A 307 13.03 -39.15 12.20
C GLN A 307 13.75 -40.48 12.01
N GLN A 308 13.43 -41.20 10.93
CA GLN A 308 14.10 -42.47 10.66
C GLN A 308 15.59 -42.25 10.40
N LYS A 309 15.93 -41.26 9.57
CA LYS A 309 17.34 -41.00 9.28
C LYS A 309 18.11 -40.62 10.55
N LEU A 310 17.49 -39.84 11.43
CA LEU A 310 18.15 -39.47 12.69
C LEU A 310 18.33 -40.70 13.57
N GLN A 311 17.32 -41.56 13.65
CA GLN A 311 17.46 -42.79 14.44
C GLN A 311 18.56 -43.68 13.88
N LYS A 312 18.77 -43.65 12.56
CA LYS A 312 19.85 -44.44 11.97
C LYS A 312 21.21 -43.94 12.38
N GLU A 313 21.38 -42.61 12.47
CA GLU A 313 22.65 -42.06 12.94
C GLU A 313 22.88 -42.39 14.41
N ILE A 314 21.82 -42.40 15.21
CA ILE A 314 21.96 -42.72 16.62
C ILE A 314 22.40 -44.17 16.81
N ASP A 315 21.78 -45.09 16.06
CA ASP A 315 22.13 -46.50 16.17
C ASP A 315 23.52 -46.77 15.62
N ALA A 316 23.95 -46.00 14.62
CA ALA A 316 25.29 -46.20 14.07
C ALA A 316 26.35 -45.74 15.06
N VAL A 317 26.13 -44.59 15.71
CA VAL A 317 27.11 -44.07 16.65
C VAL A 317 27.02 -44.76 18.01
N LEU A 318 25.81 -45.18 18.43
CA LEU A 318 25.60 -45.81 19.71
C LEU A 318 24.88 -47.14 19.50
N PRO A 319 25.59 -48.17 19.06
CA PRO A 319 24.93 -49.44 18.73
C PRO A 319 24.36 -50.13 19.96
N ASN A 320 23.27 -50.86 19.75
CA ASN A 320 22.62 -51.65 20.80
C ASN A 320 22.17 -50.77 21.96
N LYS A 321 21.61 -49.61 21.64
CA LYS A 321 21.15 -48.66 22.65
C LYS A 321 22.25 -48.30 23.64
N ALA A 322 23.47 -48.13 23.12
CA ALA A 322 24.59 -47.81 24.00
C ALA A 322 24.36 -46.44 24.65
N PRO A 323 24.68 -46.29 25.92
CA PRO A 323 24.50 -44.99 26.58
C PRO A 323 25.35 -43.92 25.92
N PRO A 324 24.79 -42.75 25.69
CA PRO A 324 25.57 -41.69 25.04
C PRO A 324 26.60 -41.08 25.97
N THR A 325 27.70 -40.64 25.38
CA THR A 325 28.72 -39.88 26.08
C THR A 325 28.63 -38.42 25.64
N TYR A 326 29.31 -37.55 26.41
CA TYR A 326 29.33 -36.13 26.07
C TYR A 326 29.84 -35.92 24.64
N ASP A 327 30.96 -36.57 24.29
CA ASP A 327 31.51 -36.42 22.95
C ASP A 327 30.55 -36.93 21.89
N ALA A 328 29.92 -38.07 22.15
CA ALA A 328 28.95 -38.61 21.19
C ALA A 328 27.81 -37.62 20.97
N VAL A 329 27.28 -37.05 22.06
CA VAL A 329 26.14 -36.14 21.95
C VAL A 329 26.50 -34.93 21.09
N VAL A 330 27.63 -34.30 21.37
CA VAL A 330 27.95 -33.03 20.73
C VAL A 330 28.45 -33.18 19.30
N GLN A 331 28.81 -34.38 18.88
CA GLN A 331 29.42 -34.59 17.57
C GLN A 331 28.53 -35.31 16.57
N MET A 332 27.29 -35.64 16.93
CA MET A 332 26.38 -36.25 15.98
C MET A 332 25.89 -35.18 15.02
N GLU A 333 26.32 -35.27 13.76
CA GLU A 333 26.09 -34.18 12.81
C GLU A 333 24.62 -34.00 12.50
N TYR A 334 23.93 -35.09 12.16
CA TYR A 334 22.54 -34.96 11.77
C TYR A 334 21.66 -34.52 12.93
N LEU A 335 22.01 -34.94 14.15
CA LEU A 335 21.28 -34.45 15.32
C LEU A 335 21.45 -32.95 15.48
N ASP A 336 22.66 -32.44 15.24
CA ASP A 336 22.89 -31.01 15.32
C ASP A 336 22.07 -30.25 14.28
N MET A 337 21.97 -30.80 13.06
CA MET A 337 21.19 -30.13 12.02
C MET A 337 19.70 -30.13 12.34
N VAL A 338 19.21 -31.22 12.94
CA VAL A 338 17.80 -31.30 13.31
C VAL A 338 17.46 -30.25 14.36
N VAL A 339 18.33 -30.11 15.38
CA VAL A 339 18.09 -29.11 16.42
C VAL A 339 18.21 -27.70 15.83
N ASN A 340 19.22 -27.46 15.01
CA ASN A 340 19.37 -26.13 14.41
C ASN A 340 18.17 -25.79 13.54
N GLU A 341 17.69 -26.75 12.73
CA GLU A 341 16.54 -26.45 11.87
C GLU A 341 15.27 -26.23 12.69
N THR A 342 15.13 -26.92 13.82
CA THR A 342 14.00 -26.65 14.71
C THR A 342 14.08 -25.23 15.26
N LEU A 343 15.28 -24.82 15.70
CA LEU A 343 15.45 -23.46 16.21
C LEU A 343 15.30 -22.41 15.13
N ARG A 344 15.54 -22.76 13.86
CA ARG A 344 15.25 -21.82 12.78
C ARG A 344 13.75 -21.58 12.67
N LEU A 345 12.98 -22.66 12.58
CA LEU A 345 11.53 -22.51 12.49
C LEU A 345 10.96 -21.86 13.74
N PHE A 346 11.49 -22.20 14.92
CA PHE A 346 10.91 -21.78 16.20
C PHE A 346 11.97 -21.14 17.09
N PRO A 347 12.39 -19.91 16.77
CA PRO A 347 13.23 -19.15 17.71
C PRO A 347 12.38 -18.57 18.82
N VAL A 348 12.29 -19.28 19.96
CA VAL A 348 11.24 -19.02 20.95
C VAL A 348 11.30 -17.62 21.55
N ALA A 349 12.46 -16.95 21.50
CA ALA A 349 12.52 -15.58 21.97
C ALA A 349 12.02 -14.58 20.94
N ILE A 350 11.82 -15.01 19.69
CA ILE A 350 11.15 -14.26 18.64
C ILE A 350 12.03 -13.15 18.08
N ARG A 351 12.71 -12.39 18.95
CA ARG A 351 13.58 -11.34 18.43
C ARG A 351 14.61 -10.96 19.48
N LEU A 352 15.59 -10.17 19.03
CA LEU A 352 16.62 -9.60 19.87
C LEU A 352 16.40 -8.09 20.00
N GLU A 353 16.74 -7.54 21.16
CA GLU A 353 16.51 -6.13 21.43
C GLU A 353 17.74 -5.50 22.06
N ARG A 354 18.04 -4.27 21.65
CA ARG A 354 19.13 -3.49 22.23
C ARG A 354 18.66 -2.05 22.42
N THR A 355 19.18 -1.40 23.45
CA THR A 355 18.90 0.00 23.73
C THR A 355 20.09 0.86 23.36
N CYS A 356 19.83 2.01 22.75
CA CYS A 356 20.88 2.99 22.46
C CYS A 356 21.19 3.75 23.73
N LYS A 357 22.37 3.52 24.31
CA LYS A 357 22.77 4.28 25.48
C LYS A 357 23.18 5.71 25.16
N LYS A 358 23.31 6.03 23.87
CA LYS A 358 23.59 7.40 23.44
C LYS A 358 23.15 7.52 21.98
N ASP A 359 23.14 8.76 21.49
CA ASP A 359 22.83 9.00 20.09
C ASP A 359 23.81 8.23 19.21
N VAL A 360 23.30 7.72 18.08
CA VAL A 360 24.11 6.87 17.21
C VAL A 360 23.51 6.93 15.81
N GLU A 361 24.37 6.81 14.81
CA GLU A 361 23.96 6.75 13.40
C GLU A 361 23.97 5.29 12.96
N ILE A 362 22.79 4.75 12.67
CA ILE A 362 22.63 3.35 12.29
C ILE A 362 22.19 3.33 10.82
N ASN A 363 23.11 2.93 9.94
CA ASN A 363 22.84 2.81 8.51
C ASN A 363 22.33 4.15 7.95
N GLY A 364 23.10 5.21 8.20
CA GLY A 364 22.75 6.53 7.74
C GLY A 364 21.54 7.15 8.43
N VAL A 365 21.07 6.56 9.53
CA VAL A 365 19.89 7.03 10.24
C VAL A 365 20.31 7.40 11.65
N PHE A 366 20.03 8.64 12.05
CA PHE A 366 20.43 9.16 13.36
C PHE A 366 19.34 8.83 14.36
N ILE A 367 19.64 7.94 15.29
CA ILE A 367 18.67 7.40 16.26
C ILE A 367 18.99 8.00 17.63
N PRO A 368 18.01 8.57 18.33
CA PRO A 368 18.30 9.26 19.58
C PRO A 368 18.58 8.29 20.73
N LYS A 369 19.20 8.85 21.78
CA LYS A 369 19.50 8.08 22.98
C LYS A 369 18.22 7.55 23.61
N GLY A 370 18.27 6.29 24.06
CA GLY A 370 17.16 5.65 24.70
C GLY A 370 16.29 4.81 23.79
N SER A 371 16.43 4.98 22.47
CA SER A 371 15.61 4.22 21.54
C SER A 371 16.04 2.75 21.53
N MET A 372 15.14 1.91 21.04
CA MET A 372 15.34 0.48 20.99
C MET A 372 15.59 0.03 19.55
N VAL A 373 16.55 -0.87 19.38
CA VAL A 373 16.83 -1.49 18.08
C VAL A 373 16.40 -2.96 18.18
N VAL A 374 15.69 -3.43 17.16
CA VAL A 374 15.13 -4.79 17.16
C VAL A 374 15.76 -5.57 16.00
N ILE A 375 16.19 -6.79 16.28
CA ILE A 375 16.59 -7.73 15.24
C ILE A 375 15.47 -8.76 15.15
N PRO A 376 14.63 -8.72 14.12
CA PRO A 376 13.48 -9.61 14.06
C PRO A 376 13.87 -11.04 13.71
N THR A 377 14.32 -11.80 14.71
CA THR A 377 14.85 -13.14 14.45
C THR A 377 13.84 -14.02 13.74
N TYR A 378 12.58 -13.96 14.15
CA TYR A 378 11.56 -14.82 13.54
C TYR A 378 11.39 -14.49 12.07
N ALA A 379 11.25 -13.20 11.75
CA ALA A 379 11.06 -12.79 10.36
C ALA A 379 12.25 -13.19 9.49
N LEU A 380 13.47 -13.02 10.01
CA LEU A 380 14.66 -13.38 9.23
C LEU A 380 14.80 -14.88 9.08
N HIS A 381 14.37 -15.64 10.09
CA HIS A 381 14.42 -17.11 10.00
C HIS A 381 13.45 -17.66 8.96
N HIS A 382 12.38 -16.91 8.66
CA HIS A 382 11.38 -17.34 7.70
C HIS A 382 11.45 -16.54 6.39
N ASP A 383 12.56 -15.85 6.15
CA ASP A 383 12.70 -15.00 4.97
C ASP A 383 13.07 -15.86 3.76
N PRO A 384 12.25 -15.90 2.71
CA PRO A 384 12.63 -16.66 1.52
C PRO A 384 13.86 -16.10 0.81
N LYS A 385 14.25 -14.87 1.10
CA LYS A 385 15.49 -14.31 0.53
C LYS A 385 16.70 -15.11 0.99
N TYR A 386 16.68 -15.66 2.20
CA TYR A 386 17.81 -16.38 2.75
C TYR A 386 17.62 -17.89 2.83
N TRP A 387 16.38 -18.38 2.83
CA TRP A 387 16.12 -19.80 2.97
C TRP A 387 15.12 -20.24 1.92
N THR A 388 15.47 -21.26 1.14
CA THR A 388 14.57 -21.79 0.13
C THR A 388 13.42 -22.54 0.80
N GLU A 389 12.19 -22.20 0.43
CA GLU A 389 10.98 -22.73 1.04
C GLU A 389 11.10 -22.64 2.56
N PRO A 390 11.04 -21.43 3.12
CA PRO A 390 11.39 -21.25 4.54
C PRO A 390 10.47 -21.99 5.50
N GLU A 391 9.24 -22.30 5.12
CA GLU A 391 8.35 -23.00 6.03
C GLU A 391 8.63 -24.50 6.11
N GLU A 392 9.46 -25.04 5.21
CA GLU A 392 9.72 -26.46 5.20
C GLU A 392 10.82 -26.84 6.19
N PHE A 393 10.65 -27.99 6.83
CA PHE A 393 11.60 -28.50 7.81
C PHE A 393 12.65 -29.33 7.08
N ARG A 394 13.81 -28.73 6.83
CA ARG A 394 14.89 -29.36 6.07
C ARG A 394 16.21 -29.24 6.84
N PRO A 395 16.56 -30.26 7.64
CA PRO A 395 17.83 -30.18 8.39
C PRO A 395 19.05 -30.06 7.49
N GLU A 396 18.95 -30.47 6.23
CA GLU A 396 20.06 -30.39 5.31
C GLU A 396 20.47 -28.96 4.98
N ARG A 397 19.67 -27.96 5.39
CA ARG A 397 20.10 -26.56 5.27
C ARG A 397 21.40 -26.34 6.02
N PHE A 398 21.54 -26.95 7.20
CA PHE A 398 22.71 -26.77 8.04
C PHE A 398 23.80 -27.81 7.78
N SER A 399 23.81 -28.39 6.59
CA SER A 399 24.84 -29.36 6.23
C SER A 399 26.21 -28.69 6.26
N LYS A 400 27.17 -29.38 6.90
CA LYS A 400 28.55 -28.89 6.89
C LYS A 400 29.08 -28.75 5.47
N LYS A 401 28.56 -29.53 4.53
CA LYS A 401 28.98 -29.44 3.14
C LYS A 401 28.48 -28.16 2.47
N LYS A 402 27.44 -27.52 3.01
CA LYS A 402 26.91 -26.31 2.41
C LYS A 402 27.70 -25.09 2.89
N ASP A 403 27.35 -23.93 2.30
CA ASP A 403 27.97 -22.68 2.71
C ASP A 403 27.66 -22.39 4.18
N SER A 404 28.53 -21.60 4.80
CA SER A 404 28.34 -21.29 6.21
C SER A 404 27.11 -20.41 6.42
N ILE A 405 26.36 -20.70 7.49
CA ILE A 405 25.17 -19.93 7.80
C ILE A 405 25.58 -18.57 8.36
N ASP A 406 24.93 -17.52 7.88
CA ASP A 406 25.20 -16.17 8.36
C ASP A 406 24.80 -16.05 9.82
N PRO A 407 25.72 -15.75 10.74
CA PRO A 407 25.37 -15.70 12.16
C PRO A 407 24.57 -14.48 12.57
N TYR A 408 24.27 -13.58 11.64
CA TYR A 408 23.42 -12.42 11.92
C TYR A 408 22.03 -12.55 11.32
N ILE A 409 21.82 -13.50 10.41
CA ILE A 409 20.49 -13.88 9.97
C ILE A 409 19.88 -14.93 10.88
N TYR A 410 20.67 -15.92 11.26
CA TYR A 410 20.25 -17.01 12.14
C TYR A 410 20.71 -16.67 13.55
N THR A 411 19.77 -16.21 14.39
CA THR A 411 20.13 -15.74 15.73
C THR A 411 19.17 -16.28 16.78
N PRO A 412 19.05 -17.61 16.92
CA PRO A 412 18.16 -18.14 17.96
C PRO A 412 18.72 -17.93 19.36
N PHE A 413 20.03 -17.81 19.51
CA PHE A 413 20.65 -17.52 20.79
C PHE A 413 21.29 -16.13 20.81
N GLY A 414 21.01 -15.30 19.81
CA GLY A 414 21.65 -14.01 19.71
C GLY A 414 23.09 -14.12 19.26
N THR A 415 23.75 -12.97 19.21
CA THR A 415 25.14 -12.86 18.78
C THR A 415 25.83 -11.76 19.58
N GLY A 416 27.12 -11.94 19.82
CA GLY A 416 27.91 -10.92 20.46
C GLY A 416 28.06 -11.10 21.95
N PRO A 417 28.64 -10.11 22.63
CA PRO A 417 28.88 -10.24 24.07
C PRO A 417 27.62 -10.41 24.89
N ARG A 418 26.45 -10.10 24.34
CA ARG A 418 25.20 -10.22 25.06
C ARG A 418 24.40 -11.45 24.64
N ASN A 419 25.05 -12.43 24.03
CA ASN A 419 24.37 -13.61 23.54
C ASN A 419 24.03 -14.56 24.70
N CYS A 420 23.40 -15.68 24.36
CA CYS A 420 22.95 -16.63 25.38
C CYS A 420 24.13 -17.29 26.08
N ILE A 421 24.21 -17.11 27.40
CA ILE A 421 25.30 -17.69 28.17
C ILE A 421 25.13 -19.20 28.36
N GLY A 422 23.91 -19.72 28.25
CA GLY A 422 23.68 -21.14 28.46
C GLY A 422 23.41 -21.90 27.17
N MET A 423 23.94 -21.39 26.05
CA MET A 423 23.65 -21.98 24.75
C MET A 423 24.14 -23.43 24.68
N ARG A 424 25.43 -23.65 24.98
CA ARG A 424 25.97 -25.00 24.87
C ARG A 424 25.34 -25.93 25.89
N PHE A 425 25.04 -25.41 27.08
CA PHE A 425 24.35 -26.23 28.08
C PHE A 425 22.97 -26.64 27.59
N ALA A 426 22.23 -25.70 26.99
CA ALA A 426 20.89 -26.01 26.50
C ALA A 426 20.95 -26.99 25.35
N LEU A 427 21.91 -26.83 24.44
CA LEU A 427 22.05 -27.77 23.33
C LEU A 427 22.41 -29.16 23.81
N MET A 428 23.20 -29.26 24.88
CA MET A 428 23.53 -30.58 25.43
C MET A 428 22.31 -31.23 26.07
N ASN A 429 21.53 -30.47 26.83
CA ASN A 429 20.32 -31.01 27.44
C ASN A 429 19.39 -31.61 26.40
N MET A 430 19.06 -30.82 25.37
CA MET A 430 18.07 -31.25 24.40
C MET A 430 18.57 -32.43 23.58
N LYS A 431 19.85 -32.41 23.18
CA LYS A 431 20.39 -33.52 22.40
C LYS A 431 20.42 -34.81 23.20
N LEU A 432 20.75 -34.71 24.49
CA LEU A 432 20.74 -35.90 25.34
C LEU A 432 19.34 -36.50 25.42
N ALA A 433 18.34 -35.65 25.63
CA ALA A 433 16.96 -36.13 25.72
C ALA A 433 16.51 -36.72 24.39
N LEU A 434 16.85 -36.08 23.27
CA LEU A 434 16.42 -36.58 21.98
C LEU A 434 17.03 -37.94 21.66
N ILE A 435 18.32 -38.11 21.96
CA ILE A 435 18.99 -39.39 21.69
C ILE A 435 18.32 -40.51 22.47
N ARG A 436 18.05 -40.26 23.75
CA ARG A 436 17.53 -41.32 24.61
C ARG A 436 16.13 -41.74 24.21
N VAL A 437 15.27 -40.77 23.88
CA VAL A 437 13.89 -41.11 23.54
C VAL A 437 13.81 -41.69 22.13
N LEU A 438 14.68 -41.25 21.22
CA LEU A 438 14.69 -41.82 19.88
C LEU A 438 15.38 -43.18 19.84
N GLN A 439 16.26 -43.46 20.80
CA GLN A 439 16.79 -44.81 20.93
C GLN A 439 15.69 -45.79 21.30
N ASN A 440 14.66 -45.32 22.01
CA ASN A 440 13.64 -46.20 22.57
C ASN A 440 12.27 -46.06 21.94
N PHE A 441 11.98 -44.96 21.26
CA PHE A 441 10.63 -44.70 20.81
C PHE A 441 10.62 -44.11 19.41
N SER A 442 9.46 -44.21 18.77
CA SER A 442 9.13 -43.48 17.56
C SER A 442 7.91 -42.61 17.82
N PHE A 443 7.83 -41.50 17.11
CA PHE A 443 6.79 -40.50 17.32
C PHE A 443 6.04 -40.28 16.02
N LYS A 444 4.71 -40.25 16.10
CA LYS A 444 3.87 -40.01 14.94
C LYS A 444 2.62 -39.28 15.38
N PRO A 445 1.96 -38.58 14.48
CA PRO A 445 0.75 -37.84 14.85
C PRO A 445 -0.44 -38.77 15.05
N CYS A 446 -1.35 -38.34 15.91
CA CYS A 446 -2.64 -38.97 16.12
C CYS A 446 -3.75 -37.98 15.77
N LYS A 447 -4.99 -38.41 15.99
CA LYS A 447 -6.13 -37.55 15.68
C LYS A 447 -6.10 -36.26 16.49
N GLU A 448 -5.51 -36.30 17.69
CA GLU A 448 -5.49 -35.16 18.59
C GLU A 448 -4.35 -34.19 18.29
N THR A 449 -3.43 -34.55 17.39
CA THR A 449 -2.35 -33.66 17.00
C THR A 449 -2.88 -32.58 16.07
N GLN A 450 -2.42 -31.35 16.29
CA GLN A 450 -2.82 -30.20 15.46
C GLN A 450 -1.83 -30.07 14.31
N ILE A 451 -2.29 -30.37 13.09
CA ILE A 451 -1.47 -30.27 11.89
C ILE A 451 -2.20 -29.43 10.87
N PRO A 452 -1.63 -28.30 10.41
CA PRO A 452 -0.33 -27.79 10.85
C PRO A 452 -0.41 -27.07 12.20
N LEU A 453 0.74 -26.89 12.83
CA LEU A 453 0.79 -26.32 14.17
C LEU A 453 0.46 -24.83 14.12
N LYS A 454 -0.46 -24.40 14.97
CA LYS A 454 -0.81 -22.99 15.09
C LYS A 454 -0.12 -22.39 16.32
N LEU A 455 0.37 -21.17 16.17
CA LEU A 455 1.15 -20.50 17.20
C LEU A 455 0.26 -19.65 18.09
N ASP A 456 0.60 -19.60 19.37
CA ASP A 456 -0.06 -18.71 20.30
C ASP A 456 0.34 -17.26 20.00
N THR A 457 -0.47 -16.33 20.49
CA THR A 457 -0.20 -14.91 20.30
C THR A 457 0.43 -14.26 21.53
N GLN A 458 0.53 -14.98 22.64
CA GLN A 458 1.00 -14.42 23.90
C GLN A 458 2.39 -14.97 24.23
N GLY A 459 3.30 -14.07 24.58
CA GLY A 459 4.51 -14.48 25.26
C GLY A 459 5.48 -15.23 24.35
N LEU A 460 6.15 -16.21 24.93
CA LEU A 460 7.09 -17.04 24.20
C LEU A 460 6.42 -17.70 23.00
N LEU A 461 7.23 -17.98 21.98
CA LEU A 461 6.74 -18.75 20.85
C LEU A 461 6.32 -20.13 21.34
N GLN A 462 5.03 -20.43 21.27
CA GLN A 462 4.51 -21.66 21.82
C GLN A 462 3.28 -22.05 21.02
N PRO A 463 2.92 -23.33 21.01
CA PRO A 463 1.74 -23.75 20.25
C PRO A 463 0.45 -23.24 20.90
N GLU A 464 -0.52 -22.92 20.05
CA GLU A 464 -1.82 -22.49 20.55
C GLU A 464 -2.48 -23.59 21.39
N LYS A 465 -2.43 -24.83 20.92
CA LYS A 465 -2.85 -26.03 21.64
C LYS A 465 -1.63 -26.87 22.00
N PRO A 466 -1.64 -27.53 23.16
CA PRO A 466 -0.47 -28.34 23.54
C PRO A 466 -0.20 -29.45 22.54
N ILE A 467 1.09 -29.64 22.23
CA ILE A 467 1.48 -30.68 21.27
C ILE A 467 1.26 -32.05 21.89
N VAL A 468 0.54 -32.90 21.17
CA VAL A 468 0.22 -34.24 21.61
C VAL A 468 0.60 -35.21 20.50
N LEU A 469 1.28 -36.31 20.87
CA LEU A 469 1.80 -37.25 19.88
C LEU A 469 1.61 -38.67 20.37
N LYS A 470 1.50 -39.59 19.42
CA LYS A 470 1.53 -41.01 19.72
C LYS A 470 2.97 -41.47 19.83
N VAL A 471 3.25 -42.31 20.84
CA VAL A 471 4.61 -42.75 21.14
C VAL A 471 4.63 -44.27 21.15
N ASP A 472 5.41 -44.87 20.26
CA ASP A 472 5.51 -46.31 20.11
C ASP A 472 6.94 -46.78 20.39
N SER A 473 7.07 -47.92 21.06
CA SER A 473 8.36 -48.46 21.40
C SER A 473 9.04 -49.07 20.18
N ARG A 474 10.37 -49.21 20.26
CA ARG A 474 11.15 -49.83 19.20
C ARG A 474 11.61 -51.23 19.61
N ALA B 2 -10.09 -11.12 39.00
CA ALA B 2 -8.93 -11.03 39.88
C ALA B 2 -7.92 -10.01 39.35
N LEU B 3 -7.44 -10.24 38.12
CA LEU B 3 -6.57 -9.27 37.47
C LEU B 3 -7.33 -7.97 37.25
N TYR B 4 -6.63 -6.85 37.37
CA TYR B 4 -7.31 -5.57 37.21
C TYR B 4 -7.72 -5.31 35.76
N GLY B 5 -7.12 -5.99 34.80
CA GLY B 5 -7.51 -5.69 33.43
C GLY B 5 -8.74 -6.41 32.91
N THR B 6 -9.26 -7.40 33.65
CA THR B 6 -10.23 -8.31 33.05
C THR B 6 -11.39 -8.67 33.99
N ARG B 7 -11.65 -7.87 35.04
CA ARG B 7 -12.58 -8.30 36.08
C ARG B 7 -13.97 -8.57 35.52
N THR B 8 -14.46 -7.72 34.63
CA THR B 8 -15.85 -7.80 34.16
C THR B 8 -15.98 -8.40 32.77
N HIS B 9 -14.88 -8.87 32.17
CA HIS B 9 -14.93 -9.26 30.76
C HIS B 9 -15.62 -10.60 30.52
N GLY B 10 -16.15 -11.24 31.55
CA GLY B 10 -16.99 -12.42 31.38
C GLY B 10 -18.47 -12.17 31.57
N LEU B 11 -18.88 -10.91 31.75
CA LEU B 11 -20.27 -10.63 32.11
C LEU B 11 -21.23 -11.01 31.00
N PHE B 12 -21.02 -10.47 29.80
CA PHE B 12 -21.95 -10.74 28.71
C PHE B 12 -21.93 -12.20 28.29
N LYS B 13 -20.78 -12.87 28.37
CA LYS B 13 -20.75 -14.31 28.14
C LYS B 13 -21.61 -15.04 29.16
N ARG B 14 -21.53 -14.63 30.43
CA ARG B 14 -22.34 -15.24 31.47
C ARG B 14 -23.83 -15.00 31.23
N LEU B 15 -24.18 -13.82 30.71
CA LEU B 15 -25.57 -13.46 30.46
C LEU B 15 -26.09 -13.98 29.12
N GLY B 16 -25.23 -14.53 28.28
CA GLY B 16 -25.66 -14.97 26.96
C GLY B 16 -25.90 -13.83 26.00
N ILE B 17 -25.23 -12.71 26.17
CA ILE B 17 -25.33 -11.55 25.29
C ILE B 17 -24.17 -11.61 24.31
N PRO B 18 -24.41 -11.57 23.00
CA PRO B 18 -23.31 -11.62 22.03
C PRO B 18 -22.52 -10.33 22.03
N GLY B 19 -21.32 -10.40 21.45
CA GLY B 19 -20.45 -9.24 21.35
C GLY B 19 -19.02 -9.62 21.04
N PRO B 20 -18.21 -8.63 20.63
CA PRO B 20 -16.81 -8.91 20.30
C PRO B 20 -15.98 -9.19 21.54
N THR B 21 -14.99 -10.05 21.38
CA THR B 21 -14.15 -10.44 22.50
C THR B 21 -13.29 -9.26 22.95
N PRO B 22 -13.27 -8.93 24.24
CA PRO B 22 -12.47 -7.80 24.70
C PRO B 22 -11.01 -8.17 24.90
N LEU B 23 -10.16 -7.19 24.79
CA LEU B 23 -8.76 -7.33 25.18
C LEU B 23 -8.60 -6.93 26.64
N PRO B 24 -7.61 -7.47 27.34
CA PRO B 24 -7.33 -7.01 28.71
C PRO B 24 -7.07 -5.52 28.73
N LEU B 25 -7.52 -4.89 29.83
CA LEU B 25 -7.30 -3.47 30.11
C LEU B 25 -8.08 -2.57 29.17
N LEU B 26 -8.00 -2.81 27.85
CA LEU B 26 -8.66 -1.95 26.88
C LEU B 26 -10.11 -2.31 26.62
N GLY B 27 -10.47 -3.58 26.77
CA GLY B 27 -11.81 -3.99 26.36
C GLY B 27 -11.89 -3.99 24.85
N ASN B 28 -12.89 -3.30 24.31
CA ASN B 28 -13.08 -3.16 22.87
C ASN B 28 -12.72 -1.77 22.37
N VAL B 29 -12.12 -0.93 23.22
CA VAL B 29 -11.84 0.46 22.86
C VAL B 29 -10.96 0.56 21.63
N LEU B 30 -10.08 -0.42 21.42
CA LEU B 30 -9.22 -0.39 20.24
C LEU B 30 -10.04 -0.37 18.96
N SER B 31 -11.22 -0.98 18.97
CA SER B 31 -12.09 -0.96 17.79
C SER B 31 -12.72 0.41 17.55
N TYR B 32 -12.54 1.36 18.47
CA TYR B 32 -13.05 2.71 18.25
C TYR B 32 -12.24 3.48 17.22
N ARG B 33 -11.01 3.06 16.95
CA ARG B 33 -10.11 3.85 16.10
C ARG B 33 -10.63 4.01 14.69
N GLN B 34 -11.49 3.10 14.23
CA GLN B 34 -12.13 3.26 12.93
C GLN B 34 -13.35 4.17 12.96
N GLY B 35 -13.66 4.75 14.11
CA GLY B 35 -14.87 5.53 14.27
C GLY B 35 -15.95 4.79 15.03
N LEU B 36 -16.49 5.40 16.07
CA LEU B 36 -17.52 4.75 16.87
C LEU B 36 -18.78 4.50 16.05
N TRP B 37 -19.04 5.35 15.06
CA TRP B 37 -20.17 5.13 14.16
C TRP B 37 -19.99 3.86 13.34
N LYS B 38 -18.75 3.59 12.90
CA LYS B 38 -18.49 2.39 12.14
C LYS B 38 -18.49 1.15 13.02
N PHE B 39 -17.93 1.25 14.23
CA PHE B 39 -17.93 0.13 15.15
C PHE B 39 -19.35 -0.29 15.53
N ASP B 40 -20.24 0.68 15.77
CA ASP B 40 -21.63 0.34 16.09
C ASP B 40 -22.35 -0.23 14.87
N THR B 41 -22.05 0.30 13.68
CA THR B 41 -22.67 -0.23 12.46
C THR B 41 -22.29 -1.69 12.24
N GLU B 42 -21.01 -2.04 12.44
CA GLU B 42 -20.58 -3.41 12.18
C GLU B 42 -21.00 -4.36 13.29
N CYS B 43 -21.06 -3.90 14.53
CA CYS B 43 -21.56 -4.75 15.61
C CYS B 43 -23.04 -5.04 15.44
N TYR B 44 -23.81 -4.05 14.99
CA TYR B 44 -25.24 -4.25 14.73
C TYR B 44 -25.43 -5.30 13.64
N LYS B 45 -24.67 -5.22 12.55
CA LYS B 45 -24.82 -6.16 11.46
C LYS B 45 -24.46 -7.57 11.89
N LYS B 46 -23.43 -7.70 12.72
CA LYS B 46 -22.91 -9.02 13.05
C LYS B 46 -23.70 -9.68 14.17
N TYR B 47 -24.01 -8.94 15.23
CA TYR B 47 -24.58 -9.53 16.43
C TYR B 47 -26.08 -9.32 16.58
N GLY B 48 -26.67 -8.36 15.86
CA GLY B 48 -28.11 -8.23 15.86
C GLY B 48 -28.66 -7.17 16.79
N LYS B 49 -29.88 -7.38 17.28
CA LYS B 49 -30.62 -6.33 17.97
C LYS B 49 -30.07 -5.98 19.33
N MET B 50 -29.08 -6.73 19.82
CA MET B 50 -28.52 -6.45 21.14
C MET B 50 -27.13 -7.07 21.23
N TRP B 51 -26.17 -6.30 21.73
CA TRP B 51 -24.81 -6.80 21.88
C TRP B 51 -24.11 -6.04 22.99
N GLY B 52 -23.04 -6.63 23.50
CA GLY B 52 -22.28 -6.05 24.60
C GLY B 52 -20.83 -5.81 24.22
N THR B 53 -20.27 -4.70 24.71
CA THR B 53 -18.87 -4.36 24.55
C THR B 53 -18.32 -3.91 25.90
N TYR B 54 -17.03 -3.58 25.93
CA TYR B 54 -16.38 -3.12 27.15
C TYR B 54 -15.52 -1.90 26.84
N GLU B 55 -15.77 -0.81 27.57
CA GLU B 55 -14.86 0.34 27.59
C GLU B 55 -13.91 0.14 28.75
N GLY B 56 -12.73 -0.39 28.46
CA GLY B 56 -11.85 -0.83 29.51
C GLY B 56 -12.51 -1.98 30.24
N GLN B 57 -13.02 -1.73 31.45
CA GLN B 57 -13.77 -2.72 32.19
C GLN B 57 -15.26 -2.38 32.28
N LEU B 58 -15.68 -1.27 31.70
CA LEU B 58 -17.06 -0.83 31.82
C LEU B 58 -17.94 -1.63 30.86
N PRO B 59 -18.89 -2.42 31.36
CA PRO B 59 -19.80 -3.15 30.47
C PRO B 59 -20.74 -2.19 29.76
N VAL B 60 -20.88 -2.38 28.45
CA VAL B 60 -21.70 -1.49 27.62
C VAL B 60 -22.69 -2.37 26.86
N LEU B 61 -23.97 -2.22 27.17
CA LEU B 61 -25.03 -2.97 26.50
C LEU B 61 -25.70 -2.06 25.46
N ALA B 62 -25.68 -2.50 24.21
CA ALA B 62 -26.32 -1.76 23.13
C ALA B 62 -27.66 -2.41 22.79
N ILE B 63 -28.70 -1.58 22.66
CA ILE B 63 -30.05 -2.05 22.40
C ILE B 63 -30.61 -1.31 21.20
N THR B 64 -31.44 -2.01 20.41
CA THR B 64 -32.06 -1.42 19.23
C THR B 64 -33.57 -1.64 19.17
N ASP B 65 -34.15 -2.42 20.07
CA ASP B 65 -35.60 -2.64 20.08
C ASP B 65 -36.31 -1.36 20.52
N PRO B 66 -37.23 -0.81 19.73
CA PRO B 66 -37.92 0.43 20.14
C PRO B 66 -38.56 0.35 21.51
N ASP B 67 -39.21 -0.78 21.84
CA ASP B 67 -39.89 -0.89 23.13
C ASP B 67 -38.89 -0.90 24.29
N VAL B 68 -37.73 -1.54 24.09
CA VAL B 68 -36.69 -1.53 25.11
C VAL B 68 -36.05 -0.15 25.22
N ILE B 69 -35.81 0.50 24.08
CA ILE B 69 -35.28 1.85 24.07
C ILE B 69 -36.21 2.79 24.82
N ARG B 70 -37.51 2.70 24.55
CA ARG B 70 -38.49 3.53 25.22
C ARG B 70 -38.48 3.28 26.73
N THR B 71 -38.27 2.04 27.15
CA THR B 71 -38.20 1.74 28.57
C THR B 71 -36.99 2.41 29.23
N VAL B 72 -35.84 2.39 28.55
CA VAL B 72 -34.63 2.96 29.13
C VAL B 72 -34.69 4.49 29.11
N LEU B 73 -35.16 5.07 28.01
CA LEU B 73 -35.11 6.52 27.86
C LEU B 73 -36.30 7.22 28.52
N VAL B 74 -37.43 6.54 28.65
CA VAL B 74 -38.66 7.21 29.09
C VAL B 74 -39.18 6.63 30.39
N LYS B 75 -39.62 5.37 30.36
CA LYS B 75 -40.35 4.81 31.50
C LYS B 75 -39.47 4.71 32.75
N GLU B 76 -38.23 4.24 32.59
CA GLU B 76 -37.36 3.99 33.73
C GLU B 76 -36.25 5.04 33.83
N CYS B 77 -36.51 6.25 33.35
CA CYS B 77 -35.50 7.30 33.39
C CYS B 77 -35.20 7.73 34.83
N TYR B 78 -36.24 8.15 35.55
CA TYR B 78 -36.01 8.66 36.90
C TYR B 78 -35.62 7.56 37.88
N SER B 79 -36.09 6.34 37.63
CA SER B 79 -35.87 5.25 38.59
C SER B 79 -34.57 4.50 38.37
N VAL B 80 -34.10 4.37 37.12
CA VAL B 80 -32.93 3.54 36.85
C VAL B 80 -31.91 4.27 35.98
N PHE B 81 -32.36 4.82 34.85
CA PHE B 81 -31.46 5.37 33.84
C PHE B 81 -31.50 6.89 33.85
N THR B 82 -31.13 7.47 35.00
CA THR B 82 -31.25 8.91 35.20
C THR B 82 -30.07 9.69 34.64
N ASN B 83 -28.89 9.08 34.58
CA ASN B 83 -27.69 9.78 34.19
C ASN B 83 -26.99 9.05 33.06
N ARG B 84 -26.05 9.74 32.43
CA ARG B 84 -25.15 9.10 31.47
C ARG B 84 -23.93 8.59 32.21
N ARG B 85 -22.76 8.63 31.59
CA ARG B 85 -21.58 8.08 32.24
C ARG B 85 -21.09 8.99 33.36
N SER B 86 -20.26 8.42 34.23
CA SER B 86 -19.38 9.22 35.09
C SER B 86 -18.23 9.66 34.21
N LEU B 87 -18.29 10.90 33.72
CA LEU B 87 -17.44 11.31 32.60
C LEU B 87 -15.97 11.26 32.98
N GLY B 88 -15.58 11.98 34.02
CA GLY B 88 -14.20 12.05 34.43
C GLY B 88 -13.92 13.33 35.20
N PRO B 89 -12.66 13.77 35.20
CA PRO B 89 -12.31 14.99 35.92
C PRO B 89 -12.80 16.22 35.17
N VAL B 90 -13.75 16.94 35.78
CA VAL B 90 -14.30 18.14 35.17
C VAL B 90 -14.31 19.34 36.11
N GLY B 91 -14.05 19.15 37.38
CA GLY B 91 -14.07 20.24 38.33
C GLY B 91 -15.46 20.75 38.65
N PHE B 92 -15.63 22.08 38.73
CA PHE B 92 -16.94 22.64 39.04
C PHE B 92 -17.95 22.39 37.93
N MET B 93 -17.51 21.96 36.76
CA MET B 93 -18.41 21.65 35.65
C MET B 93 -19.30 20.47 35.98
N LYS B 94 -19.09 19.83 37.13
CA LYS B 94 -20.02 18.80 37.58
C LYS B 94 -21.37 19.41 37.95
N SER B 95 -21.43 20.72 38.18
CA SER B 95 -22.69 21.41 38.42
C SER B 95 -23.44 21.70 37.14
N ALA B 96 -22.83 21.47 35.97
CA ALA B 96 -23.52 21.67 34.71
C ALA B 96 -24.67 20.68 34.58
N ILE B 97 -25.72 21.12 33.87
CA ILE B 97 -26.97 20.35 33.84
C ILE B 97 -26.73 18.97 33.27
N SER B 98 -25.92 18.87 32.22
CA SER B 98 -25.70 17.56 31.58
C SER B 98 -24.92 16.63 32.51
N LEU B 99 -23.95 17.16 33.24
CA LEU B 99 -23.11 16.32 34.09
C LEU B 99 -23.70 16.13 35.49
N ALA B 100 -24.62 16.99 35.91
CA ALA B 100 -25.31 16.78 37.17
C ALA B 100 -26.10 15.48 37.14
N GLU B 101 -26.35 14.93 38.32
CA GLU B 101 -26.97 13.62 38.43
C GLU B 101 -28.10 13.63 39.46
N ASP B 102 -29.11 12.81 39.19
CA ASP B 102 -30.17 12.46 40.15
C ASP B 102 -30.91 13.72 40.56
N GLU B 103 -31.09 14.00 41.86
CA GLU B 103 -31.92 15.12 42.28
C GLU B 103 -31.30 16.45 41.90
N GLU B 104 -29.97 16.55 41.90
CA GLU B 104 -29.33 17.79 41.48
C GLU B 104 -29.63 18.08 40.01
N TRP B 105 -29.66 17.05 39.18
CA TRP B 105 -30.02 17.26 37.78
C TRP B 105 -31.47 17.68 37.63
N LYS B 106 -32.37 17.06 38.39
CA LYS B 106 -33.79 17.41 38.30
C LYS B 106 -34.02 18.88 38.64
N ARG B 107 -33.35 19.37 39.68
CA ARG B 107 -33.52 20.77 40.07
C ARG B 107 -32.96 21.71 39.01
N ILE B 108 -31.74 21.44 38.53
CA ILE B 108 -31.11 22.31 37.56
C ILE B 108 -31.90 22.29 36.25
N ARG B 109 -32.34 21.12 35.82
CA ARG B 109 -33.18 21.03 34.63
C ARG B 109 -34.50 21.76 34.83
N SER B 110 -35.07 21.67 36.03
CA SER B 110 -36.30 22.39 36.31
C SER B 110 -36.10 23.90 36.24
N LEU B 111 -34.96 24.39 36.76
CA LEU B 111 -34.67 25.81 36.72
C LEU B 111 -34.40 26.30 35.29
N LEU B 112 -33.88 25.41 34.44
CA LEU B 112 -33.47 25.81 33.09
C LEU B 112 -34.57 25.62 32.05
N SER B 113 -35.60 24.84 32.35
CA SER B 113 -36.68 24.61 31.39
C SER B 113 -37.38 25.88 30.93
N PRO B 114 -37.70 26.86 31.79
CA PRO B 114 -38.36 28.08 31.30
C PRO B 114 -37.54 28.84 30.27
N THR B 115 -36.23 28.58 30.17
CA THR B 115 -35.38 29.32 29.25
C THR B 115 -35.53 28.84 27.81
N PHE B 116 -35.93 27.59 27.61
CA PHE B 116 -35.98 26.98 26.28
C PHE B 116 -37.42 26.64 25.86
N THR B 117 -38.36 27.53 26.14
CA THR B 117 -39.78 27.20 26.05
C THR B 117 -40.41 27.46 24.69
N SER B 118 -39.61 27.74 23.65
CA SER B 118 -40.12 28.11 22.33
C SER B 118 -40.85 29.45 22.37
N GLY B 119 -41.59 29.73 23.45
CA GLY B 119 -42.02 31.08 23.71
C GLY B 119 -40.85 32.01 23.92
N LYS B 120 -39.80 31.52 24.59
CA LYS B 120 -38.57 32.28 24.71
C LYS B 120 -37.75 32.24 23.43
N LEU B 121 -37.86 31.15 22.66
CA LEU B 121 -37.18 31.09 21.36
C LEU B 121 -37.76 32.12 20.40
N LYS B 122 -39.08 32.32 20.43
CA LYS B 122 -39.70 33.35 19.61
C LYS B 122 -39.21 34.74 20.01
N GLU B 123 -38.94 34.95 21.31
CA GLU B 123 -38.46 36.24 21.77
C GLU B 123 -36.98 36.45 21.43
N MET B 124 -36.17 35.39 21.50
CA MET B 124 -34.75 35.50 21.17
C MET B 124 -34.49 35.42 19.67
N PHE B 125 -35.51 35.18 18.86
CA PHE B 125 -35.33 35.01 17.42
C PHE B 125 -34.60 36.18 16.75
N PRO B 126 -34.96 37.45 16.98
CA PRO B 126 -34.26 38.53 16.28
C PRO B 126 -32.77 38.59 16.58
N ILE B 127 -32.35 38.12 17.76
CA ILE B 127 -30.92 38.12 18.10
C ILE B 127 -30.19 37.08 17.27
N ILE B 128 -30.82 35.95 16.99
CA ILE B 128 -30.20 34.96 16.10
C ILE B 128 -30.18 35.48 14.67
N ALA B 129 -31.15 36.31 14.29
CA ALA B 129 -31.28 36.74 12.90
C ALA B 129 -30.18 37.73 12.53
N GLN B 130 -29.76 38.58 13.46
CA GLN B 130 -28.74 39.58 13.15
C GLN B 130 -27.43 38.92 12.74
N TYR B 131 -27.14 37.74 13.27
CA TYR B 131 -25.90 37.06 12.94
C TYR B 131 -25.92 36.45 11.55
N GLY B 132 -27.10 36.27 10.97
CA GLY B 132 -27.18 35.79 9.59
C GLY B 132 -26.59 36.77 8.60
N ASP B 133 -26.68 38.07 8.89
CA ASP B 133 -26.10 39.07 8.00
C ASP B 133 -24.58 39.03 8.03
N VAL B 134 -24.00 38.78 9.20
CA VAL B 134 -22.55 38.60 9.28
C VAL B 134 -22.12 37.40 8.46
N LEU B 135 -22.94 36.35 8.46
CA LEU B 135 -22.62 35.14 7.72
C LEU B 135 -22.61 35.38 6.22
N VAL B 136 -23.65 36.06 5.71
CA VAL B 136 -23.78 36.25 4.26
C VAL B 136 -22.61 37.05 3.71
N ARG B 137 -22.22 38.13 4.39
CA ARG B 137 -21.17 38.98 3.86
C ARG B 137 -19.80 38.32 3.97
N ASN B 138 -19.52 37.69 5.12
CA ASN B 138 -18.28 36.91 5.24
C ASN B 138 -18.19 35.88 4.14
N LEU B 139 -19.32 35.28 3.77
CA LEU B 139 -19.33 34.31 2.68
C LEU B 139 -19.16 35.00 1.33
N ARG B 140 -19.76 36.19 1.16
CA ARG B 140 -19.62 36.91 -0.10
C ARG B 140 -18.19 37.37 -0.33
N ARG B 141 -17.47 37.73 0.73
CA ARG B 141 -16.07 38.11 0.58
C ARG B 141 -15.26 36.98 -0.06
N GLU B 142 -15.33 35.78 0.52
CA GLU B 142 -14.62 34.65 -0.05
C GLU B 142 -15.19 34.25 -1.40
N ALA B 143 -16.50 34.45 -1.60
CA ALA B 143 -17.13 34.01 -2.85
C ALA B 143 -16.63 34.81 -4.04
N GLU B 144 -16.77 36.14 -3.99
CA GLU B 144 -16.42 36.97 -5.13
C GLU B 144 -14.91 37.04 -5.38
N LYS B 145 -14.09 36.44 -4.51
CA LYS B 145 -12.70 36.21 -4.87
C LYS B 145 -12.55 35.14 -5.93
N GLY B 146 -13.63 34.43 -6.28
CA GLY B 146 -13.60 33.40 -7.29
C GLY B 146 -13.07 32.06 -6.83
N LYS B 147 -12.62 31.96 -5.59
CA LYS B 147 -11.98 30.76 -5.06
C LYS B 147 -12.97 29.89 -4.30
N PRO B 148 -12.71 28.58 -4.24
CA PRO B 148 -13.55 27.71 -3.42
C PRO B 148 -13.47 28.08 -1.94
N VAL B 149 -14.57 27.86 -1.23
CA VAL B 149 -14.73 28.33 0.15
C VAL B 149 -14.65 27.14 1.09
N THR B 150 -13.79 27.25 2.09
CA THR B 150 -13.75 26.29 3.20
C THR B 150 -14.88 26.64 4.17
N LEU B 151 -15.89 25.77 4.24
CA LEU B 151 -17.12 26.13 4.93
C LEU B 151 -16.90 26.26 6.43
N LYS B 152 -16.04 25.42 7.01
CA LYS B 152 -15.91 25.40 8.47
C LYS B 152 -15.31 26.70 9.00
N ASP B 153 -14.52 27.40 8.19
CA ASP B 153 -14.05 28.72 8.61
C ASP B 153 -15.21 29.66 8.85
N ILE B 154 -16.14 29.72 7.89
CA ILE B 154 -17.21 30.70 7.94
C ILE B 154 -18.33 30.24 8.86
N PHE B 155 -18.70 28.96 8.78
CA PHE B 155 -19.80 28.47 9.60
C PHE B 155 -19.38 28.12 11.03
N GLY B 156 -18.08 27.89 11.26
CA GLY B 156 -17.59 27.87 12.62
C GLY B 156 -17.65 29.25 13.26
N ALA B 157 -17.38 30.29 12.46
CA ALA B 157 -17.51 31.65 12.96
C ALA B 157 -18.95 32.00 13.26
N TYR B 158 -19.89 31.58 12.39
CA TYR B 158 -21.30 31.82 12.65
C TYR B 158 -21.76 31.11 13.92
N SER B 159 -21.36 29.84 14.07
CA SER B 159 -21.79 29.06 15.22
C SER B 159 -21.25 29.66 16.52
N MET B 160 -20.01 30.17 16.49
CA MET B 160 -19.44 30.77 17.68
C MET B 160 -20.09 32.12 17.97
N ASP B 161 -20.41 32.90 16.94
CA ASP B 161 -21.02 34.21 17.16
C ASP B 161 -22.41 34.09 17.78
N VAL B 162 -23.22 33.16 17.28
CA VAL B 162 -24.56 32.99 17.82
C VAL B 162 -24.51 32.48 19.25
N ILE B 163 -23.66 31.48 19.52
CA ILE B 163 -23.68 30.84 20.83
C ILE B 163 -23.07 31.75 21.90
N THR B 164 -22.20 32.68 21.50
CA THR B 164 -21.72 33.66 22.47
C THR B 164 -22.71 34.79 22.65
N GLY B 165 -23.30 35.27 21.56
CA GLY B 165 -24.28 36.34 21.65
C GLY B 165 -25.57 35.93 22.32
N THR B 166 -25.95 34.66 22.20
CA THR B 166 -27.18 34.20 22.83
C THR B 166 -26.95 33.79 24.29
N SER B 167 -25.73 33.40 24.64
CA SER B 167 -25.43 33.02 26.02
C SER B 167 -25.08 34.23 26.88
N PHE B 168 -24.39 35.22 26.32
CA PHE B 168 -23.91 36.36 27.09
C PHE B 168 -24.37 37.71 26.57
N GLY B 169 -24.95 37.78 25.37
CA GLY B 169 -25.31 39.07 24.83
C GLY B 169 -24.13 39.89 24.35
N VAL B 170 -23.00 39.25 24.07
CA VAL B 170 -21.80 39.93 23.60
C VAL B 170 -21.59 39.56 22.14
N ASN B 171 -21.29 40.58 21.32
CA ASN B 171 -21.07 40.38 19.89
C ASN B 171 -19.58 40.30 19.64
N ILE B 172 -19.06 39.07 19.52
CA ILE B 172 -17.70 38.83 19.07
C ILE B 172 -17.75 38.48 17.59
N ASP B 173 -16.93 39.15 16.78
CA ASP B 173 -16.88 38.91 15.34
C ASP B 173 -15.74 37.93 15.09
N SER B 174 -16.07 36.63 15.16
CA SER B 174 -15.04 35.62 15.31
C SER B 174 -14.13 35.53 14.09
N LEU B 175 -14.69 35.68 12.90
CA LEU B 175 -13.90 35.45 11.68
C LEU B 175 -12.77 36.47 11.57
N ASN B 176 -13.10 37.75 11.50
CA ASN B 176 -12.10 38.78 11.31
C ASN B 176 -11.40 39.19 12.61
N ASN B 177 -11.65 38.51 13.72
CA ASN B 177 -10.95 38.75 14.98
C ASN B 177 -10.34 37.44 15.44
N PRO B 178 -9.20 37.04 14.88
CA PRO B 178 -8.61 35.75 15.24
C PRO B 178 -7.99 35.74 16.63
N GLN B 179 -7.80 36.90 17.25
CA GLN B 179 -7.17 36.99 18.57
C GLN B 179 -8.23 36.78 19.65
N ASP B 180 -8.77 35.55 19.67
CA ASP B 180 -9.75 35.12 20.67
C ASP B 180 -9.36 33.74 21.15
N PRO B 181 -8.35 33.64 22.03
CA PRO B 181 -7.81 32.32 22.39
C PRO B 181 -8.85 31.36 22.96
N PHE B 182 -9.93 31.87 23.55
CA PHE B 182 -10.95 31.00 24.12
C PHE B 182 -11.67 30.21 23.02
N VAL B 183 -11.98 30.85 21.89
CA VAL B 183 -12.55 30.10 20.78
C VAL B 183 -11.49 29.22 20.13
N GLU B 184 -10.22 29.59 20.26
CA GLU B 184 -9.13 28.81 19.69
C GLU B 184 -8.82 27.57 20.52
N SER B 185 -9.16 27.59 21.81
CA SER B 185 -8.95 26.42 22.67
C SER B 185 -10.17 25.49 22.71
N THR B 186 -11.35 25.97 22.30
CA THR B 186 -12.48 25.06 22.17
C THR B 186 -12.26 24.01 21.08
N LYS B 187 -11.26 24.20 20.21
CA LYS B 187 -10.84 23.15 19.31
C LYS B 187 -10.00 22.10 20.03
N LYS B 188 -9.32 22.50 21.11
CA LYS B 188 -8.48 21.58 21.87
C LYS B 188 -9.29 20.59 22.69
N PHE B 189 -10.60 20.80 22.84
CA PHE B 189 -11.42 19.93 23.68
C PHE B 189 -11.56 18.57 23.01
N LEU B 190 -10.82 17.59 23.52
CA LEU B 190 -10.92 16.19 23.10
C LEU B 190 -10.76 16.03 21.59
N LYS B 191 -9.79 16.75 21.02
CA LYS B 191 -9.24 16.31 19.76
C LYS B 191 -8.50 15.00 20.01
N PHE B 192 -8.72 14.01 19.14
CA PHE B 192 -8.35 12.59 19.22
C PHE B 192 -9.44 11.79 19.93
N GLY B 193 -10.38 12.43 20.60
CA GLY B 193 -11.56 11.75 21.10
C GLY B 193 -11.23 10.70 22.14
N PHE B 194 -11.63 9.46 21.86
CA PHE B 194 -11.35 8.34 22.76
C PHE B 194 -9.88 8.00 22.82
N LEU B 195 -9.10 8.40 21.83
CA LEU B 195 -7.66 8.17 21.82
C LEU B 195 -6.88 9.35 22.39
N ASP B 196 -7.57 10.34 22.94
CA ASP B 196 -6.90 11.42 23.65
C ASP B 196 -6.20 10.87 24.88
N PRO B 197 -4.91 11.17 25.08
CA PRO B 197 -4.15 10.51 26.17
C PRO B 197 -4.78 10.65 27.55
N LEU B 198 -5.25 11.84 27.92
CA LEU B 198 -5.86 11.99 29.23
C LEU B 198 -7.14 11.19 29.35
N PHE B 199 -8.00 11.28 28.33
CA PHE B 199 -9.27 10.55 28.40
C PHE B 199 -9.06 9.05 28.28
N LEU B 200 -8.08 8.64 27.47
CA LEU B 200 -7.78 7.21 27.35
C LEU B 200 -7.24 6.65 28.66
N SER B 201 -6.48 7.45 29.41
CA SER B 201 -6.03 7.01 30.72
C SER B 201 -7.20 6.79 31.67
N ILE B 202 -8.23 7.65 31.58
CA ILE B 202 -9.40 7.49 32.42
C ILE B 202 -10.18 6.24 32.02
N ILE B 203 -10.23 5.95 30.71
CA ILE B 203 -10.92 4.75 30.25
C ILE B 203 -10.22 3.49 30.77
N LEU B 204 -8.89 3.47 30.73
CA LEU B 204 -8.14 2.32 31.22
C LEU B 204 -8.12 2.25 32.74
N PHE B 205 -8.10 3.40 33.41
CA PHE B 205 -7.98 3.48 34.87
C PHE B 205 -8.99 4.49 35.39
N PRO B 206 -10.25 4.09 35.55
CA PRO B 206 -11.27 5.03 36.03
C PRO B 206 -11.00 5.56 37.43
N PHE B 207 -10.22 4.86 38.25
CA PHE B 207 -9.91 5.36 39.58
C PHE B 207 -8.96 6.55 39.58
N LEU B 208 -8.41 6.92 38.41
CA LEU B 208 -7.58 8.11 38.31
C LEU B 208 -8.38 9.40 38.31
N THR B 209 -9.69 9.33 38.11
CA THR B 209 -10.50 10.55 38.08
C THR B 209 -10.42 11.34 39.39
N PRO B 210 -10.62 10.74 40.58
CA PRO B 210 -10.48 11.54 41.80
C PRO B 210 -9.08 12.08 42.00
N VAL B 211 -8.06 11.38 41.49
CA VAL B 211 -6.69 11.90 41.55
C VAL B 211 -6.58 13.16 40.72
N PHE B 212 -7.08 13.14 39.49
CA PHE B 212 -7.04 14.31 38.63
C PHE B 212 -7.91 15.44 39.18
N GLU B 213 -9.03 15.11 39.82
CA GLU B 213 -9.85 16.14 40.43
C GLU B 213 -9.09 16.86 41.53
N ALA B 214 -8.36 16.11 42.36
CA ALA B 214 -7.57 16.73 43.42
C ALA B 214 -6.45 17.59 42.86
N LEU B 215 -5.98 17.28 41.66
CA LEU B 215 -4.92 18.04 41.00
C LEU B 215 -5.45 19.16 40.12
N ASN B 216 -6.77 19.36 40.07
CA ASN B 216 -7.40 20.32 39.16
C ASN B 216 -7.02 20.07 37.70
N VAL B 217 -6.79 18.81 37.36
CA VAL B 217 -6.69 18.40 35.97
C VAL B 217 -8.10 18.18 35.45
N SER B 218 -8.41 18.74 34.28
CA SER B 218 -9.76 18.71 33.75
C SER B 218 -9.74 18.32 32.27
N LEU B 219 -10.77 17.58 31.87
CA LEU B 219 -10.98 17.31 30.45
C LEU B 219 -11.32 18.58 29.68
N PHE B 220 -11.87 19.58 30.35
CA PHE B 220 -12.11 20.88 29.74
C PHE B 220 -10.81 21.70 29.75
N PRO B 221 -10.56 22.46 28.69
CA PRO B 221 -9.35 23.31 28.67
C PRO B 221 -9.42 24.37 29.77
N LYS B 222 -8.47 24.28 30.71
CA LYS B 222 -8.52 25.15 31.88
C LYS B 222 -8.48 26.63 31.51
N ASP B 223 -7.84 26.98 30.40
CA ASP B 223 -7.79 28.37 29.97
C ASP B 223 -9.17 28.86 29.52
N THR B 224 -9.85 28.07 28.69
CA THR B 224 -11.20 28.42 28.28
C THR B 224 -12.14 28.49 29.48
N ILE B 225 -12.01 27.53 30.40
CA ILE B 225 -12.88 27.45 31.56
C ILE B 225 -12.69 28.68 32.45
N ASN B 226 -11.42 29.03 32.72
CA ASN B 226 -11.14 30.16 33.60
C ASN B 226 -11.64 31.47 33.00
N PHE B 227 -11.48 31.65 31.69
CA PHE B 227 -11.89 32.91 31.07
C PHE B 227 -13.40 33.08 31.08
N LEU B 228 -14.14 32.01 30.78
CA LEU B 228 -15.60 32.11 30.72
C LEU B 228 -16.20 32.26 32.10
N SER B 229 -15.63 31.57 33.10
CA SER B 229 -16.15 31.70 34.46
C SER B 229 -15.88 33.09 35.02
N LYS B 230 -14.69 33.65 34.73
CA LYS B 230 -14.42 35.03 35.10
C LYS B 230 -15.36 36.00 34.38
N SER B 231 -15.64 35.72 33.10
CA SER B 231 -16.50 36.61 32.33
C SER B 231 -17.93 36.60 32.85
N VAL B 232 -18.47 35.41 33.15
CA VAL B 232 -19.78 35.30 33.77
C VAL B 232 -19.79 36.06 35.09
N ASN B 233 -18.77 35.84 35.91
CA ASN B 233 -18.66 36.54 37.19
C ASN B 233 -18.62 38.05 36.99
N ARG B 234 -17.99 38.50 35.90
CA ARG B 234 -17.87 39.93 35.65
C ARG B 234 -19.19 40.52 35.17
N MET B 235 -19.91 39.79 34.31
CA MET B 235 -21.13 40.34 33.74
C MET B 235 -22.27 40.38 34.76
N LYS B 236 -22.35 39.36 35.63
CA LYS B 236 -23.41 39.36 36.64
C LYS B 236 -23.23 40.51 37.63
N LYS B 237 -21.98 40.81 37.99
CA LYS B 237 -21.71 41.99 38.81
C LYS B 237 -22.07 43.27 38.06
N SER B 238 -21.75 43.31 36.76
CA SER B 238 -21.94 44.51 35.96
C SER B 238 -23.40 44.80 35.63
N ARG B 239 -24.28 43.81 35.71
CA ARG B 239 -25.67 43.99 35.33
C ARG B 239 -26.57 44.25 36.53
N LEU B 240 -26.01 44.32 37.74
CA LEU B 240 -26.79 44.69 38.91
C LEU B 240 -27.27 46.13 38.82
N ASN B 241 -26.37 47.05 38.47
CA ASN B 241 -26.69 48.47 38.51
C ASN B 241 -27.67 48.86 37.40
N ASP B 242 -27.37 48.48 36.17
CA ASP B 242 -28.09 48.97 34.99
C ASP B 242 -29.32 48.09 34.75
N LYS B 243 -30.44 48.48 35.36
CA LYS B 243 -31.70 47.81 35.06
C LYS B 243 -32.23 48.19 33.69
N GLN B 244 -31.76 49.31 33.13
CA GLN B 244 -32.36 49.86 31.91
C GLN B 244 -32.14 48.97 30.70
N LYS B 245 -31.00 48.27 30.64
CA LYS B 245 -30.67 47.51 29.45
C LYS B 245 -31.71 46.42 29.18
N HIS B 246 -32.14 45.72 30.22
CA HIS B 246 -33.11 44.63 30.12
C HIS B 246 -32.73 43.66 28.99
N ARG B 247 -31.63 42.94 29.23
CA ARG B 247 -31.06 42.08 28.23
C ARG B 247 -31.92 40.84 28.00
N LEU B 248 -31.62 40.11 26.92
CA LEU B 248 -32.31 38.87 26.57
C LEU B 248 -31.25 37.87 26.07
N ASP B 249 -30.60 37.20 27.02
CA ASP B 249 -29.65 36.14 26.71
C ASP B 249 -29.76 35.06 27.77
N PHE B 250 -29.22 33.87 27.42
CA PHE B 250 -29.33 32.71 28.28
C PHE B 250 -28.90 33.01 29.72
N LEU B 251 -27.88 33.86 29.89
CA LEU B 251 -27.41 34.18 31.23
C LEU B 251 -28.46 34.93 32.02
N GLN B 252 -29.16 35.88 31.38
CA GLN B 252 -30.20 36.64 32.08
C GLN B 252 -31.40 35.75 32.41
N LEU B 253 -31.85 34.95 31.44
CA LEU B 253 -32.99 34.08 31.68
C LEU B 253 -32.76 33.18 32.88
N MET B 254 -31.51 32.76 33.09
CA MET B 254 -31.20 31.92 34.25
C MET B 254 -31.14 32.75 35.53
N ILE B 255 -30.59 33.96 35.45
CA ILE B 255 -30.58 34.84 36.61
C ILE B 255 -32.01 35.15 37.06
N ASP B 256 -32.91 35.37 36.10
CA ASP B 256 -34.32 35.53 36.43
C ASP B 256 -34.88 34.25 37.03
N SER B 257 -35.30 34.34 38.30
CA SER B 257 -35.79 33.20 39.07
C SER B 257 -34.83 32.02 38.99
N LYS B 267 -32.57 26.51 46.54
CA LYS B 267 -33.21 26.20 45.27
C LYS B 267 -33.05 27.37 44.29
N ALA B 268 -31.79 27.70 43.98
CA ALA B 268 -31.48 28.76 43.04
C ALA B 268 -30.07 28.54 42.52
N LEU B 269 -29.80 29.11 41.36
CA LEU B 269 -28.52 28.90 40.68
C LEU B 269 -27.45 29.78 41.29
N SER B 270 -26.37 29.16 41.77
CA SER B 270 -25.27 29.88 42.37
C SER B 270 -24.39 30.49 41.27
N ASP B 271 -23.36 31.23 41.70
CA ASP B 271 -22.46 31.87 40.73
C ASP B 271 -21.70 30.83 39.92
N LEU B 272 -21.22 29.78 40.56
CA LEU B 272 -20.51 28.73 39.83
C LEU B 272 -21.45 27.97 38.91
N GLU B 273 -22.66 27.65 39.39
CA GLU B 273 -23.61 26.91 38.59
C GLU B 273 -23.96 27.67 37.30
N LEU B 274 -24.26 28.96 37.42
CA LEU B 274 -24.57 29.78 36.26
C LEU B 274 -23.46 29.70 35.22
N ALA B 275 -22.21 29.88 35.66
CA ALA B 275 -21.08 29.78 34.74
C ALA B 275 -21.01 28.39 34.12
N ALA B 276 -21.33 27.35 34.88
CA ALA B 276 -21.29 25.99 34.35
C ALA B 276 -22.32 25.79 33.26
N GLN B 277 -23.54 26.29 33.45
CA GLN B 277 -24.56 26.15 32.43
C GLN B 277 -24.19 26.92 31.16
N SER B 278 -23.69 28.14 31.32
CA SER B 278 -23.31 28.95 30.17
C SER B 278 -22.18 28.29 29.39
N ILE B 279 -21.24 27.67 30.10
CA ILE B 279 -20.12 27.01 29.43
C ILE B 279 -20.59 25.77 28.66
N ILE B 280 -21.54 25.05 29.23
CA ILE B 280 -22.05 23.85 28.55
C ILE B 280 -22.78 24.23 27.27
N PHE B 281 -23.56 25.32 27.30
CA PHE B 281 -24.27 25.76 26.11
C PHE B 281 -23.29 26.08 24.98
N ILE B 282 -22.15 26.68 25.32
CA ILE B 282 -21.15 27.01 24.31
C ILE B 282 -20.58 25.75 23.68
N PHE B 283 -20.16 24.80 24.52
CA PHE B 283 -19.56 23.57 24.00
C PHE B 283 -20.57 22.74 23.23
N ALA B 284 -21.79 22.61 23.76
CA ALA B 284 -22.79 21.75 23.12
C ALA B 284 -23.27 22.34 21.81
N GLY B 285 -23.20 23.66 21.64
CA GLY B 285 -23.78 24.30 20.47
C GLY B 285 -22.80 24.73 19.40
N TYR B 286 -21.51 24.72 19.71
CA TYR B 286 -20.51 25.23 18.75
C TYR B 286 -20.24 24.22 17.63
N GLU B 287 -19.55 23.12 17.96
CA GLU B 287 -19.14 22.19 16.92
C GLU B 287 -20.33 21.46 16.29
N THR B 288 -21.38 21.22 17.06
CA THR B 288 -22.56 20.57 16.50
C THR B 288 -23.17 21.39 15.38
N THR B 289 -23.48 22.66 15.66
CA THR B 289 -24.07 23.51 14.65
C THR B 289 -23.14 23.70 13.45
N SER B 290 -21.83 23.80 13.70
CA SER B 290 -20.88 23.96 12.61
C SER B 290 -20.80 22.71 11.74
N SER B 291 -20.81 21.53 12.36
CA SER B 291 -20.77 20.28 11.60
C SER B 291 -22.03 20.10 10.76
N VAL B 292 -23.20 20.28 11.37
CA VAL B 292 -24.46 20.00 10.68
C VAL B 292 -24.66 20.97 9.52
N LEU B 293 -24.28 22.24 9.71
CA LEU B 293 -24.37 23.20 8.62
C LEU B 293 -23.45 22.81 7.46
N SER B 294 -22.23 22.38 7.76
CA SER B 294 -21.32 21.94 6.70
C SER B 294 -21.84 20.69 6.00
N PHE B 295 -22.37 19.73 6.78
CA PHE B 295 -22.97 18.54 6.18
C PHE B 295 -24.16 18.90 5.29
N THR B 296 -25.01 19.82 5.75
CA THR B 296 -26.19 20.19 4.98
C THR B 296 -25.81 20.80 3.64
N LEU B 297 -24.85 21.73 3.64
CA LEU B 297 -24.44 22.37 2.40
C LEU B 297 -23.72 21.42 1.47
N TYR B 298 -22.95 20.47 2.02
CA TYR B 298 -22.36 19.44 1.18
C TYR B 298 -23.44 18.64 0.47
N GLU B 299 -24.52 18.29 1.18
CA GLU B 299 -25.59 17.51 0.58
C GLU B 299 -26.37 18.34 -0.43
N LEU B 300 -26.55 19.63 -0.17
CA LEU B 300 -27.26 20.47 -1.13
C LEU B 300 -26.43 20.70 -2.39
N ALA B 301 -25.11 20.78 -2.25
CA ALA B 301 -24.26 20.94 -3.43
C ALA B 301 -24.20 19.68 -4.27
N THR B 302 -24.26 18.51 -3.63
CA THR B 302 -24.25 17.25 -4.36
C THR B 302 -25.64 16.78 -4.77
N HIS B 303 -26.69 17.47 -4.33
CA HIS B 303 -28.06 17.20 -4.74
C HIS B 303 -28.66 18.52 -5.20
N PRO B 304 -28.30 18.99 -6.41
CA PRO B 304 -28.77 20.31 -6.85
C PRO B 304 -30.28 20.42 -7.00
N ASP B 305 -30.97 19.32 -7.26
CA ASP B 305 -32.44 19.38 -7.33
C ASP B 305 -33.03 19.70 -5.97
N VAL B 306 -32.41 19.21 -4.89
CA VAL B 306 -32.88 19.54 -3.55
C VAL B 306 -32.56 20.99 -3.24
N GLN B 307 -31.41 21.48 -3.70
CA GLN B 307 -31.05 22.87 -3.46
C GLN B 307 -31.98 23.83 -4.20
N GLN B 308 -32.30 23.53 -5.47
CA GLN B 308 -33.21 24.37 -6.23
C GLN B 308 -34.60 24.39 -5.58
N LYS B 309 -35.10 23.21 -5.20
CA LYS B 309 -36.42 23.14 -4.59
C LYS B 309 -36.45 23.89 -3.26
N LEU B 310 -35.37 23.80 -2.48
CA LEU B 310 -35.32 24.52 -1.21
C LEU B 310 -35.27 26.02 -1.43
N GLN B 311 -34.52 26.46 -2.46
CA GLN B 311 -34.46 27.89 -2.76
C GLN B 311 -35.80 28.40 -3.28
N LYS B 312 -36.57 27.54 -3.96
CA LYS B 312 -37.90 27.93 -4.40
C LYS B 312 -38.81 28.24 -3.20
N GLU B 313 -38.78 27.36 -2.19
CA GLU B 313 -39.63 27.56 -1.02
C GLU B 313 -39.23 28.81 -0.25
N ILE B 314 -37.92 29.10 -0.18
CA ILE B 314 -37.46 30.30 0.52
C ILE B 314 -37.89 31.55 -0.24
N ASP B 315 -37.83 31.52 -1.57
CA ASP B 315 -38.22 32.69 -2.35
C ASP B 315 -39.73 32.89 -2.32
N ALA B 316 -40.49 31.81 -2.17
CA ALA B 316 -41.94 31.94 -2.19
C ALA B 316 -42.47 32.55 -0.90
N VAL B 317 -41.79 32.30 0.22
CA VAL B 317 -42.19 32.87 1.50
C VAL B 317 -41.43 34.16 1.82
N LEU B 318 -40.25 34.37 1.25
CA LEU B 318 -39.42 35.55 1.53
C LEU B 318 -38.96 36.17 0.22
N PRO B 319 -39.78 37.03 -0.38
CA PRO B 319 -39.38 37.69 -1.62
C PRO B 319 -38.26 38.69 -1.39
N ASN B 320 -37.43 38.86 -2.43
CA ASN B 320 -36.38 39.88 -2.48
C ASN B 320 -35.40 39.76 -1.32
N LYS B 321 -35.07 38.51 -0.96
CA LYS B 321 -34.10 38.22 0.09
C LYS B 321 -34.44 38.89 1.41
N ALA B 322 -35.72 38.93 1.73
CA ALA B 322 -36.15 39.53 2.98
C ALA B 322 -35.71 38.65 4.15
N PRO B 323 -35.04 39.20 5.17
CA PRO B 323 -34.67 38.41 6.34
C PRO B 323 -35.90 37.76 6.96
N PRO B 324 -35.78 36.52 7.40
CA PRO B 324 -36.96 35.77 7.83
C PRO B 324 -37.46 36.17 9.22
N THR B 325 -38.75 35.96 9.43
CA THR B 325 -39.36 36.04 10.75
C THR B 325 -39.55 34.62 11.30
N TYR B 326 -39.87 34.55 12.59
CA TYR B 326 -40.12 33.26 13.23
C TYR B 326 -41.21 32.49 12.50
N ASP B 327 -42.31 33.16 12.15
CA ASP B 327 -43.41 32.48 11.49
C ASP B 327 -43.05 32.05 10.06
N ALA B 328 -42.23 32.85 9.36
CA ALA B 328 -41.80 32.44 8.02
C ALA B 328 -40.97 31.17 8.09
N VAL B 329 -40.09 31.07 9.09
CA VAL B 329 -39.25 29.89 9.22
C VAL B 329 -40.10 28.66 9.50
N VAL B 330 -41.03 28.77 10.45
CA VAL B 330 -41.80 27.61 10.89
C VAL B 330 -42.74 27.09 9.80
N GLN B 331 -43.07 27.92 8.80
CA GLN B 331 -43.91 27.50 7.70
C GLN B 331 -43.14 26.83 6.58
N MET B 332 -41.81 26.75 6.68
CA MET B 332 -40.99 26.16 5.63
C MET B 332 -40.90 24.66 5.89
N GLU B 333 -41.80 23.91 5.26
CA GLU B 333 -41.86 22.47 5.48
C GLU B 333 -40.64 21.77 4.88
N TYR B 334 -40.22 22.20 3.69
CA TYR B 334 -39.11 21.52 3.03
C TYR B 334 -37.79 21.79 3.73
N LEU B 335 -37.61 23.01 4.25
CA LEU B 335 -36.42 23.30 5.04
C LEU B 335 -36.34 22.41 6.27
N ASP B 336 -37.49 22.14 6.89
CA ASP B 336 -37.50 21.25 8.05
C ASP B 336 -37.10 19.84 7.68
N MET B 337 -37.53 19.37 6.50
CA MET B 337 -37.18 18.02 6.05
C MET B 337 -35.70 17.94 5.68
N VAL B 338 -35.15 19.01 5.11
CA VAL B 338 -33.74 19.00 4.75
C VAL B 338 -32.85 18.89 5.97
N VAL B 339 -33.17 19.65 7.03
CA VAL B 339 -32.38 19.60 8.26
C VAL B 339 -32.56 18.24 8.93
N ASN B 340 -33.79 17.73 8.96
CA ASN B 340 -34.03 16.44 9.59
C ASN B 340 -33.29 15.33 8.86
N GLU B 341 -33.28 15.37 7.52
CA GLU B 341 -32.59 14.33 6.77
C GLU B 341 -31.08 14.45 6.92
N THR B 342 -30.57 15.67 7.06
CA THR B 342 -29.15 15.83 7.36
C THR B 342 -28.81 15.23 8.71
N LEU B 343 -29.65 15.49 9.72
CA LEU B 343 -29.40 14.93 11.06
C LEU B 343 -29.65 13.43 11.12
N ARG B 344 -30.39 12.87 10.16
CA ARG B 344 -30.49 11.41 10.09
C ARG B 344 -29.18 10.81 9.61
N LEU B 345 -28.65 11.31 8.49
CA LEU B 345 -27.39 10.80 7.98
C LEU B 345 -26.24 11.07 8.96
N PHE B 346 -26.27 12.22 9.64
CA PHE B 346 -25.13 12.66 10.45
C PHE B 346 -25.59 13.04 11.86
N PRO B 347 -25.98 12.06 12.67
CA PRO B 347 -26.28 12.37 14.07
C PRO B 347 -24.99 12.54 14.86
N VAL B 348 -24.57 13.80 15.07
CA VAL B 348 -23.19 14.08 15.44
C VAL B 348 -22.80 13.50 16.80
N ALA B 349 -23.77 13.26 17.68
CA ALA B 349 -23.47 12.63 18.96
C ALA B 349 -23.27 11.12 18.84
N ILE B 350 -23.64 10.53 17.69
CA ILE B 350 -23.38 9.14 17.34
C ILE B 350 -24.27 8.17 18.13
N ARG B 351 -24.38 8.37 19.44
CA ARG B 351 -25.25 7.49 20.21
C ARG B 351 -25.68 8.18 21.49
N LEU B 352 -26.64 7.57 22.17
CA LEU B 352 -27.13 7.98 23.48
C LEU B 352 -26.63 7.00 24.54
N GLU B 353 -26.41 7.50 25.75
CA GLU B 353 -25.83 6.71 26.83
C GLU B 353 -26.62 6.90 28.11
N ARG B 354 -26.81 5.80 28.85
CA ARG B 354 -27.45 5.81 30.15
C ARG B 354 -26.72 4.82 31.06
N THR B 355 -26.54 5.19 32.32
CA THR B 355 -25.94 4.32 33.31
C THR B 355 -27.04 3.71 34.18
N CYS B 356 -26.88 2.42 34.50
CA CYS B 356 -27.76 1.75 35.45
C CYS B 356 -27.37 2.16 36.86
N LYS B 357 -28.23 2.93 37.53
CA LYS B 357 -27.97 3.29 38.92
C LYS B 357 -28.25 2.15 39.88
N LYS B 358 -28.85 1.06 39.39
CA LYS B 358 -29.04 -0.14 40.19
C LYS B 358 -29.27 -1.31 39.23
N ASP B 359 -29.27 -2.52 39.80
CA ASP B 359 -29.58 -3.70 39.01
C ASP B 359 -30.95 -3.56 38.37
N VAL B 360 -31.08 -4.06 37.13
CA VAL B 360 -32.30 -3.84 36.35
C VAL B 360 -32.41 -4.93 35.30
N GLU B 361 -33.64 -5.29 34.95
CA GLU B 361 -33.90 -6.26 33.90
C GLU B 361 -34.17 -5.51 32.60
N ILE B 362 -33.30 -5.69 31.62
CA ILE B 362 -33.41 -5.05 30.32
C ILE B 362 -33.53 -6.16 29.29
N ASN B 363 -34.69 -6.24 28.62
CA ASN B 363 -34.92 -7.21 27.55
C ASN B 363 -34.71 -8.64 28.06
N GLY B 364 -35.32 -8.93 29.21
CA GLY B 364 -35.21 -10.24 29.82
C GLY B 364 -33.84 -10.57 30.38
N VAL B 365 -32.94 -9.59 30.48
CA VAL B 365 -31.58 -9.80 30.93
C VAL B 365 -31.34 -8.95 32.17
N PHE B 366 -30.66 -9.53 33.17
CA PHE B 366 -30.35 -8.83 34.41
C PHE B 366 -28.99 -8.14 34.24
N ILE B 367 -29.00 -6.82 34.21
CA ILE B 367 -27.80 -6.02 33.98
C ILE B 367 -27.37 -5.41 35.32
N PRO B 368 -26.09 -5.53 35.70
CA PRO B 368 -25.68 -5.07 37.03
C PRO B 368 -25.56 -3.55 37.13
N LYS B 369 -25.65 -3.08 38.37
CA LYS B 369 -25.48 -1.66 38.67
C LYS B 369 -24.13 -1.17 38.18
N GLY B 370 -24.13 0.02 37.57
CA GLY B 370 -22.93 0.64 37.06
C GLY B 370 -22.70 0.42 35.58
N SER B 371 -23.37 -0.55 34.97
CA SER B 371 -23.22 -0.80 33.54
C SER B 371 -23.83 0.36 32.74
N MET B 372 -23.41 0.45 31.48
CA MET B 372 -23.88 1.48 30.57
C MET B 372 -24.76 0.87 29.50
N VAL B 373 -25.89 1.54 29.23
CA VAL B 373 -26.79 1.16 28.15
C VAL B 373 -26.64 2.20 27.05
N VAL B 374 -26.49 1.74 25.82
CA VAL B 374 -26.23 2.61 24.67
C VAL B 374 -27.35 2.40 23.65
N ILE B 375 -27.87 3.51 23.12
CA ILE B 375 -28.77 3.48 21.97
C ILE B 375 -27.94 3.92 20.77
N PRO B 376 -27.59 2.99 19.87
CA PRO B 376 -26.68 3.36 18.77
C PRO B 376 -27.39 4.18 17.69
N THR B 377 -27.52 5.48 17.93
CA THR B 377 -28.29 6.34 17.04
C THR B 377 -27.82 6.22 15.59
N TYR B 378 -26.50 6.26 15.37
CA TYR B 378 -25.97 6.21 14.01
C TYR B 378 -26.36 4.91 13.32
N ALA B 379 -26.17 3.78 14.00
CA ALA B 379 -26.49 2.48 13.40
C ALA B 379 -27.97 2.38 13.06
N LEU B 380 -28.84 2.92 13.92
CA LEU B 380 -30.28 2.85 13.68
C LEU B 380 -30.70 3.85 12.61
N HIS B 381 -30.04 5.00 12.54
CA HIS B 381 -30.33 5.96 11.48
C HIS B 381 -29.97 5.42 10.11
N HIS B 382 -29.06 4.45 10.04
CA HIS B 382 -28.62 3.87 8.78
C HIS B 382 -29.13 2.44 8.60
N ASP B 383 -30.12 2.05 9.38
CA ASP B 383 -30.63 0.68 9.34
C ASP B 383 -31.62 0.54 8.19
N PRO B 384 -31.35 -0.32 7.21
CA PRO B 384 -32.34 -0.53 6.15
C PRO B 384 -33.66 -1.10 6.64
N LYS B 385 -33.68 -1.67 7.84
CA LYS B 385 -34.93 -2.16 8.42
C LYS B 385 -35.93 -1.02 8.62
N TYR B 386 -35.44 0.19 8.90
CA TYR B 386 -36.31 1.33 9.16
C TYR B 386 -36.29 2.39 8.07
N TRP B 387 -35.29 2.39 7.18
CA TRP B 387 -35.19 3.42 6.16
C TRP B 387 -34.83 2.76 4.84
N THR B 388 -35.58 3.10 3.79
CA THR B 388 -35.29 2.57 2.47
C THR B 388 -34.07 3.28 1.89
N GLU B 389 -33.10 2.50 1.42
CA GLU B 389 -31.81 3.01 0.94
C GLU B 389 -31.24 4.01 1.94
N PRO B 390 -30.80 3.55 3.12
CA PRO B 390 -30.48 4.49 4.20
C PRO B 390 -29.28 5.39 3.92
N GLU B 391 -28.43 5.07 2.95
CA GLU B 391 -27.26 5.90 2.70
C GLU B 391 -27.58 7.12 1.84
N GLU B 392 -28.77 7.19 1.24
CA GLU B 392 -29.08 8.28 0.33
C GLU B 392 -29.75 9.44 1.06
N PHE B 393 -29.50 10.64 0.54
CA PHE B 393 -30.04 11.89 1.12
C PHE B 393 -31.39 12.15 0.48
N ARG B 394 -32.47 11.91 1.24
CA ARG B 394 -33.84 12.09 0.75
C ARG B 394 -34.65 12.82 1.80
N PRO B 395 -34.80 14.14 1.66
CA PRO B 395 -35.63 14.88 2.63
C PRO B 395 -37.09 14.44 2.63
N GLU B 396 -37.56 13.83 1.54
CA GLU B 396 -38.96 13.41 1.44
C GLU B 396 -39.31 12.28 2.42
N ARG B 397 -38.31 11.69 3.09
CA ARG B 397 -38.60 10.74 4.15
C ARG B 397 -39.45 11.38 5.24
N PHE B 398 -39.20 12.64 5.53
CA PHE B 398 -39.86 13.34 6.62
C PHE B 398 -41.09 14.12 6.17
N SER B 399 -41.60 13.87 4.97
CA SER B 399 -42.87 14.44 4.58
C SER B 399 -43.99 13.80 5.39
N LYS B 400 -44.93 14.62 5.86
CA LYS B 400 -46.02 14.11 6.68
C LYS B 400 -46.87 13.08 5.95
N LYS B 401 -46.87 13.11 4.62
CA LYS B 401 -47.64 12.14 3.85
C LYS B 401 -46.98 10.77 3.81
N LYS B 402 -45.71 10.67 4.17
CA LYS B 402 -44.98 9.41 4.15
C LYS B 402 -45.15 8.67 5.47
N ASP B 403 -44.69 7.42 5.50
CA ASP B 403 -44.75 6.58 6.69
C ASP B 403 -44.17 7.30 7.91
N SER B 404 -44.72 7.00 9.08
CA SER B 404 -44.37 7.70 10.29
C SER B 404 -42.96 7.33 10.75
N ILE B 405 -42.34 8.24 11.50
CA ILE B 405 -40.99 8.08 12.01
C ILE B 405 -41.07 7.72 13.48
N ASP B 406 -40.46 6.59 13.85
CA ASP B 406 -40.41 6.16 15.24
C ASP B 406 -39.48 7.07 16.03
N PRO B 407 -39.93 7.68 17.13
CA PRO B 407 -39.06 8.62 17.86
C PRO B 407 -37.98 7.94 18.68
N TYR B 408 -37.98 6.61 18.77
CA TYR B 408 -36.92 5.88 19.43
C TYR B 408 -35.89 5.33 18.46
N ILE B 409 -36.18 5.35 17.16
CA ILE B 409 -35.20 5.04 16.13
C ILE B 409 -34.45 6.29 15.69
N TYR B 410 -35.20 7.37 15.45
CA TYR B 410 -34.64 8.67 15.05
C TYR B 410 -34.41 9.49 16.32
N THR B 411 -33.16 9.53 16.79
CA THR B 411 -32.81 10.17 18.06
C THR B 411 -31.57 11.06 17.93
N PRO B 412 -31.57 12.02 17.00
CA PRO B 412 -30.41 12.94 16.92
C PRO B 412 -30.30 13.86 18.13
N PHE B 413 -31.41 14.14 18.81
CA PHE B 413 -31.39 14.93 20.03
C PHE B 413 -31.80 14.10 21.25
N GLY B 414 -31.85 12.78 21.13
CA GLY B 414 -32.33 11.94 22.19
C GLY B 414 -33.83 12.07 22.39
N THR B 415 -34.31 11.41 23.44
CA THR B 415 -35.73 11.40 23.78
C THR B 415 -35.85 11.19 25.29
N GLY B 416 -36.93 11.72 25.86
CA GLY B 416 -37.23 11.54 27.26
C GLY B 416 -36.80 12.71 28.11
N PRO B 417 -36.88 12.55 29.44
CA PRO B 417 -36.51 13.65 30.35
C PRO B 417 -35.07 14.10 30.23
N ARG B 418 -34.21 13.31 29.60
CA ARG B 418 -32.79 13.61 29.52
C ARG B 418 -32.36 14.07 28.12
N ASN B 419 -33.32 14.44 27.27
CA ASN B 419 -33.01 14.76 25.89
C ASN B 419 -32.40 16.16 25.79
N CYS B 420 -32.09 16.55 24.55
CA CYS B 420 -31.47 17.86 24.30
C CYS B 420 -32.43 18.98 24.64
N ILE B 421 -32.05 19.81 25.62
CA ILE B 421 -32.90 20.91 26.06
C ILE B 421 -32.87 22.09 25.10
N GLY B 422 -31.82 22.23 24.29
CA GLY B 422 -31.72 23.32 23.33
C GLY B 422 -32.01 22.91 21.90
N MET B 423 -32.79 21.84 21.73
CA MET B 423 -33.07 21.31 20.40
C MET B 423 -33.77 22.35 19.52
N ARG B 424 -34.84 22.95 20.03
CA ARG B 424 -35.56 23.98 19.26
C ARG B 424 -34.62 25.14 18.91
N PHE B 425 -33.79 25.57 19.86
CA PHE B 425 -32.85 26.66 19.60
C PHE B 425 -31.84 26.27 18.53
N ALA B 426 -31.33 25.04 18.58
CA ALA B 426 -30.34 24.60 17.60
C ALA B 426 -30.94 24.52 16.21
N LEU B 427 -32.17 24.00 16.09
CA LEU B 427 -32.82 23.92 14.80
C LEU B 427 -33.10 25.31 14.22
N MET B 428 -33.55 26.24 15.06
CA MET B 428 -33.77 27.60 14.60
C MET B 428 -32.46 28.25 14.17
N ASN B 429 -31.38 27.97 14.89
CA ASN B 429 -30.09 28.57 14.56
C ASN B 429 -29.59 28.11 13.19
N MET B 430 -29.77 26.83 12.88
CA MET B 430 -29.26 26.29 11.62
C MET B 430 -30.15 26.68 10.44
N LYS B 431 -31.48 26.64 10.64
CA LYS B 431 -32.39 27.03 9.56
C LYS B 431 -32.18 28.48 9.16
N LEU B 432 -31.94 29.35 10.13
CA LEU B 432 -31.71 30.76 9.83
C LEU B 432 -30.47 30.96 8.99
N ALA B 433 -29.38 30.27 9.35
CA ALA B 433 -28.15 30.34 8.57
C ALA B 433 -28.38 29.84 7.15
N LEU B 434 -29.08 28.71 7.02
CA LEU B 434 -29.33 28.13 5.70
C LEU B 434 -30.18 29.07 4.84
N ILE B 435 -31.23 29.65 5.43
CA ILE B 435 -32.10 30.55 4.67
C ILE B 435 -31.28 31.71 4.11
N ARG B 436 -30.43 32.30 4.93
CA ARG B 436 -29.69 33.50 4.52
C ARG B 436 -28.69 33.20 3.41
N VAL B 437 -27.94 32.10 3.53
CA VAL B 437 -26.93 31.80 2.53
C VAL B 437 -27.58 31.29 1.24
N LEU B 438 -28.72 30.61 1.35
CA LEU B 438 -29.40 30.13 0.16
C LEU B 438 -30.21 31.23 -0.52
N GLN B 439 -30.60 32.26 0.22
CA GLN B 439 -31.17 33.44 -0.42
C GLN B 439 -30.17 34.13 -1.31
N ASN B 440 -28.89 34.09 -0.94
CA ASN B 440 -27.85 34.86 -1.62
C ASN B 440 -26.93 34.03 -2.51
N PHE B 441 -26.79 32.73 -2.24
CA PHE B 441 -25.77 31.94 -2.92
C PHE B 441 -26.33 30.61 -3.39
N SER B 442 -25.67 30.06 -4.41
CA SER B 442 -25.79 28.66 -4.79
C SER B 442 -24.45 27.98 -4.53
N PHE B 443 -24.50 26.68 -4.27
CA PHE B 443 -23.33 25.92 -3.85
C PHE B 443 -23.12 24.75 -4.81
N LYS B 444 -21.90 24.61 -5.30
CA LYS B 444 -21.55 23.59 -6.26
C LYS B 444 -20.28 22.86 -5.81
N PRO B 445 -20.11 21.61 -6.24
CA PRO B 445 -18.86 20.90 -5.95
C PRO B 445 -17.74 21.38 -6.87
N CYS B 446 -16.53 21.40 -6.33
CA CYS B 446 -15.31 21.66 -7.08
C CYS B 446 -14.37 20.48 -6.88
N LYS B 447 -13.13 20.62 -7.37
CA LYS B 447 -12.19 19.52 -7.20
C LYS B 447 -11.79 19.32 -5.74
N GLU B 448 -11.91 20.37 -4.92
CA GLU B 448 -11.61 20.25 -3.49
C GLU B 448 -12.74 19.61 -2.71
N THR B 449 -13.91 19.42 -3.31
CA THR B 449 -15.00 18.74 -2.64
C THR B 449 -14.74 17.24 -2.63
N GLN B 450 -14.84 16.63 -1.44
CA GLN B 450 -14.50 15.22 -1.25
C GLN B 450 -15.70 14.37 -1.63
N ILE B 451 -15.57 13.61 -2.72
CA ILE B 451 -16.61 12.70 -3.17
C ILE B 451 -15.95 11.35 -3.45
N PRO B 452 -16.35 10.27 -2.75
CA PRO B 452 -17.39 10.28 -1.72
C PRO B 452 -16.93 10.90 -0.40
N LEU B 453 -17.89 11.35 0.41
CA LEU B 453 -17.57 11.99 1.68
C LEU B 453 -17.06 10.97 2.69
N LYS B 454 -15.94 11.27 3.33
CA LYS B 454 -15.38 10.46 4.40
C LYS B 454 -15.63 11.13 5.74
N LEU B 455 -15.85 10.31 6.76
CA LEU B 455 -16.18 10.79 8.09
C LEU B 455 -14.98 10.72 9.01
N ASP B 456 -14.88 11.69 9.91
CA ASP B 456 -13.83 11.68 10.92
C ASP B 456 -13.97 10.44 11.80
N THR B 457 -12.83 9.87 12.20
CA THR B 457 -12.82 8.70 13.06
C THR B 457 -12.69 9.03 14.53
N GLN B 458 -12.47 10.30 14.88
CA GLN B 458 -12.27 10.71 16.26
C GLN B 458 -13.42 11.61 16.69
N GLY B 459 -14.05 11.26 17.81
CA GLY B 459 -14.88 12.22 18.49
C GLY B 459 -16.20 12.52 17.77
N LEU B 460 -16.60 13.79 17.84
CA LEU B 460 -17.85 14.23 17.25
C LEU B 460 -17.88 13.92 15.75
N LEU B 461 -19.04 13.55 15.25
CA LEU B 461 -19.19 13.25 13.84
C LEU B 461 -18.95 14.51 13.02
N GLN B 462 -17.95 14.47 12.15
CA GLN B 462 -17.57 15.61 11.33
C GLN B 462 -16.87 15.08 10.09
N PRO B 463 -16.75 15.88 9.04
CA PRO B 463 -16.01 15.43 7.86
C PRO B 463 -14.54 15.18 8.18
N GLU B 464 -13.99 14.15 7.52
CA GLU B 464 -12.57 13.86 7.71
C GLU B 464 -11.71 15.05 7.33
N LYS B 465 -12.02 15.69 6.20
CA LYS B 465 -11.37 16.90 5.74
C LYS B 465 -12.37 18.04 5.72
N PRO B 466 -11.92 19.28 5.97
CA PRO B 466 -12.85 20.42 5.93
C PRO B 466 -13.54 20.51 4.58
N ILE B 467 -14.86 20.71 4.62
CA ILE B 467 -15.64 20.72 3.39
C ILE B 467 -15.34 22.00 2.62
N VAL B 468 -15.09 21.85 1.33
CA VAL B 468 -14.83 22.97 0.43
C VAL B 468 -15.86 22.93 -0.69
N LEU B 469 -16.46 24.08 -0.98
CA LEU B 469 -17.48 24.18 -2.01
C LEU B 469 -17.28 25.47 -2.81
N LYS B 470 -17.70 25.44 -4.07
CA LYS B 470 -17.75 26.64 -4.89
C LYS B 470 -19.04 27.40 -4.58
N VAL B 471 -18.92 28.70 -4.33
CA VAL B 471 -20.03 29.51 -3.88
C VAL B 471 -20.25 30.64 -4.89
N ASP B 472 -21.44 30.68 -5.48
CA ASP B 472 -21.78 31.65 -6.52
C ASP B 472 -22.97 32.49 -6.08
N SER B 473 -22.92 33.78 -6.39
CA SER B 473 -24.03 34.68 -6.04
C SER B 473 -25.21 34.45 -6.97
N ARG B 474 -26.38 34.92 -6.53
CA ARG B 474 -27.64 34.74 -7.26
C ARG B 474 -28.03 36.08 -7.86
N ASP B 475 -27.44 36.40 -9.01
CA ASP B 475 -27.77 37.61 -9.74
C ASP B 475 -29.01 37.41 -10.60
N THR C 8 13.37 26.39 -51.84
CA THR C 8 12.84 25.84 -50.59
C THR C 8 13.49 26.48 -49.37
N HIS C 9 14.61 27.17 -49.57
CA HIS C 9 15.26 27.87 -48.48
C HIS C 9 14.47 29.07 -47.98
N GLY C 10 13.30 29.34 -48.56
CA GLY C 10 12.38 30.32 -48.03
C GLY C 10 11.16 29.75 -47.35
N LEU C 11 11.15 28.44 -47.05
CA LEU C 11 9.97 27.81 -46.47
C LEU C 11 9.64 28.40 -45.10
N PHE C 12 10.59 28.33 -44.17
CA PHE C 12 10.35 28.85 -42.83
C PHE C 12 10.13 30.35 -42.84
N LYS C 13 10.73 31.07 -43.80
CA LYS C 13 10.47 32.50 -43.92
C LYS C 13 9.02 32.76 -44.34
N ARG C 14 8.49 31.92 -45.24
CA ARG C 14 7.09 32.05 -45.63
C ARG C 14 6.16 31.73 -44.47
N LEU C 15 6.50 30.70 -43.68
CA LEU C 15 5.67 30.28 -42.57
C LEU C 15 5.77 31.20 -41.35
N GLY C 16 6.70 32.16 -41.36
CA GLY C 16 6.92 32.98 -40.19
C GLY C 16 7.69 32.29 -39.08
N ILE C 17 8.50 31.30 -39.42
CA ILE C 17 9.32 30.58 -38.45
C ILE C 17 10.73 31.17 -38.50
N PRO C 18 11.28 31.65 -37.39
CA PRO C 18 12.64 32.19 -37.41
C PRO C 18 13.67 31.08 -37.58
N GLY C 19 14.91 31.50 -37.82
CA GLY C 19 16.01 30.57 -37.98
C GLY C 19 17.23 31.22 -38.60
N PRO C 20 18.37 30.54 -38.52
CA PRO C 20 19.59 31.09 -39.11
C PRO C 20 19.55 31.00 -40.63
N THR C 21 20.17 31.99 -41.27
CA THR C 21 20.20 32.03 -42.73
C THR C 21 20.96 30.82 -43.28
N PRO C 22 20.36 30.06 -44.19
CA PRO C 22 21.09 28.95 -44.80
C PRO C 22 22.01 29.41 -45.92
N LEU C 23 23.02 28.59 -46.20
CA LEU C 23 23.88 28.78 -47.36
C LEU C 23 23.35 27.96 -48.53
N PRO C 24 23.66 28.36 -49.76
CA PRO C 24 23.31 27.52 -50.90
C PRO C 24 23.92 26.14 -50.78
N LEU C 25 23.22 25.14 -51.34
CA LEU C 25 23.60 23.74 -51.30
C LEU C 25 23.61 23.18 -49.88
N LEU C 26 24.39 23.78 -48.99
CA LEU C 26 24.63 23.18 -47.67
C LEU C 26 23.46 23.42 -46.72
N GLY C 27 22.76 24.53 -46.85
CA GLY C 27 21.81 24.92 -45.82
C GLY C 27 22.53 25.44 -44.61
N ASN C 28 22.23 24.89 -43.44
CA ASN C 28 22.89 25.27 -42.19
C ASN C 28 23.89 24.24 -41.71
N VAL C 29 24.22 23.25 -42.53
CA VAL C 29 25.04 22.12 -42.10
C VAL C 29 26.42 22.56 -41.64
N LEU C 30 26.97 23.62 -42.25
CA LEU C 30 28.29 24.09 -41.84
C LEU C 30 28.32 24.53 -40.39
N SER C 31 27.19 25.02 -39.87
CA SER C 31 27.11 25.42 -38.47
C SER C 31 27.15 24.23 -37.52
N TYR C 32 27.09 23.01 -38.03
CA TYR C 32 27.25 21.83 -37.18
C TYR C 32 28.68 21.67 -36.70
N ARG C 33 29.66 22.22 -37.42
CA ARG C 33 31.06 21.92 -37.16
C ARG C 33 31.53 22.40 -35.79
N GLN C 34 30.82 23.35 -35.18
CA GLN C 34 31.10 23.73 -33.80
C GLN C 34 30.46 22.79 -32.79
N GLY C 35 29.74 21.77 -33.26
CA GLY C 35 28.99 20.88 -32.39
C GLY C 35 27.50 21.09 -32.51
N LEU C 36 26.76 20.00 -32.71
CA LEU C 36 25.30 20.10 -32.74
C LEU C 36 24.75 20.64 -31.44
N TRP C 37 25.34 20.22 -30.31
CA TRP C 37 24.90 20.70 -29.01
C TRP C 37 25.04 22.21 -28.91
N LYS C 38 26.13 22.76 -29.45
CA LYS C 38 26.34 24.20 -29.40
C LYS C 38 25.40 24.92 -30.35
N PHE C 39 25.23 24.39 -31.57
CA PHE C 39 24.34 25.00 -32.55
C PHE C 39 22.91 25.02 -32.04
N ASP C 40 22.44 23.93 -31.45
CA ASP C 40 21.07 23.89 -30.95
C ASP C 40 20.88 24.84 -29.77
N THR C 41 21.85 24.92 -28.87
CA THR C 41 21.74 25.85 -27.75
C THR C 41 21.64 27.30 -28.23
N GLU C 42 22.46 27.67 -29.22
CA GLU C 42 22.47 29.05 -29.69
C GLU C 42 21.18 29.40 -30.42
N CYS C 43 20.64 28.47 -31.22
CA CYS C 43 19.36 28.71 -31.87
C CYS C 43 18.23 28.84 -30.85
N TYR C 44 18.27 28.01 -29.80
CA TYR C 44 17.27 28.08 -28.75
C TYR C 44 17.27 29.45 -28.08
N LYS C 45 18.45 29.95 -27.74
CA LYS C 45 18.54 31.24 -27.06
C LYS C 45 18.11 32.39 -27.98
N LYS C 46 18.39 32.28 -29.28
CA LYS C 46 18.07 33.37 -30.19
C LYS C 46 16.61 33.37 -30.61
N TYR C 47 16.08 32.21 -30.99
CA TYR C 47 14.80 32.13 -31.67
C TYR C 47 13.66 31.62 -30.80
N GLY C 48 13.95 30.96 -29.69
CA GLY C 48 12.92 30.69 -28.69
C GLY C 48 12.32 29.32 -28.84
N LYS C 49 10.98 29.26 -28.79
CA LYS C 49 10.28 27.98 -28.68
C LYS C 49 10.35 27.15 -29.95
N MET C 50 10.64 27.76 -31.10
CA MET C 50 10.55 27.03 -32.36
C MET C 50 11.41 27.75 -33.40
N TRP C 51 12.20 27.00 -34.16
CA TRP C 51 13.01 27.57 -35.23
C TRP C 51 13.23 26.53 -36.32
N GLY C 52 13.73 27.00 -37.45
CA GLY C 52 13.89 26.14 -38.62
C GLY C 52 15.26 26.27 -39.23
N THR C 53 15.83 25.12 -39.62
CA THR C 53 17.11 25.05 -40.30
C THR C 53 16.94 24.19 -41.56
N TYR C 54 18.03 24.02 -42.30
CA TYR C 54 18.03 23.23 -43.51
C TYR C 54 19.26 22.34 -43.58
N GLU C 55 19.04 21.05 -43.77
CA GLU C 55 20.11 20.11 -44.09
C GLU C 55 20.12 19.95 -45.60
N GLY C 56 21.04 20.66 -46.26
CA GLY C 56 20.95 20.78 -47.70
C GLY C 56 19.70 21.55 -48.07
N GLN C 57 18.74 20.88 -48.70
CA GLN C 57 17.44 21.46 -48.99
C GLN C 57 16.36 20.94 -48.04
N LEU C 58 16.70 20.02 -47.16
CA LEU C 58 15.72 19.38 -46.29
C LEU C 58 15.33 20.31 -45.16
N PRO C 59 14.05 20.68 -45.03
CA PRO C 59 13.63 21.55 -43.92
C PRO C 59 13.66 20.81 -42.59
N VAL C 60 14.17 21.47 -41.57
CA VAL C 60 14.30 20.91 -40.23
C VAL C 60 13.65 21.88 -39.26
N LEU C 61 12.60 21.43 -38.59
CA LEU C 61 11.89 22.23 -37.60
C LEU C 61 12.25 21.74 -36.20
N ALA C 62 12.72 22.65 -35.36
CA ALA C 62 13.06 22.33 -33.98
C ALA C 62 11.97 22.86 -33.05
N ILE C 63 11.53 22.01 -32.11
CA ILE C 63 10.45 22.34 -31.18
C ILE C 63 10.94 22.14 -29.76
N THR C 64 10.56 23.06 -28.86
CA THR C 64 10.94 22.97 -27.46
C THR C 64 9.77 22.96 -26.49
N ASP C 65 8.55 23.20 -26.96
CA ASP C 65 7.37 23.20 -26.10
C ASP C 65 7.03 21.78 -25.66
N PRO C 66 6.98 21.49 -24.36
CA PRO C 66 6.65 20.11 -23.92
C PRO C 66 5.38 19.55 -24.53
N ASP C 67 4.34 20.36 -24.68
CA ASP C 67 3.10 19.86 -25.25
C ASP C 67 3.27 19.52 -26.73
N VAL C 68 3.99 20.36 -27.47
CA VAL C 68 4.26 20.07 -28.88
C VAL C 68 5.15 18.84 -29.00
N ILE C 69 6.16 18.73 -28.14
CA ILE C 69 7.03 17.55 -28.14
C ILE C 69 6.22 16.29 -27.88
N ARG C 70 5.30 16.35 -26.91
CA ARG C 70 4.46 15.20 -26.60
C ARG C 70 3.60 14.79 -27.80
N THR C 71 3.13 15.78 -28.58
CA THR C 71 2.35 15.46 -29.76
C THR C 71 3.19 14.73 -30.81
N VAL C 72 4.44 15.15 -31.00
CA VAL C 72 5.27 14.56 -32.05
C VAL C 72 5.76 13.18 -31.64
N LEU C 73 6.20 13.03 -30.39
CA LEU C 73 6.83 11.79 -29.97
C LEU C 73 5.83 10.73 -29.54
N VAL C 74 4.64 11.12 -29.10
CA VAL C 74 3.70 10.15 -28.55
C VAL C 74 2.40 10.12 -29.33
N LYS C 75 1.67 11.24 -29.31
CA LYS C 75 0.29 11.25 -29.81
C LYS C 75 0.22 10.94 -31.30
N GLU C 76 1.11 11.55 -32.09
CA GLU C 76 1.08 11.40 -33.54
C GLU C 76 2.26 10.59 -34.07
N CYS C 77 2.78 9.68 -33.24
CA CYS C 77 3.89 8.84 -33.67
C CYS C 77 3.48 7.89 -34.78
N TYR C 78 2.44 7.09 -34.54
CA TYR C 78 2.04 6.08 -35.51
C TYR C 78 1.45 6.70 -36.76
N SER C 79 0.81 7.86 -36.64
CA SER C 79 0.10 8.45 -37.76
C SER C 79 0.97 9.39 -38.60
N VAL C 80 1.96 10.04 -38.02
CA VAL C 80 2.75 11.02 -38.75
C VAL C 80 4.24 10.83 -38.52
N PHE C 81 4.66 10.81 -37.26
CA PHE C 81 6.08 10.83 -36.92
C PHE C 81 6.56 9.44 -36.52
N THR C 82 6.47 8.50 -37.47
CA THR C 82 6.74 7.10 -37.17
C THR C 82 8.23 6.76 -37.27
N ASN C 83 8.97 7.50 -38.10
CA ASN C 83 10.35 7.17 -38.40
C ASN C 83 11.24 8.38 -38.17
N ARG C 84 12.53 8.12 -38.06
CA ARG C 84 13.51 9.19 -38.00
C ARG C 84 13.91 9.57 -39.43
N ARG C 85 15.13 10.03 -39.63
CA ARG C 85 15.52 10.55 -40.93
C ARG C 85 15.64 9.42 -41.95
N SER C 86 15.66 9.82 -43.22
CA SER C 86 15.97 8.92 -44.33
C SER C 86 17.48 8.97 -44.54
N LEU C 87 18.18 8.01 -43.92
CA LEU C 87 19.63 7.93 -44.12
C LEU C 87 19.96 7.71 -45.59
N GLY C 88 19.19 6.87 -46.27
CA GLY C 88 19.42 6.59 -47.66
C GLY C 88 19.78 5.13 -47.90
N PRO C 89 20.85 4.90 -48.65
CA PRO C 89 21.28 3.53 -48.96
C PRO C 89 21.96 2.89 -47.75
N VAL C 90 21.35 1.83 -47.23
CA VAL C 90 21.86 1.14 -46.05
C VAL C 90 21.95 -0.36 -46.32
N GLY C 91 21.44 -0.80 -47.46
CA GLY C 91 21.51 -2.21 -47.80
C GLY C 91 20.54 -3.03 -46.97
N PHE C 92 20.97 -4.23 -46.58
CA PHE C 92 20.13 -5.11 -45.78
C PHE C 92 19.85 -4.56 -44.39
N MET C 93 20.64 -3.55 -43.95
CA MET C 93 20.44 -2.94 -42.65
C MET C 93 19.11 -2.20 -42.59
N LYS C 94 18.39 -2.15 -43.72
CA LYS C 94 17.01 -1.68 -43.70
C LYS C 94 16.12 -2.56 -42.84
N SER C 95 16.54 -3.81 -42.60
CA SER C 95 15.80 -4.70 -41.70
C SER C 95 16.09 -4.42 -40.24
N ALA C 96 17.13 -3.66 -39.93
CA ALA C 96 17.42 -3.31 -38.56
C ALA C 96 16.28 -2.50 -37.95
N ILE C 97 16.05 -2.71 -36.66
CA ILE C 97 14.84 -2.17 -36.01
C ILE C 97 14.83 -0.65 -36.09
N SER C 98 15.97 -0.02 -35.86
CA SER C 98 16.00 1.45 -35.86
C SER C 98 15.78 2.01 -37.26
N LEU C 99 16.28 1.32 -38.28
CA LEU C 99 16.17 1.82 -39.65
C LEU C 99 14.90 1.37 -40.35
N ALA C 100 14.25 0.32 -39.86
CA ALA C 100 12.98 -0.10 -40.44
C ALA C 100 11.92 0.98 -40.22
N GLU C 101 10.95 1.02 -41.13
CA GLU C 101 9.97 2.09 -41.13
C GLU C 101 8.55 1.52 -41.18
N ASP C 102 7.64 2.22 -40.50
CA ASP C 102 6.19 2.01 -40.64
C ASP C 102 5.85 0.59 -40.18
N GLU C 103 5.13 -0.20 -40.98
CA GLU C 103 4.66 -1.51 -40.52
C GLU C 103 5.83 -2.47 -40.30
N GLU C 104 6.86 -2.39 -41.14
CA GLU C 104 8.02 -3.24 -40.94
C GLU C 104 8.68 -2.96 -39.60
N TRP C 105 8.73 -1.69 -39.20
CA TRP C 105 9.28 -1.36 -37.89
C TRP C 105 8.41 -1.91 -36.77
N LYS C 106 7.08 -1.76 -36.90
CA LYS C 106 6.17 -2.29 -35.89
C LYS C 106 6.34 -3.79 -35.72
N ARG C 107 6.57 -4.51 -36.82
CA ARG C 107 6.78 -5.95 -36.73
C ARG C 107 8.07 -6.28 -36.01
N ILE C 108 9.17 -5.64 -36.42
CA ILE C 108 10.48 -5.93 -35.83
C ILE C 108 10.48 -5.59 -34.34
N ARG C 109 9.96 -4.41 -34.00
CA ARG C 109 9.92 -4.01 -32.60
C ARG C 109 9.05 -4.94 -31.78
N SER C 110 7.94 -5.42 -32.36
CA SER C 110 7.09 -6.36 -31.64
C SER C 110 7.81 -7.67 -31.39
N LEU C 111 8.64 -8.12 -32.33
CA LEU C 111 9.40 -9.35 -32.14
C LEU C 111 10.50 -9.16 -31.10
N LEU C 112 11.08 -7.96 -31.01
CA LEU C 112 12.21 -7.74 -30.11
C LEU C 112 11.79 -7.28 -28.71
N SER C 113 10.56 -6.81 -28.54
CA SER C 113 10.11 -6.35 -27.24
C SER C 113 10.28 -7.38 -26.14
N PRO C 114 9.90 -8.66 -26.31
CA PRO C 114 10.10 -9.63 -25.21
C PRO C 114 11.55 -9.80 -24.81
N THR C 115 12.50 -9.47 -25.69
CA THR C 115 13.91 -9.62 -25.38
C THR C 115 14.38 -8.59 -24.35
N PHE C 116 13.76 -7.42 -24.31
CA PHE C 116 14.23 -6.33 -23.46
C PHE C 116 13.33 -6.08 -22.27
N THR C 117 12.63 -7.11 -21.80
CA THR C 117 11.88 -6.99 -20.56
C THR C 117 12.81 -7.09 -19.37
N SER C 118 12.38 -6.51 -18.24
CA SER C 118 13.19 -6.60 -17.02
C SER C 118 13.34 -8.04 -16.55
N GLY C 119 12.39 -8.91 -16.88
CA GLY C 119 12.56 -10.32 -16.57
C GLY C 119 13.73 -10.93 -17.30
N LYS C 120 13.87 -10.62 -18.59
CA LYS C 120 15.00 -11.15 -19.35
C LYS C 120 16.31 -10.47 -18.96
N LEU C 121 16.27 -9.18 -18.62
CA LEU C 121 17.47 -8.51 -18.12
C LEU C 121 17.93 -9.15 -16.82
N LYS C 122 17.00 -9.54 -15.96
CA LYS C 122 17.37 -10.25 -14.74
C LYS C 122 18.02 -11.59 -15.06
N GLU C 123 17.60 -12.24 -16.15
CA GLU C 123 18.20 -13.50 -16.54
C GLU C 123 19.61 -13.31 -17.10
N MET C 124 19.81 -12.26 -17.91
CA MET C 124 21.12 -12.00 -18.50
C MET C 124 22.11 -11.39 -17.52
N PHE C 125 21.66 -10.96 -16.35
CA PHE C 125 22.53 -10.27 -15.40
C PHE C 125 23.85 -10.99 -15.11
N PRO C 126 23.88 -12.30 -14.85
CA PRO C 126 25.16 -12.93 -14.49
C PRO C 126 26.25 -12.79 -15.55
N ILE C 127 25.91 -12.84 -16.84
CA ILE C 127 26.96 -12.68 -17.84
C ILE C 127 27.37 -11.22 -18.01
N ILE C 128 26.53 -10.27 -17.60
CA ILE C 128 26.99 -8.89 -17.50
C ILE C 128 27.96 -8.75 -16.34
N ALA C 129 27.68 -9.43 -15.23
CA ALA C 129 28.50 -9.27 -14.03
C ALA C 129 29.89 -9.85 -14.21
N GLN C 130 30.02 -10.92 -14.99
CA GLN C 130 31.33 -11.54 -15.18
C GLN C 130 32.29 -10.59 -15.88
N TYR C 131 31.78 -9.71 -16.74
CA TYR C 131 32.64 -8.73 -17.38
C TYR C 131 33.11 -7.65 -16.42
N GLY C 132 32.39 -7.44 -15.30
CA GLY C 132 32.86 -6.50 -14.30
C GLY C 132 34.16 -6.93 -13.65
N ASP C 133 34.40 -8.24 -13.55
CA ASP C 133 35.66 -8.72 -13.00
C ASP C 133 36.83 -8.38 -13.90
N VAL C 134 36.64 -8.52 -15.21
CA VAL C 134 37.69 -8.13 -16.16
C VAL C 134 37.96 -6.63 -16.07
N LEU C 135 36.90 -5.84 -15.85
CA LEU C 135 37.05 -4.39 -15.75
C LEU C 135 37.92 -4.01 -14.56
N VAL C 136 37.62 -4.58 -13.37
CA VAL C 136 38.39 -4.24 -12.18
C VAL C 136 39.84 -4.66 -12.34
N ARG C 137 40.07 -5.83 -12.95
CA ARG C 137 41.43 -6.33 -13.14
C ARG C 137 42.22 -5.42 -14.07
N ASN C 138 41.63 -5.07 -15.21
CA ASN C 138 42.30 -4.18 -16.16
C ASN C 138 42.54 -2.80 -15.55
N LEU C 139 41.60 -2.33 -14.72
CA LEU C 139 41.75 -1.02 -14.11
C LEU C 139 42.83 -1.03 -13.03
N ARG C 140 42.88 -2.10 -12.23
CA ARG C 140 43.93 -2.21 -11.22
C ARG C 140 45.31 -2.29 -11.86
N ARG C 141 45.42 -2.94 -13.02
CA ARG C 141 46.69 -3.01 -13.72
C ARG C 141 47.21 -1.62 -14.07
N GLU C 142 46.34 -0.77 -14.62
CA GLU C 142 46.75 0.59 -14.96
C GLU C 142 46.91 1.46 -13.71
N ALA C 143 46.11 1.22 -12.68
CA ALA C 143 46.18 2.05 -11.48
C ALA C 143 47.50 1.82 -10.74
N GLU C 144 47.90 0.55 -10.57
CA GLU C 144 49.07 0.22 -9.77
C GLU C 144 50.38 0.62 -10.43
N LYS C 145 50.35 1.17 -11.64
CA LYS C 145 51.51 1.88 -12.16
C LYS C 145 51.73 3.21 -11.43
N GLY C 146 50.77 3.64 -10.60
CA GLY C 146 50.81 4.93 -9.98
C GLY C 146 50.48 6.08 -10.91
N LYS C 147 50.12 5.80 -12.16
CA LYS C 147 49.90 6.66 -13.31
C LYS C 147 48.43 7.00 -13.47
N PRO C 148 48.13 8.24 -13.88
CA PRO C 148 46.74 8.59 -14.20
C PRO C 148 46.21 7.73 -15.34
N VAL C 149 44.91 7.41 -15.26
CA VAL C 149 44.30 6.43 -16.14
C VAL C 149 43.46 7.15 -17.19
N THR C 150 43.69 6.81 -18.46
CA THR C 150 42.83 7.26 -19.54
C THR C 150 41.59 6.36 -19.55
N LEU C 151 40.43 6.95 -19.21
CA LEU C 151 39.25 6.13 -18.92
C LEU C 151 38.73 5.41 -20.16
N LYS C 152 38.80 6.06 -21.33
CA LYS C 152 38.18 5.46 -22.51
C LYS C 152 38.88 4.18 -22.94
N ASP C 153 40.16 4.04 -22.63
CA ASP C 153 40.84 2.76 -22.86
C ASP C 153 40.14 1.64 -22.09
N ILE C 154 39.94 1.83 -20.79
CA ILE C 154 39.44 0.77 -19.94
C ILE C 154 37.94 0.57 -20.14
N PHE C 155 37.17 1.65 -20.18
CA PHE C 155 35.72 1.52 -20.23
C PHE C 155 35.19 1.34 -21.65
N GLY C 156 35.95 1.75 -22.66
CA GLY C 156 35.62 1.32 -24.01
C GLY C 156 35.78 -0.17 -24.18
N ALA C 157 36.83 -0.74 -23.58
CA ALA C 157 37.01 -2.19 -23.60
C ALA C 157 35.86 -2.88 -22.87
N TYR C 158 35.45 -2.36 -21.71
CA TYR C 158 34.33 -2.94 -21.00
C TYR C 158 33.05 -2.86 -21.83
N SER C 159 32.78 -1.69 -22.42
CA SER C 159 31.56 -1.52 -23.21
C SER C 159 31.55 -2.45 -24.41
N MET C 160 32.70 -2.61 -25.07
CA MET C 160 32.76 -3.51 -26.22
C MET C 160 32.61 -4.97 -25.80
N ASP C 161 33.19 -5.35 -24.65
CA ASP C 161 33.12 -6.74 -24.22
C ASP C 161 31.71 -7.14 -23.83
N VAL C 162 31.02 -6.29 -23.06
CA VAL C 162 29.65 -6.60 -22.64
C VAL C 162 28.73 -6.70 -23.86
N ILE C 163 28.82 -5.71 -24.76
CA ILE C 163 27.86 -5.63 -25.85
C ILE C 163 28.08 -6.76 -26.85
N THR C 164 29.32 -7.26 -26.99
CA THR C 164 29.55 -8.40 -27.85
C THR C 164 29.15 -9.71 -27.15
N GLY C 165 29.49 -9.83 -25.87
CA GLY C 165 29.12 -11.04 -25.15
C GLY C 165 27.62 -11.18 -24.98
N THR C 166 26.91 -10.06 -24.81
CA THR C 166 25.47 -10.13 -24.66
C THR C 166 24.75 -10.24 -25.99
N SER C 167 25.35 -9.75 -27.08
CA SER C 167 24.71 -9.86 -28.38
C SER C 167 24.98 -11.20 -29.05
N PHE C 168 26.16 -11.78 -28.85
CA PHE C 168 26.54 -13.00 -29.53
C PHE C 168 26.94 -14.14 -28.62
N GLY C 169 27.18 -13.88 -27.34
CA GLY C 169 27.69 -14.94 -26.49
C GLY C 169 29.16 -15.24 -26.69
N VAL C 170 29.90 -14.31 -27.28
CA VAL C 170 31.32 -14.48 -27.57
C VAL C 170 32.10 -13.55 -26.65
N ASN C 171 33.10 -14.12 -25.96
CA ASN C 171 33.90 -13.37 -24.99
C ASN C 171 35.18 -12.93 -25.67
N ILE C 172 35.18 -11.72 -26.22
CA ILE C 172 36.40 -11.09 -26.71
C ILE C 172 36.95 -10.20 -25.60
N ASP C 173 38.27 -10.24 -25.42
CA ASP C 173 38.95 -9.37 -24.46
C ASP C 173 39.61 -8.26 -25.27
N SER C 174 38.82 -7.23 -25.58
CA SER C 174 39.22 -6.21 -26.53
C SER C 174 40.40 -5.37 -26.04
N LEU C 175 40.66 -5.35 -24.73
CA LEU C 175 41.77 -4.55 -24.24
C LEU C 175 43.11 -5.22 -24.51
N ASN C 176 43.20 -6.52 -24.26
CA ASN C 176 44.41 -7.30 -24.53
C ASN C 176 44.47 -7.84 -25.95
N ASN C 177 43.41 -7.66 -26.73
CA ASN C 177 43.38 -8.04 -28.14
C ASN C 177 42.92 -6.85 -28.98
N PRO C 178 43.68 -5.75 -28.98
CA PRO C 178 43.19 -4.51 -29.61
C PRO C 178 43.10 -4.60 -31.12
N GLN C 179 43.74 -5.58 -31.75
CA GLN C 179 43.75 -5.71 -33.20
C GLN C 179 42.69 -6.67 -33.71
N ASP C 180 41.73 -7.07 -32.88
CA ASP C 180 40.66 -7.94 -33.33
C ASP C 180 39.72 -7.18 -34.27
N PRO C 181 39.19 -7.84 -35.31
CA PRO C 181 38.34 -7.12 -36.26
C PRO C 181 37.04 -6.63 -35.66
N PHE C 182 36.52 -7.32 -34.63
CA PHE C 182 35.30 -6.87 -33.98
C PHE C 182 35.47 -5.48 -33.37
N VAL C 183 36.65 -5.19 -32.82
CA VAL C 183 36.87 -3.93 -32.13
C VAL C 183 36.81 -2.76 -33.10
N GLU C 184 37.51 -2.88 -34.23
CA GLU C 184 37.61 -1.80 -35.20
C GLU C 184 36.42 -1.76 -36.17
N SER C 185 35.34 -2.48 -35.88
CA SER C 185 34.21 -2.55 -36.81
C SER C 185 33.42 -1.24 -36.82
N THR C 186 33.22 -0.63 -35.64
CA THR C 186 32.33 0.52 -35.54
C THR C 186 32.92 1.78 -36.17
N LYS C 187 34.24 1.86 -36.36
CA LYS C 187 34.86 3.13 -36.73
C LYS C 187 34.60 3.51 -38.18
N LYS C 188 34.37 2.54 -39.06
CA LYS C 188 34.20 2.90 -40.47
C LYS C 188 32.85 3.57 -40.73
N PHE C 189 31.90 3.45 -39.82
CA PHE C 189 30.56 4.01 -40.02
C PHE C 189 30.57 5.50 -39.72
N LEU C 190 30.48 6.32 -40.76
CA LEU C 190 30.31 7.78 -40.66
C LEU C 190 31.34 8.39 -39.70
N LYS C 191 32.61 8.17 -40.01
CA LYS C 191 33.65 8.61 -39.09
C LYS C 191 33.79 10.14 -39.10
N PHE C 192 33.56 10.77 -40.25
CA PHE C 192 33.49 12.22 -40.31
C PHE C 192 32.06 12.72 -40.33
N GLY C 193 31.10 11.85 -40.01
CA GLY C 193 29.71 12.22 -39.79
C GLY C 193 29.06 13.00 -40.92
N PHE C 194 28.68 14.24 -40.62
CA PHE C 194 28.05 15.08 -41.64
C PHE C 194 29.04 15.54 -42.71
N LEU C 195 30.35 15.45 -42.45
CA LEU C 195 31.36 15.76 -43.45
C LEU C 195 31.88 14.51 -44.15
N ASP C 196 31.25 13.36 -43.94
CA ASP C 196 31.62 12.17 -44.69
C ASP C 196 31.22 12.37 -46.16
N PRO C 197 32.13 12.11 -47.11
CA PRO C 197 31.83 12.44 -48.51
C PRO C 197 30.57 11.77 -49.04
N LEU C 198 30.42 10.46 -48.83
CA LEU C 198 29.25 9.75 -49.32
C LEU C 198 27.98 10.26 -48.65
N PHE C 199 28.02 10.42 -47.33
CA PHE C 199 26.84 10.91 -46.61
C PHE C 199 26.53 12.36 -46.99
N LEU C 200 27.57 13.19 -47.13
CA LEU C 200 27.35 14.58 -47.51
C LEU C 200 26.74 14.70 -48.90
N SER C 201 27.14 13.82 -49.83
CA SER C 201 26.57 13.85 -51.17
C SER C 201 25.07 13.53 -51.15
N ILE C 202 24.67 12.61 -50.26
CA ILE C 202 23.24 12.29 -50.13
C ILE C 202 22.49 13.44 -49.49
N ILE C 203 23.12 14.12 -48.53
CA ILE C 203 22.48 15.29 -47.91
C ILE C 203 22.27 16.39 -48.94
N LEU C 204 23.30 16.69 -49.72
CA LEU C 204 23.19 17.78 -50.69
C LEU C 204 22.38 17.38 -51.90
N PHE C 205 22.41 16.10 -52.29
CA PHE C 205 21.77 15.62 -53.52
C PHE C 205 20.96 14.37 -53.19
N PRO C 206 19.78 14.53 -52.57
CA PRO C 206 18.99 13.36 -52.19
C PRO C 206 18.59 12.48 -53.36
N PHE C 207 18.54 13.03 -54.58
CA PHE C 207 18.19 12.24 -55.74
C PHE C 207 19.25 11.21 -56.11
N LEU C 208 20.43 11.26 -55.49
CA LEU C 208 21.44 10.24 -55.71
C LEU C 208 21.16 8.94 -54.97
N THR C 209 20.25 8.95 -54.00
CA THR C 209 19.98 7.74 -53.21
C THR C 209 19.50 6.57 -54.06
N PRO C 210 18.53 6.71 -54.97
CA PRO C 210 18.17 5.55 -55.82
C PRO C 210 19.30 5.08 -56.71
N VAL C 211 20.20 5.98 -57.12
CA VAL C 211 21.37 5.55 -57.87
C VAL C 211 22.28 4.71 -56.99
N PHE C 212 22.45 5.15 -55.74
CA PHE C 212 23.31 4.42 -54.80
C PHE C 212 22.72 3.05 -54.46
N GLU C 213 21.40 2.97 -54.30
CA GLU C 213 20.78 1.70 -53.95
C GLU C 213 20.84 0.70 -55.11
N ALA C 214 20.74 1.19 -56.35
CA ALA C 214 20.89 0.30 -57.49
C ALA C 214 22.30 -0.26 -57.59
N LEU C 215 23.28 0.47 -57.06
CA LEU C 215 24.67 0.02 -57.04
C LEU C 215 25.03 -0.68 -55.74
N ASN C 216 24.07 -0.87 -54.84
CA ASN C 216 24.27 -1.58 -53.58
C ASN C 216 25.39 -0.97 -52.73
N VAL C 217 25.57 0.35 -52.82
CA VAL C 217 26.50 1.05 -51.93
C VAL C 217 25.73 1.39 -50.65
N SER C 218 26.46 1.48 -49.54
CA SER C 218 25.82 1.64 -48.24
C SER C 218 26.59 2.65 -47.41
N LEU C 219 25.86 3.38 -46.57
CA LEU C 219 26.51 4.21 -45.55
C LEU C 219 27.21 3.34 -44.52
N PHE C 220 26.72 2.13 -44.31
CA PHE C 220 27.39 1.20 -43.41
C PHE C 220 28.58 0.58 -44.11
N PRO C 221 29.73 0.47 -43.42
CA PRO C 221 30.89 -0.19 -44.03
C PRO C 221 30.56 -1.60 -44.46
N LYS C 222 30.53 -1.82 -45.77
CA LYS C 222 30.16 -3.13 -46.29
C LYS C 222 31.09 -4.23 -45.76
N ASP C 223 32.36 -3.89 -45.50
CA ASP C 223 33.26 -4.89 -44.93
C ASP C 223 32.82 -5.31 -43.54
N THR C 224 32.45 -4.34 -42.71
CA THR C 224 32.08 -4.63 -41.33
C THR C 224 30.76 -5.40 -41.25
N ILE C 225 29.71 -4.87 -41.88
CA ILE C 225 28.38 -5.45 -41.73
C ILE C 225 28.28 -6.83 -42.37
N ASN C 226 29.16 -7.15 -43.32
CA ASN C 226 29.12 -8.47 -43.93
C ASN C 226 29.88 -9.50 -43.11
N PHE C 227 30.97 -9.08 -42.45
CA PHE C 227 31.70 -10.00 -41.57
C PHE C 227 30.87 -10.36 -40.35
N LEU C 228 30.16 -9.37 -39.78
CA LEU C 228 29.35 -9.64 -38.59
C LEU C 228 28.14 -10.50 -38.94
N SER C 229 27.51 -10.25 -40.09
CA SER C 229 26.36 -11.04 -40.49
C SER C 229 26.78 -12.48 -40.79
N LYS C 230 27.93 -12.67 -41.44
CA LYS C 230 28.45 -14.02 -41.63
C LYS C 230 28.85 -14.65 -40.31
N SER C 231 29.37 -13.85 -39.38
CA SER C 231 29.72 -14.37 -38.06
C SER C 231 28.48 -14.80 -37.29
N VAL C 232 27.37 -14.08 -37.48
CA VAL C 232 26.14 -14.41 -36.78
C VAL C 232 25.63 -15.79 -37.22
N ASN C 233 25.51 -16.00 -38.52
CA ASN C 233 24.98 -17.28 -39.00
C ASN C 233 25.93 -18.43 -38.72
N ARG C 234 27.22 -18.14 -38.58
CA ARG C 234 28.18 -19.19 -38.21
C ARG C 234 28.02 -19.58 -36.75
N MET C 235 27.87 -18.58 -35.86
CA MET C 235 27.63 -18.87 -34.46
C MET C 235 26.27 -19.53 -34.26
N LYS C 236 25.28 -19.15 -35.06
CA LYS C 236 23.94 -19.72 -34.92
C LYS C 236 23.94 -21.22 -35.26
N LYS C 237 24.53 -21.57 -36.40
CA LYS C 237 24.59 -22.98 -36.78
C LYS C 237 25.45 -23.79 -35.81
N SER C 238 26.42 -23.13 -35.18
CA SER C 238 27.29 -23.83 -34.23
C SER C 238 26.51 -24.35 -33.03
N ARG C 239 25.75 -23.46 -32.39
CA ARG C 239 25.03 -23.81 -31.17
C ARG C 239 23.72 -24.56 -31.44
N LEU C 240 23.62 -25.26 -32.57
CA LEU C 240 22.46 -26.08 -32.87
C LEU C 240 22.59 -27.45 -32.19
N ASP C 249 21.95 -14.97 -23.97
CA ASP C 249 22.34 -13.72 -24.62
C ASP C 249 21.28 -13.27 -25.63
N PHE C 250 21.48 -12.07 -26.21
CA PHE C 250 20.51 -11.53 -27.15
C PHE C 250 20.33 -12.45 -28.36
N LEU C 251 21.43 -13.02 -28.86
CA LEU C 251 21.35 -13.91 -30.01
C LEU C 251 20.42 -15.08 -29.73
N GLN C 252 20.63 -15.76 -28.60
CA GLN C 252 19.81 -16.92 -28.27
C GLN C 252 18.35 -16.54 -28.07
N LEU C 253 18.10 -15.39 -27.43
CA LEU C 253 16.72 -14.93 -27.25
C LEU C 253 16.03 -14.71 -28.59
N MET C 254 16.77 -14.20 -29.58
CA MET C 254 16.19 -14.01 -30.91
C MET C 254 16.09 -15.33 -31.68
N ILE C 255 16.98 -16.28 -31.40
CA ILE C 255 16.86 -17.61 -32.01
C ILE C 255 15.64 -18.32 -31.42
N ASP C 256 15.48 -18.26 -30.10
CA ASP C 256 14.32 -18.85 -29.46
C ASP C 256 13.03 -18.17 -29.90
N SER C 257 13.11 -16.89 -30.30
CA SER C 257 11.93 -16.24 -30.85
C SER C 257 11.58 -16.81 -32.22
N GLN C 258 12.55 -17.38 -32.93
CA GLN C 258 12.25 -18.03 -34.20
C GLN C 258 11.57 -19.37 -33.98
N ASN C 259 11.95 -20.09 -32.92
CA ASN C 259 11.34 -21.38 -32.63
C ASN C 259 9.92 -21.22 -32.11
N SER C 260 9.74 -20.45 -31.04
CA SER C 260 8.41 -20.16 -30.54
C SER C 260 7.66 -19.29 -31.53
N LYS C 261 6.37 -19.61 -31.74
CA LYS C 261 5.55 -18.93 -32.72
C LYS C 261 4.84 -17.71 -32.16
N GLU C 262 5.14 -17.31 -30.92
CA GLU C 262 4.48 -16.20 -30.21
C GLU C 262 3.00 -16.04 -30.54
N LYS C 267 6.81 -14.09 -40.66
CA LYS C 267 6.49 -13.25 -39.51
C LYS C 267 7.65 -13.22 -38.52
N ALA C 268 8.38 -14.33 -38.42
CA ALA C 268 9.53 -14.41 -37.53
C ALA C 268 10.71 -13.66 -38.13
N LEU C 269 11.83 -13.67 -37.41
CA LEU C 269 13.05 -13.07 -37.91
C LEU C 269 13.81 -14.05 -38.79
N SER C 270 14.25 -13.59 -39.95
CA SER C 270 15.14 -14.39 -40.78
C SER C 270 16.57 -14.29 -40.25
N ASP C 271 17.44 -15.17 -40.75
CA ASP C 271 18.83 -15.16 -40.31
C ASP C 271 19.52 -13.84 -40.63
N LEU C 272 19.15 -13.19 -41.73
CA LEU C 272 19.74 -11.90 -42.06
C LEU C 272 19.18 -10.79 -41.19
N GLU C 273 17.86 -10.82 -40.96
CA GLU C 273 17.25 -9.84 -40.06
C GLU C 273 17.85 -9.94 -38.66
N LEU C 274 18.02 -11.16 -38.17
CA LEU C 274 18.59 -11.36 -36.83
C LEU C 274 19.99 -10.79 -36.76
N ALA C 275 20.79 -10.97 -37.81
CA ALA C 275 22.13 -10.39 -37.83
C ALA C 275 22.06 -8.86 -37.79
N ALA C 276 21.05 -8.28 -38.44
CA ALA C 276 20.94 -6.83 -38.46
C ALA C 276 20.63 -6.26 -37.08
N GLN C 277 19.79 -6.95 -36.31
CA GLN C 277 19.47 -6.47 -34.96
C GLN C 277 20.70 -6.51 -34.07
N SER C 278 21.46 -7.60 -34.12
CA SER C 278 22.64 -7.72 -33.28
C SER C 278 23.72 -6.71 -33.67
N ILE C 279 23.80 -6.37 -34.96
CA ILE C 279 24.75 -5.34 -35.38
C ILE C 279 24.35 -3.98 -34.82
N ILE C 280 23.05 -3.68 -34.82
CA ILE C 280 22.57 -2.40 -34.30
C ILE C 280 22.80 -2.30 -32.80
N PHE C 281 22.64 -3.41 -32.08
CA PHE C 281 22.87 -3.40 -30.64
C PHE C 281 24.33 -3.07 -30.32
N ILE C 282 25.26 -3.56 -31.14
CA ILE C 282 26.67 -3.25 -30.93
C ILE C 282 26.94 -1.77 -31.15
N PHE C 283 26.46 -1.24 -32.29
CA PHE C 283 26.71 0.16 -32.62
C PHE C 283 26.08 1.08 -31.58
N ALA C 284 24.82 0.84 -31.22
CA ALA C 284 24.12 1.75 -30.34
C ALA C 284 24.67 1.70 -28.91
N GLY C 285 25.19 0.56 -28.48
CA GLY C 285 25.56 0.40 -27.09
C GLY C 285 27.03 0.60 -26.77
N TYR C 286 27.87 0.65 -27.79
CA TYR C 286 29.31 0.72 -27.55
C TYR C 286 29.73 2.10 -27.08
N GLU C 287 29.75 3.09 -27.98
CA GLU C 287 30.28 4.40 -27.62
C GLU C 287 29.38 5.12 -26.62
N THR C 288 28.07 4.88 -26.65
CA THR C 288 27.18 5.50 -25.68
C THR C 288 27.53 5.08 -24.26
N THR C 289 27.62 3.78 -24.03
CA THR C 289 27.97 3.29 -22.69
C THR C 289 29.35 3.78 -22.28
N SER C 290 30.31 3.72 -23.20
CA SER C 290 31.67 4.15 -22.88
C SER C 290 31.72 5.63 -22.52
N SER C 291 30.99 6.47 -23.25
CA SER C 291 31.04 7.90 -23.00
C SER C 291 30.38 8.26 -21.68
N VAL C 292 29.18 7.71 -21.43
CA VAL C 292 28.45 8.07 -20.22
C VAL C 292 29.21 7.60 -18.98
N LEU C 293 29.84 6.42 -19.05
CA LEU C 293 30.65 5.96 -17.93
C LEU C 293 31.80 6.92 -17.64
N SER C 294 32.49 7.39 -18.69
CA SER C 294 33.60 8.31 -18.48
C SER C 294 33.10 9.66 -17.97
N PHE C 295 31.96 10.13 -18.48
CA PHE C 295 31.36 11.35 -17.97
C PHE C 295 30.99 11.22 -16.51
N THR C 296 30.41 10.08 -16.12
CA THR C 296 30.01 9.86 -14.74
C THR C 296 31.21 9.93 -13.80
N LEU C 297 32.29 9.22 -14.14
CA LEU C 297 33.45 9.20 -13.27
C LEU C 297 34.16 10.55 -13.25
N TYR C 298 34.12 11.29 -14.35
CA TYR C 298 34.63 12.66 -14.32
C TYR C 298 33.87 13.48 -13.29
N GLU C 299 32.53 13.40 -13.30
CA GLU C 299 31.74 14.18 -12.36
C GLU C 299 31.95 13.71 -10.92
N LEU C 300 32.15 12.40 -10.72
CA LEU C 300 32.41 11.91 -9.37
C LEU C 300 33.79 12.36 -8.88
N ALA C 301 34.77 12.42 -9.78
CA ALA C 301 36.10 12.85 -9.37
C ALA C 301 36.13 14.34 -9.04
N THR C 302 35.36 15.13 -9.77
CA THR C 302 35.29 16.57 -9.52
C THR C 302 34.24 16.95 -8.48
N HIS C 303 33.43 15.99 -8.03
CA HIS C 303 32.49 16.20 -6.93
C HIS C 303 32.72 15.10 -5.91
N PRO C 304 33.77 15.22 -5.10
CA PRO C 304 34.11 14.13 -4.16
C PRO C 304 33.01 13.82 -3.16
N ASP C 305 32.21 14.82 -2.79
CA ASP C 305 31.11 14.56 -1.85
C ASP C 305 30.12 13.57 -2.45
N VAL C 306 29.84 13.68 -3.76
CA VAL C 306 28.94 12.74 -4.41
C VAL C 306 29.57 11.36 -4.50
N GLN C 307 30.88 11.31 -4.75
CA GLN C 307 31.57 10.01 -4.81
C GLN C 307 31.58 9.33 -3.45
N GLN C 308 31.84 10.08 -2.38
CA GLN C 308 31.82 9.49 -1.04
C GLN C 308 30.44 8.96 -0.69
N LYS C 309 29.40 9.76 -0.95
CA LYS C 309 28.04 9.34 -0.62
C LYS C 309 27.64 8.11 -1.43
N LEU C 310 28.01 8.07 -2.71
CA LEU C 310 27.68 6.91 -3.53
C LEU C 310 28.41 5.67 -3.06
N GLN C 311 29.68 5.82 -2.66
CA GLN C 311 30.42 4.69 -2.13
C GLN C 311 29.87 4.21 -0.79
N LYS C 312 29.22 5.10 -0.04
CA LYS C 312 28.56 4.68 1.20
C LYS C 312 27.34 3.81 0.91
N GLU C 313 26.54 4.19 -0.09
CA GLU C 313 25.38 3.38 -0.45
C GLU C 313 25.79 2.01 -0.97
N ILE C 314 26.86 1.95 -1.76
CA ILE C 314 27.32 0.67 -2.29
C ILE C 314 27.82 -0.23 -1.17
N ASP C 315 28.60 0.34 -0.24
CA ASP C 315 29.11 -0.45 0.87
C ASP C 315 28.00 -0.89 1.82
N ALA C 316 26.95 -0.06 1.98
CA ALA C 316 25.84 -0.46 2.83
C ALA C 316 25.07 -1.62 2.24
N VAL C 317 24.80 -1.57 0.92
CA VAL C 317 24.03 -2.63 0.27
C VAL C 317 24.90 -3.85 0.00
N LEU C 318 26.17 -3.64 -0.35
CA LEU C 318 27.11 -4.70 -0.70
C LEU C 318 28.32 -4.62 0.21
N PRO C 319 28.20 -5.06 1.46
CA PRO C 319 29.32 -4.93 2.41
C PRO C 319 30.48 -5.83 2.04
N ASN C 320 31.68 -5.34 2.34
CA ASN C 320 32.93 -6.10 2.13
C ASN C 320 33.12 -6.47 0.66
N LYS C 321 32.84 -5.52 -0.23
CA LYS C 321 32.96 -5.72 -1.68
C LYS C 321 32.16 -6.93 -2.15
N ALA C 322 30.96 -7.10 -1.59
CA ALA C 322 30.12 -8.21 -1.97
C ALA C 322 29.74 -8.10 -3.45
N PRO C 323 29.75 -9.20 -4.19
CA PRO C 323 29.38 -9.15 -5.61
C PRO C 323 27.94 -8.70 -5.77
N PRO C 324 27.67 -7.80 -6.72
CA PRO C 324 26.32 -7.26 -6.85
C PRO C 324 25.36 -8.25 -7.48
N THR C 325 24.11 -8.19 -7.03
CA THR C 325 23.01 -8.91 -7.63
C THR C 325 22.08 -7.94 -8.35
N TYR C 326 21.24 -8.46 -9.23
CA TYR C 326 20.28 -7.62 -9.93
C TYR C 326 19.44 -6.81 -8.96
N ASP C 327 18.97 -7.45 -7.89
CA ASP C 327 18.13 -6.76 -6.92
C ASP C 327 18.92 -5.69 -6.17
N ALA C 328 20.16 -5.98 -5.81
CA ALA C 328 20.98 -4.99 -5.11
C ALA C 328 21.18 -3.74 -5.96
N VAL C 329 21.34 -3.91 -7.27
CA VAL C 329 21.55 -2.77 -8.16
C VAL C 329 20.30 -1.92 -8.23
N VAL C 330 19.13 -2.55 -8.37
CA VAL C 330 17.88 -1.80 -8.50
C VAL C 330 17.56 -1.05 -7.21
N GLN C 331 18.00 -1.57 -6.05
CA GLN C 331 17.71 -0.93 -4.77
C GLN C 331 18.50 0.35 -4.53
N MET C 332 19.52 0.63 -5.35
CA MET C 332 20.39 1.78 -5.10
C MET C 332 19.75 3.03 -5.69
N GLU C 333 19.07 3.79 -4.83
CA GLU C 333 18.43 5.03 -5.28
C GLU C 333 19.46 6.05 -5.74
N TYR C 334 20.51 6.26 -4.93
CA TYR C 334 21.45 7.34 -5.21
C TYR C 334 22.26 7.08 -6.48
N LEU C 335 22.58 5.81 -6.75
CA LEU C 335 23.27 5.48 -8.00
C LEU C 335 22.41 5.85 -9.21
N ASP C 336 21.10 5.63 -9.10
CA ASP C 336 20.20 5.99 -10.19
C ASP C 336 20.16 7.50 -10.42
N MET C 337 20.22 8.27 -9.32
CA MET C 337 20.24 9.72 -9.45
C MET C 337 21.54 10.22 -10.07
N VAL C 338 22.67 9.56 -9.73
CA VAL C 338 23.96 9.96 -10.30
C VAL C 338 23.97 9.71 -11.80
N VAL C 339 23.49 8.54 -12.23
CA VAL C 339 23.46 8.22 -13.65
C VAL C 339 22.50 9.17 -14.39
N ASN C 340 21.33 9.41 -13.82
CA ASN C 340 20.36 10.30 -14.47
C ASN C 340 20.90 11.71 -14.61
N GLU C 341 21.58 12.22 -13.58
CA GLU C 341 22.12 13.56 -13.65
C GLU C 341 23.30 13.64 -14.61
N THR C 342 24.06 12.56 -14.76
CA THR C 342 25.10 12.52 -15.78
C THR C 342 24.48 12.57 -17.17
N LEU C 343 23.40 11.84 -17.39
CA LEU C 343 22.72 11.85 -18.68
C LEU C 343 22.01 13.16 -18.95
N ARG C 344 21.68 13.92 -17.90
CA ARG C 344 21.13 15.26 -18.12
C ARG C 344 22.21 16.19 -18.68
N LEU C 345 23.38 16.21 -18.05
CA LEU C 345 24.46 17.07 -18.53
C LEU C 345 24.96 16.62 -19.90
N PHE C 346 25.02 15.31 -20.13
CA PHE C 346 25.62 14.75 -21.34
C PHE C 346 24.69 13.77 -22.03
N PRO C 347 23.59 14.27 -22.63
CA PRO C 347 22.77 13.39 -23.49
C PRO C 347 23.50 13.10 -24.79
N VAL C 348 24.17 11.94 -24.87
CA VAL C 348 25.19 11.72 -25.89
C VAL C 348 24.62 11.81 -27.30
N ALA C 349 23.35 11.45 -27.49
CA ALA C 349 22.76 11.54 -28.81
C ALA C 349 22.44 12.97 -29.22
N ILE C 350 22.45 13.91 -28.27
CA ILE C 350 22.34 15.35 -28.50
C ILE C 350 20.90 15.75 -28.80
N ARG C 351 20.23 15.01 -29.69
CA ARG C 351 18.84 15.36 -29.99
C ARG C 351 18.10 14.13 -30.51
N LEU C 352 16.77 14.29 -30.60
CA LEU C 352 15.88 13.30 -31.20
C LEU C 352 15.40 13.82 -32.56
N GLU C 353 15.09 12.90 -33.47
CA GLU C 353 14.69 13.25 -34.82
C GLU C 353 13.49 12.42 -35.26
N ARG C 354 12.56 13.08 -35.96
CA ARG C 354 11.41 12.42 -36.55
C ARG C 354 11.14 13.02 -37.93
N THR C 355 10.64 12.18 -38.84
CA THR C 355 10.26 12.61 -40.17
C THR C 355 8.73 12.67 -40.27
N CYS C 356 8.22 13.69 -40.95
CA CYS C 356 6.80 13.79 -41.27
C CYS C 356 6.53 12.89 -42.47
N LYS C 357 5.82 11.80 -42.27
CA LYS C 357 5.48 10.93 -43.39
C LYS C 357 4.32 11.48 -44.23
N LYS C 358 3.73 12.59 -43.81
CA LYS C 358 2.74 13.29 -44.62
C LYS C 358 2.66 14.72 -44.11
N ASP C 359 1.95 15.56 -44.86
CA ASP C 359 1.74 16.93 -44.43
C ASP C 359 1.07 16.94 -43.06
N VAL C 360 1.45 17.89 -42.23
CA VAL C 360 0.98 17.91 -40.85
C VAL C 360 1.05 19.34 -40.33
N GLU C 361 0.09 19.69 -39.49
CA GLU C 361 0.06 20.97 -38.80
C GLU C 361 0.66 20.79 -37.41
N ILE C 362 1.74 21.50 -37.13
CA ILE C 362 2.45 21.40 -35.86
C ILE C 362 2.39 22.77 -35.20
N ASN C 363 1.55 22.89 -34.16
CA ASN C 363 1.41 24.13 -33.40
C ASN C 363 1.03 25.30 -34.31
N GLY C 364 0.00 25.08 -35.14
CA GLY C 364 -0.46 26.09 -36.05
C GLY C 364 0.41 26.32 -37.27
N VAL C 365 1.46 25.51 -37.46
CA VAL C 365 2.40 25.66 -38.56
C VAL C 365 2.30 24.43 -39.46
N PHE C 366 2.15 24.67 -40.76
CA PHE C 366 1.95 23.61 -41.74
C PHE C 366 3.30 23.18 -42.28
N ILE C 367 3.68 21.94 -41.99
CA ILE C 367 5.00 21.41 -42.35
C ILE C 367 4.81 20.36 -43.45
N PRO C 368 5.55 20.44 -44.55
CA PRO C 368 5.31 19.51 -45.67
C PRO C 368 5.87 18.13 -45.41
N LYS C 369 5.37 17.17 -46.20
CA LYS C 369 5.81 15.78 -46.12
C LYS C 369 7.31 15.67 -46.39
N GLY C 370 7.98 14.82 -45.62
CA GLY C 370 9.40 14.59 -45.76
C GLY C 370 10.28 15.46 -44.89
N SER C 371 9.74 16.53 -44.31
CA SER C 371 10.53 17.39 -43.44
C SER C 371 10.88 16.66 -42.15
N MET C 372 11.88 17.20 -41.45
CA MET C 372 12.37 16.61 -40.21
C MET C 372 11.95 17.49 -39.03
N VAL C 373 11.61 16.83 -37.92
CA VAL C 373 11.32 17.51 -36.66
C VAL C 373 12.38 17.08 -35.66
N VAL C 374 12.95 18.05 -34.96
CA VAL C 374 14.05 17.81 -34.03
C VAL C 374 13.61 18.21 -32.63
N ILE C 375 13.89 17.36 -31.66
CA ILE C 375 13.73 17.72 -30.25
C ILE C 375 15.13 17.96 -29.70
N PRO C 376 15.52 19.22 -29.47
CA PRO C 376 16.90 19.49 -29.06
C PRO C 376 17.18 19.11 -27.61
N THR C 377 17.43 17.81 -27.38
CA THR C 377 17.59 17.30 -26.02
C THR C 377 18.65 18.06 -25.24
N TYR C 378 19.81 18.32 -25.87
CA TYR C 378 20.88 19.00 -25.15
C TYR C 378 20.45 20.38 -24.68
N ALA C 379 19.83 21.17 -25.58
CA ALA C 379 19.41 22.51 -25.22
C ALA C 379 18.38 22.50 -24.10
N LEU C 380 17.46 21.54 -24.13
CA LEU C 380 16.44 21.45 -23.09
C LEU C 380 17.01 20.94 -21.78
N HIS C 381 18.04 20.10 -21.85
CA HIS C 381 18.69 19.62 -20.63
C HIS C 381 19.49 20.71 -19.92
N HIS C 382 19.91 21.74 -20.65
CA HIS C 382 20.70 22.83 -20.08
C HIS C 382 19.91 24.12 -19.98
N ASP C 383 18.59 24.03 -20.06
CA ASP C 383 17.73 25.20 -20.02
C ASP C 383 17.54 25.66 -18.58
N PRO C 384 17.94 26.89 -18.22
CA PRO C 384 17.68 27.38 -16.86
C PRO C 384 16.20 27.50 -16.54
N LYS C 385 15.34 27.52 -17.56
CA LYS C 385 13.90 27.59 -17.33
C LYS C 385 13.39 26.36 -16.58
N TYR C 386 13.98 25.19 -16.86
CA TYR C 386 13.54 23.95 -16.25
C TYR C 386 14.48 23.43 -15.17
N TRP C 387 15.74 23.82 -15.18
CA TRP C 387 16.73 23.32 -14.23
C TRP C 387 17.45 24.48 -13.58
N THR C 388 17.50 24.50 -12.25
CA THR C 388 18.22 25.55 -11.54
C THR C 388 19.72 25.33 -11.64
N GLU C 389 20.45 26.36 -12.07
CA GLU C 389 21.88 26.30 -12.35
C GLU C 389 22.17 25.07 -13.21
N PRO C 390 21.78 25.09 -14.49
CA PRO C 390 21.80 23.86 -15.28
C PRO C 390 23.19 23.27 -15.48
N GLU C 391 24.25 24.07 -15.38
CA GLU C 391 25.59 23.56 -15.61
C GLU C 391 26.17 22.84 -14.39
N GLU C 392 25.45 22.79 -13.28
CA GLU C 392 25.95 22.17 -12.06
C GLU C 392 25.50 20.72 -11.99
N PHE C 393 26.38 19.86 -11.44
CA PHE C 393 26.10 18.44 -11.30
C PHE C 393 25.46 18.21 -9.94
N ARG C 394 24.13 18.06 -9.93
CA ARG C 394 23.38 17.87 -8.70
C ARG C 394 22.49 16.64 -8.86
N PRO C 395 22.91 15.48 -8.36
CA PRO C 395 22.05 14.29 -8.46
C PRO C 395 20.71 14.45 -7.75
N GLU C 396 20.64 15.32 -6.75
CA GLU C 396 19.41 15.51 -6.00
C GLU C 396 18.29 16.14 -6.82
N ARG C 397 18.57 16.55 -8.07
CA ARG C 397 17.49 16.94 -8.97
C ARG C 397 16.52 15.79 -9.18
N PHE C 398 17.04 14.57 -9.27
CA PHE C 398 16.24 13.38 -9.51
C PHE C 398 15.81 12.69 -8.23
N SER C 399 15.82 13.38 -7.10
CA SER C 399 15.29 12.83 -5.87
C SER C 399 13.81 12.53 -6.05
N LYS C 400 13.42 11.29 -5.72
CA LYS C 400 12.02 10.91 -5.81
C LYS C 400 11.14 11.74 -4.87
N LYS C 401 11.74 12.39 -3.87
CA LYS C 401 10.98 13.27 -3.00
C LYS C 401 10.57 14.57 -3.69
N LYS C 402 11.26 14.95 -4.76
CA LYS C 402 10.85 16.11 -5.53
C LYS C 402 9.78 15.73 -6.55
N ASP C 403 9.21 16.75 -7.19
CA ASP C 403 8.19 16.51 -8.20
C ASP C 403 8.78 15.79 -9.40
N SER C 404 7.90 15.19 -10.20
CA SER C 404 8.33 14.35 -11.30
C SER C 404 9.04 15.17 -12.38
N ILE C 405 10.07 14.56 -12.98
CA ILE C 405 10.75 15.18 -14.11
C ILE C 405 9.84 15.13 -15.33
N ASP C 406 9.82 16.20 -16.09
CA ASP C 406 9.02 16.23 -17.32
C ASP C 406 9.67 15.31 -18.35
N PRO C 407 8.99 14.22 -18.76
CA PRO C 407 9.62 13.26 -19.68
C PRO C 407 9.80 13.76 -21.10
N TYR C 408 9.32 14.96 -21.42
CA TYR C 408 9.53 15.56 -22.73
C TYR C 408 10.61 16.63 -22.71
N ILE C 409 11.03 17.08 -21.52
CA ILE C 409 12.21 17.92 -21.38
C ILE C 409 13.46 17.07 -21.24
N TYR C 410 13.38 16.04 -20.40
CA TYR C 410 14.48 15.12 -20.14
C TYR C 410 14.28 13.90 -21.03
N THR C 411 15.05 13.83 -22.12
CA THR C 411 14.88 12.77 -23.13
C THR C 411 16.23 12.19 -23.55
N PRO C 412 17.04 11.69 -22.60
CA PRO C 412 18.32 11.08 -23.01
C PRO C 412 18.13 9.76 -23.75
N PHE C 413 17.02 9.05 -23.52
CA PHE C 413 16.68 7.85 -24.26
C PHE C 413 15.45 8.05 -25.14
N GLY C 414 15.02 9.29 -25.34
CA GLY C 414 13.80 9.54 -26.08
C GLY C 414 12.57 9.17 -25.27
N THR C 415 11.42 9.28 -25.93
CA THR C 415 10.13 8.99 -25.32
C THR C 415 9.18 8.51 -26.40
N GLY C 416 8.24 7.67 -26.01
CA GLY C 416 7.20 7.22 -26.92
C GLY C 416 7.51 5.87 -27.53
N PRO C 417 6.71 5.47 -28.51
CA PRO C 417 6.90 4.15 -29.12
C PRO C 417 8.25 3.97 -29.81
N ARG C 418 8.95 5.05 -30.11
CA ARG C 418 10.21 4.99 -30.84
C ARG C 418 11.41 5.21 -29.92
N ASN C 419 11.22 5.14 -28.61
CA ASN C 419 12.30 5.42 -27.67
C ASN C 419 13.29 4.25 -27.64
N CYS C 420 14.31 4.40 -26.81
CA CYS C 420 15.39 3.41 -26.72
C CYS C 420 14.88 2.10 -26.14
N ILE C 421 14.95 1.03 -26.93
CA ILE C 421 14.47 -0.27 -26.47
C ILE C 421 15.44 -0.95 -25.52
N GLY C 422 16.71 -0.54 -25.52
CA GLY C 422 17.70 -1.15 -24.66
C GLY C 422 18.07 -0.29 -23.46
N MET C 423 17.15 0.59 -23.07
CA MET C 423 17.44 1.56 -22.01
C MET C 423 17.74 0.86 -20.69
N ARG C 424 16.89 -0.07 -20.27
CA ARG C 424 17.12 -0.76 -19.00
C ARG C 424 18.38 -1.60 -19.04
N PHE C 425 18.67 -2.21 -20.19
CA PHE C 425 19.91 -2.96 -20.34
C PHE C 425 21.12 -2.04 -20.27
N ALA C 426 21.03 -0.87 -20.89
CA ALA C 426 22.15 0.07 -20.84
C ALA C 426 22.37 0.59 -19.42
N LEU C 427 21.29 0.89 -18.71
CA LEU C 427 21.42 1.33 -17.32
C LEU C 427 22.01 0.23 -16.44
N MET C 428 21.64 -1.02 -16.72
CA MET C 428 22.20 -2.13 -15.93
C MET C 428 23.69 -2.30 -16.20
N ASN C 429 24.11 -2.17 -17.47
CA ASN C 429 25.53 -2.27 -17.79
C ASN C 429 26.34 -1.23 -17.03
N MET C 430 25.92 0.03 -17.09
CA MET C 430 26.72 1.11 -16.52
C MET C 430 26.74 1.03 -15.00
N LYS C 431 25.62 0.66 -14.39
CA LYS C 431 25.57 0.61 -12.93
C LYS C 431 26.46 -0.49 -12.38
N LEU C 432 26.49 -1.65 -13.03
CA LEU C 432 27.39 -2.72 -12.59
C LEU C 432 28.84 -2.28 -12.69
N ALA C 433 29.21 -1.66 -13.82
CA ALA C 433 30.57 -1.17 -13.98
C ALA C 433 30.90 -0.16 -12.88
N LEU C 434 29.99 0.79 -12.64
CA LEU C 434 30.23 1.80 -11.62
C LEU C 434 30.38 1.15 -10.25
N ILE C 435 29.49 0.22 -9.91
CA ILE C 435 29.54 -0.43 -8.60
C ILE C 435 30.86 -1.16 -8.40
N ARG C 436 31.30 -1.90 -9.41
CA ARG C 436 32.53 -2.70 -9.28
C ARG C 436 33.76 -1.81 -9.12
N VAL C 437 33.87 -0.76 -9.93
CA VAL C 437 35.07 0.08 -9.84
C VAL C 437 35.04 0.94 -8.59
N LEU C 438 33.85 1.37 -8.15
CA LEU C 438 33.74 2.16 -6.93
C LEU C 438 33.87 1.31 -5.68
N GLN C 439 33.59 0.01 -5.78
CA GLN C 439 33.90 -0.89 -4.66
C GLN C 439 35.40 -1.00 -4.44
N ASN C 440 36.19 -0.88 -5.50
CA ASN C 440 37.62 -1.13 -5.44
C ASN C 440 38.47 0.13 -5.54
N PHE C 441 37.95 1.22 -6.09
CA PHE C 441 38.78 2.38 -6.38
C PHE C 441 38.07 3.67 -6.00
N SER C 442 38.89 4.70 -5.78
CA SER C 442 38.43 6.08 -5.70
C SER C 442 39.03 6.84 -6.88
N PHE C 443 38.36 7.91 -7.29
CA PHE C 443 38.72 8.64 -8.49
C PHE C 443 38.89 10.12 -8.15
N LYS C 444 40.03 10.68 -8.52
CA LYS C 444 40.38 12.06 -8.22
C LYS C 444 41.02 12.71 -9.42
N PRO C 445 40.89 14.03 -9.55
CA PRO C 445 41.55 14.72 -10.67
C PRO C 445 43.05 14.83 -10.44
N CYS C 446 43.80 14.79 -11.53
CA CYS C 446 45.21 15.10 -11.53
C CYS C 446 45.43 16.36 -12.36
N LYS C 447 46.70 16.72 -12.54
CA LYS C 447 47.02 17.91 -13.34
C LYS C 447 46.67 17.73 -14.80
N GLU C 448 46.61 16.49 -15.29
CA GLU C 448 46.21 16.24 -16.67
C GLU C 448 44.71 16.33 -16.89
N THR C 449 43.92 16.31 -15.81
CA THR C 449 42.47 16.36 -15.96
C THR C 449 42.04 17.75 -16.41
N GLN C 450 41.17 17.80 -17.42
CA GLN C 450 40.69 19.06 -17.98
C GLN C 450 39.50 19.54 -17.15
N ILE C 451 39.72 20.60 -16.36
CA ILE C 451 38.67 21.25 -15.58
C ILE C 451 38.64 22.72 -15.97
N PRO C 452 37.52 23.25 -16.48
CA PRO C 452 36.28 22.52 -16.74
C PRO C 452 36.34 21.67 -18.00
N LEU C 453 35.51 20.63 -18.06
CA LEU C 453 35.51 19.72 -19.19
C LEU C 453 34.99 20.42 -20.44
N LYS C 454 35.68 20.21 -21.55
CA LYS C 454 35.25 20.70 -22.86
C LYS C 454 34.68 19.57 -23.70
N LEU C 455 33.78 19.92 -24.59
CA LEU C 455 33.04 18.94 -25.37
C LEU C 455 33.58 18.84 -26.80
N ASP C 456 33.66 17.61 -27.30
CA ASP C 456 34.02 17.35 -28.69
C ASP C 456 32.98 17.98 -29.62
N THR C 457 33.41 18.29 -30.84
CA THR C 457 32.55 18.94 -31.82
C THR C 457 31.98 18.01 -32.87
N GLN C 458 32.38 16.74 -32.90
CA GLN C 458 31.94 15.79 -33.91
C GLN C 458 31.22 14.61 -33.26
N GLY C 459 30.22 14.09 -33.98
CA GLY C 459 29.59 12.84 -33.61
C GLY C 459 28.95 12.85 -32.23
N LEU C 460 29.01 11.70 -31.57
CA LEU C 460 28.47 11.56 -30.23
C LEU C 460 29.12 12.55 -29.28
N LEU C 461 28.37 12.95 -28.26
CA LEU C 461 28.90 13.83 -27.22
C LEU C 461 30.06 13.14 -26.52
N GLN C 462 31.24 13.74 -26.61
CA GLN C 462 32.48 13.18 -26.10
C GLN C 462 33.34 14.32 -25.58
N PRO C 463 34.30 14.02 -24.71
CA PRO C 463 35.24 15.05 -24.26
C PRO C 463 36.17 15.48 -25.39
N GLU C 464 36.53 16.76 -25.38
CA GLU C 464 37.48 17.28 -26.37
C GLU C 464 38.83 16.61 -26.23
N LYS C 465 39.37 16.59 -24.99
CA LYS C 465 40.55 15.84 -24.58
C LYS C 465 40.13 14.59 -23.81
N PRO C 466 40.89 13.50 -23.92
CA PRO C 466 40.52 12.28 -23.21
C PRO C 466 40.48 12.51 -21.70
N ILE C 467 39.42 12.01 -21.07
CA ILE C 467 39.30 12.13 -19.62
C ILE C 467 40.39 11.29 -18.97
N VAL C 468 41.20 11.92 -18.13
CA VAL C 468 42.28 11.26 -17.41
C VAL C 468 42.08 11.52 -15.92
N LEU C 469 42.15 10.46 -15.12
CA LEU C 469 41.90 10.56 -13.68
C LEU C 469 42.90 9.72 -12.91
N LYS C 470 43.26 10.20 -11.72
CA LYS C 470 44.04 9.41 -10.78
C LYS C 470 43.13 8.39 -10.10
N VAL C 471 43.56 7.13 -10.11
CA VAL C 471 42.74 6.01 -9.61
C VAL C 471 43.50 5.35 -8.47
N ASP C 472 42.91 5.37 -7.28
CA ASP C 472 43.53 4.85 -6.08
C ASP C 472 42.70 3.70 -5.52
N SER C 473 43.38 2.67 -5.04
CA SER C 473 42.71 1.52 -4.44
C SER C 473 42.14 1.89 -3.08
N ARG C 474 41.17 1.10 -2.63
CA ARG C 474 40.53 1.27 -1.34
C ARG C 474 40.99 0.19 -0.37
N ASP C 475 41.18 0.57 0.88
CA ASP C 475 41.62 -0.34 1.93
C ASP C 475 42.91 -1.08 1.55
N THR D 6 -11.63 -29.70 0.74
CA THR D 6 -11.11 -30.09 2.05
C THR D 6 -9.64 -30.48 1.98
N ARG D 7 -9.27 -31.19 0.91
CA ARG D 7 -7.92 -31.74 0.82
C ARG D 7 -6.88 -30.63 0.74
N THR D 8 -7.15 -29.59 -0.03
CA THR D 8 -6.16 -28.56 -0.32
C THR D 8 -6.19 -27.40 0.66
N HIS D 9 -7.15 -27.36 1.58
CA HIS D 9 -7.34 -26.17 2.39
C HIS D 9 -6.20 -25.91 3.38
N GLY D 10 -5.14 -26.72 3.37
CA GLY D 10 -4.01 -26.44 4.22
C GLY D 10 -2.79 -25.98 3.45
N LEU D 11 -2.94 -25.75 2.14
CA LEU D 11 -1.80 -25.42 1.29
C LEU D 11 -1.16 -24.11 1.72
N PHE D 12 -1.93 -23.02 1.70
CA PHE D 12 -1.37 -21.71 2.01
C PHE D 12 -0.86 -21.65 3.44
N LYS D 13 -1.50 -22.38 4.36
CA LYS D 13 -0.97 -22.48 5.71
C LYS D 13 0.38 -23.17 5.73
N ARG D 14 0.54 -24.23 4.92
CA ARG D 14 1.84 -24.90 4.83
C ARG D 14 2.89 -24.02 4.17
N LEU D 15 2.49 -23.18 3.22
CA LEU D 15 3.42 -22.30 2.54
C LEU D 15 3.72 -21.02 3.31
N GLY D 16 3.05 -20.78 4.43
CA GLY D 16 3.23 -19.54 5.15
C GLY D 16 2.59 -18.35 4.48
N ILE D 17 1.55 -18.56 3.69
CA ILE D 17 0.84 -17.50 2.99
C ILE D 17 -0.43 -17.19 3.78
N PRO D 18 -0.63 -15.94 4.21
CA PRO D 18 -1.83 -15.61 4.99
C PRO D 18 -3.08 -15.59 4.12
N GLY D 19 -4.23 -15.59 4.78
CA GLY D 19 -5.50 -15.54 4.09
C GLY D 19 -6.66 -15.98 4.97
N PRO D 20 -7.88 -15.72 4.51
CA PRO D 20 -9.06 -16.08 5.32
C PRO D 20 -9.26 -17.58 5.36
N THR D 21 -9.71 -18.06 6.51
CA THR D 21 -9.92 -19.49 6.68
C THR D 21 -11.04 -19.96 5.75
N PRO D 22 -10.83 -21.03 4.99
CA PRO D 22 -11.88 -21.52 4.09
C PRO D 22 -12.90 -22.38 4.83
N LEU D 23 -14.12 -22.40 4.27
CA LEU D 23 -15.13 -23.35 4.72
C LEU D 23 -15.05 -24.63 3.90
N PRO D 24 -15.51 -25.75 4.45
CA PRO D 24 -15.61 -26.97 3.64
C PRO D 24 -16.50 -26.74 2.42
N LEU D 25 -16.21 -27.48 1.36
CA LEU D 25 -16.92 -27.41 0.09
C LEU D 25 -16.73 -26.06 -0.60
N LEU D 26 -17.09 -24.97 0.08
CA LEU D 26 -17.12 -23.66 -0.57
C LEU D 26 -15.74 -23.00 -0.66
N GLY D 27 -14.85 -23.30 0.29
CA GLY D 27 -13.66 -22.51 0.41
C GLY D 27 -14.02 -21.13 0.91
N ASN D 28 -13.65 -20.09 0.15
CA ASN D 28 -13.95 -18.71 0.52
C ASN D 28 -15.00 -18.09 -0.39
N VAL D 29 -15.66 -18.89 -1.24
CA VAL D 29 -16.57 -18.36 -2.25
C VAL D 29 -17.73 -17.60 -1.61
N LEU D 30 -18.17 -18.01 -0.42
CA LEU D 30 -19.28 -17.32 0.23
C LEU D 30 -18.94 -15.86 0.52
N SER D 31 -17.66 -15.54 0.68
CA SER D 31 -17.26 -14.15 0.88
C SER D 31 -17.34 -13.32 -0.39
N TYR D 32 -17.61 -13.94 -1.54
CA TYR D 32 -17.83 -13.17 -2.76
C TYR D 32 -19.16 -12.43 -2.75
N ARG D 33 -20.07 -12.80 -1.85
CA ARG D 33 -21.45 -12.33 -1.92
C ARG D 33 -21.58 -10.82 -1.81
N GLN D 34 -20.61 -10.14 -1.20
CA GLN D 34 -20.62 -8.69 -1.14
C GLN D 34 -19.82 -8.05 -2.26
N GLY D 35 -19.47 -8.81 -3.29
CA GLY D 35 -18.66 -8.29 -4.37
C GLY D 35 -17.24 -8.79 -4.32
N LEU D 36 -16.76 -9.35 -5.44
CA LEU D 36 -15.36 -9.78 -5.51
C LEU D 36 -14.44 -8.58 -5.34
N TRP D 37 -14.85 -7.41 -5.83
CA TRP D 37 -14.08 -6.19 -5.63
C TRP D 37 -13.90 -5.87 -4.15
N LYS D 38 -14.96 -6.03 -3.35
CA LYS D 38 -14.86 -5.71 -1.93
C LYS D 38 -14.05 -6.75 -1.19
N PHE D 39 -14.21 -8.03 -1.56
CA PHE D 39 -13.44 -9.10 -0.93
C PHE D 39 -11.95 -8.93 -1.19
N ASP D 40 -11.58 -8.50 -2.38
CA ASP D 40 -10.17 -8.32 -2.71
C ASP D 40 -9.55 -7.17 -1.94
N THR D 41 -10.24 -6.03 -1.85
CA THR D 41 -9.66 -4.89 -1.13
C THR D 41 -9.53 -5.20 0.35
N GLU D 42 -10.50 -5.91 0.93
CA GLU D 42 -10.42 -6.21 2.35
C GLU D 42 -9.34 -7.23 2.66
N CYS D 43 -9.13 -8.21 1.77
CA CYS D 43 -8.04 -9.16 1.97
C CYS D 43 -6.68 -8.45 1.81
N TYR D 44 -6.59 -7.54 0.85
CA TYR D 44 -5.37 -6.75 0.70
C TYR D 44 -5.06 -5.96 1.97
N LYS D 45 -6.05 -5.25 2.51
CA LYS D 45 -5.83 -4.46 3.71
C LYS D 45 -5.44 -5.31 4.91
N LYS D 46 -5.99 -6.52 4.99
CA LYS D 46 -5.82 -7.34 6.18
C LYS D 46 -4.59 -8.23 6.11
N TYR D 47 -4.26 -8.77 4.94
CA TYR D 47 -3.19 -9.76 4.85
C TYR D 47 -1.94 -9.26 4.17
N GLY D 48 -2.01 -8.21 3.36
CA GLY D 48 -0.79 -7.64 2.83
C GLY D 48 -0.57 -7.87 1.34
N LYS D 49 0.70 -7.90 0.94
CA LYS D 49 1.05 -7.93 -0.47
C LYS D 49 0.68 -9.24 -1.16
N MET D 50 0.49 -10.30 -0.39
CA MET D 50 0.22 -11.61 -0.97
C MET D 50 -0.64 -12.41 -0.01
N TRP D 51 -1.74 -12.97 -0.52
CA TRP D 51 -2.64 -13.76 0.31
C TRP D 51 -3.27 -14.85 -0.54
N GLY D 52 -3.82 -15.85 0.14
CA GLY D 52 -4.38 -17.02 -0.54
C GLY D 52 -5.81 -17.29 -0.14
N THR D 53 -6.61 -17.69 -1.14
CA THR D 53 -8.01 -18.06 -0.94
C THR D 53 -8.27 -19.37 -1.68
N TYR D 54 -9.48 -19.90 -1.54
CA TYR D 54 -9.87 -21.16 -2.15
C TYR D 54 -11.23 -21.00 -2.81
N GLU D 55 -11.30 -21.30 -4.11
CA GLU D 55 -12.56 -21.42 -4.83
C GLU D 55 -12.96 -22.89 -4.79
N GLY D 56 -13.84 -23.24 -3.86
CA GLY D 56 -14.04 -24.64 -3.55
C GLY D 56 -12.76 -25.20 -2.96
N GLN D 57 -12.07 -26.05 -3.71
CA GLN D 57 -10.77 -26.56 -3.29
C GLN D 57 -9.64 -26.01 -4.13
N LEU D 58 -9.93 -25.09 -5.05
CA LEU D 58 -8.91 -24.57 -5.95
C LEU D 58 -8.09 -23.49 -5.24
N PRO D 59 -6.78 -23.67 -5.09
CA PRO D 59 -5.96 -22.62 -4.46
C PRO D 59 -5.86 -21.40 -5.35
N VAL D 60 -6.02 -20.22 -4.75
CA VAL D 60 -5.98 -18.94 -5.46
C VAL D 60 -4.99 -18.03 -4.75
N LEU D 61 -3.88 -17.71 -5.42
CA LEU D 61 -2.85 -16.85 -4.87
C LEU D 61 -2.98 -15.46 -5.47
N ALA D 62 -3.14 -14.45 -4.63
CA ALA D 62 -3.24 -13.07 -5.05
C ALA D 62 -1.91 -12.36 -4.81
N ILE D 63 -1.42 -11.64 -5.81
CA ILE D 63 -0.13 -10.96 -5.76
C ILE D 63 -0.32 -9.49 -6.10
N THR D 64 0.45 -8.63 -5.44
CA THR D 64 0.36 -7.19 -5.68
C THR D 64 1.69 -6.53 -6.01
N ASP D 65 2.81 -7.24 -5.88
CA ASP D 65 4.12 -6.67 -6.18
C ASP D 65 4.29 -6.49 -7.68
N PRO D 66 4.56 -5.28 -8.17
CA PRO D 66 4.71 -5.09 -9.63
C PRO D 66 5.72 -6.01 -10.28
N ASP D 67 6.85 -6.28 -9.64
CA ASP D 67 7.84 -7.18 -10.21
C ASP D 67 7.30 -8.60 -10.31
N VAL D 68 6.56 -9.05 -9.29
CA VAL D 68 5.96 -10.38 -9.34
C VAL D 68 4.85 -10.42 -10.38
N ILE D 69 4.05 -9.35 -10.46
CA ILE D 69 2.99 -9.28 -11.46
C ILE D 69 3.59 -9.35 -12.87
N ARG D 70 4.69 -8.63 -13.10
CA ARG D 70 5.34 -8.65 -14.41
C ARG D 70 5.84 -10.04 -14.75
N THR D 71 6.33 -10.78 -13.76
CA THR D 71 6.79 -12.15 -14.01
C THR D 71 5.64 -13.04 -14.47
N VAL D 72 4.49 -12.94 -13.81
CA VAL D 72 3.37 -13.81 -14.12
C VAL D 72 2.72 -13.42 -15.44
N LEU D 73 2.58 -12.11 -15.69
CA LEU D 73 1.80 -11.67 -16.83
C LEU D 73 2.63 -11.61 -18.11
N VAL D 74 3.95 -11.44 -17.99
CA VAL D 74 4.79 -11.21 -19.16
C VAL D 74 5.86 -12.30 -19.29
N LYS D 75 6.78 -12.34 -18.33
CA LYS D 75 7.97 -13.17 -18.47
C LYS D 75 7.62 -14.65 -18.59
N GLU D 76 6.76 -15.14 -17.70
CA GLU D 76 6.43 -16.56 -17.64
C GLU D 76 5.05 -16.86 -18.24
N CYS D 77 4.57 -16.00 -19.14
CA CYS D 77 3.26 -16.21 -19.75
C CYS D 77 3.25 -17.49 -20.58
N TYR D 78 4.15 -17.58 -21.56
CA TYR D 78 4.14 -18.71 -22.48
C TYR D 78 4.56 -20.01 -21.79
N SER D 79 5.41 -19.92 -20.78
CA SER D 79 5.95 -21.12 -20.15
C SER D 79 5.09 -21.66 -19.02
N VAL D 80 4.38 -20.79 -18.29
CA VAL D 80 3.63 -21.25 -17.12
C VAL D 80 2.21 -20.69 -17.12
N PHE D 81 2.08 -19.38 -17.24
CA PHE D 81 0.80 -18.70 -17.03
C PHE D 81 0.14 -18.34 -18.36
N THR D 82 -0.09 -19.37 -19.18
CA THR D 82 -0.56 -19.14 -20.55
C THR D 82 -2.06 -18.93 -20.64
N ASN D 83 -2.81 -19.48 -19.69
CA ASN D 83 -4.26 -19.47 -19.77
C ASN D 83 -4.84 -18.96 -18.46
N ARG D 84 -6.10 -18.54 -18.52
CA ARG D 84 -6.85 -18.20 -17.31
C ARG D 84 -7.45 -19.48 -16.75
N ARG D 85 -8.60 -19.39 -16.09
CA ARG D 85 -9.17 -20.58 -15.50
C ARG D 85 -9.69 -21.53 -16.58
N SER D 86 -9.78 -22.80 -16.23
CA SER D 86 -10.56 -23.76 -17.02
C SER D 86 -12.01 -23.51 -16.66
N LEU D 87 -12.74 -22.87 -17.58
CA LEU D 87 -14.00 -22.23 -17.22
C LEU D 87 -15.06 -23.24 -16.82
N GLY D 88 -15.28 -24.26 -17.65
CA GLY D 88 -16.31 -25.24 -17.39
C GLY D 88 -16.93 -25.76 -18.68
N PRO D 89 -18.19 -26.19 -18.61
CA PRO D 89 -18.88 -26.69 -19.81
C PRO D 89 -19.28 -25.56 -20.72
N VAL D 90 -18.61 -25.47 -21.88
CA VAL D 90 -18.80 -24.35 -22.79
C VAL D 90 -19.07 -24.84 -24.21
N GLY D 91 -18.88 -26.14 -24.43
CA GLY D 91 -19.13 -26.69 -25.75
C GLY D 91 -18.07 -26.26 -26.75
N PHE D 92 -18.50 -25.95 -27.98
CA PHE D 92 -17.55 -25.54 -28.99
C PHE D 92 -16.99 -24.14 -28.76
N MET D 93 -17.57 -23.38 -27.81
CA MET D 93 -16.99 -22.11 -27.41
C MET D 93 -15.59 -22.26 -26.82
N LYS D 94 -15.14 -23.50 -26.60
CA LYS D 94 -13.73 -23.75 -26.32
C LYS D 94 -12.83 -23.20 -27.42
N SER D 95 -13.36 -23.03 -28.64
CA SER D 95 -12.58 -22.51 -29.75
C SER D 95 -12.50 -20.99 -29.74
N ALA D 96 -13.21 -20.32 -28.84
CA ALA D 96 -13.10 -18.87 -28.71
C ALA D 96 -11.69 -18.49 -28.26
N ILE D 97 -11.24 -17.32 -28.69
CA ILE D 97 -9.85 -16.91 -28.48
C ILE D 97 -9.52 -16.83 -26.99
N SER D 98 -10.46 -16.30 -26.20
CA SER D 98 -10.21 -16.16 -24.76
C SER D 98 -10.19 -17.53 -24.09
N LEU D 99 -11.04 -18.45 -24.51
CA LEU D 99 -11.15 -19.74 -23.86
C LEU D 99 -10.17 -20.76 -24.42
N ALA D 100 -9.66 -20.55 -25.62
CA ALA D 100 -8.64 -21.44 -26.17
C ALA D 100 -7.39 -21.38 -25.33
N GLU D 101 -6.60 -22.46 -25.35
CA GLU D 101 -5.44 -22.60 -24.49
C GLU D 101 -4.22 -23.03 -25.29
N ASP D 102 -3.05 -22.60 -24.81
CA ASP D 102 -1.74 -23.10 -25.26
C ASP D 102 -1.58 -22.84 -26.75
N GLU D 103 -1.22 -23.85 -27.55
CA GLU D 103 -0.92 -23.62 -28.96
C GLU D 103 -2.16 -23.18 -29.73
N GLU D 104 -3.33 -23.72 -29.36
CA GLU D 104 -4.55 -23.33 -30.03
C GLU D 104 -4.85 -21.85 -29.79
N TRP D 105 -4.55 -21.35 -28.60
CA TRP D 105 -4.72 -19.92 -28.34
C TRP D 105 -3.74 -19.09 -29.16
N LYS D 106 -2.48 -19.52 -29.23
CA LYS D 106 -1.49 -18.78 -30.02
C LYS D 106 -1.89 -18.70 -31.48
N ARG D 107 -2.48 -19.77 -32.01
CA ARG D 107 -2.91 -19.78 -33.41
C ARG D 107 -4.03 -18.77 -33.63
N ILE D 108 -5.06 -18.81 -32.79
CA ILE D 108 -6.23 -17.97 -33.01
C ILE D 108 -5.91 -16.51 -32.76
N ARG D 109 -5.13 -16.23 -31.70
CA ARG D 109 -4.74 -14.85 -31.44
C ARG D 109 -3.86 -14.30 -32.55
N SER D 110 -3.00 -15.15 -33.13
CA SER D 110 -2.19 -14.71 -34.27
C SER D 110 -3.04 -14.41 -35.49
N LEU D 111 -4.14 -15.14 -35.68
CA LEU D 111 -5.02 -14.87 -36.81
C LEU D 111 -5.84 -13.60 -36.60
N LEU D 112 -6.21 -13.31 -35.35
CA LEU D 112 -7.06 -12.16 -35.05
C LEU D 112 -6.30 -10.87 -34.83
N SER D 113 -4.98 -10.95 -34.60
CA SER D 113 -4.20 -9.75 -34.32
C SER D 113 -4.29 -8.69 -35.42
N PRO D 114 -4.17 -9.02 -36.72
CA PRO D 114 -4.23 -7.96 -37.74
C PRO D 114 -5.56 -7.21 -37.75
N THR D 115 -6.62 -7.80 -37.20
CA THR D 115 -7.94 -7.18 -37.24
C THR D 115 -8.03 -5.98 -36.32
N PHE D 116 -7.25 -5.96 -35.24
CA PHE D 116 -7.37 -4.94 -34.21
C PHE D 116 -6.21 -3.95 -34.22
N THR D 117 -5.53 -3.79 -35.35
CA THR D 117 -4.47 -2.80 -35.45
C THR D 117 -5.06 -1.40 -35.54
N SER D 118 -4.22 -0.40 -35.23
CA SER D 118 -4.65 0.99 -35.35
C SER D 118 -5.02 1.33 -36.78
N GLY D 119 -4.34 0.72 -37.76
CA GLY D 119 -4.70 0.95 -39.14
C GLY D 119 -6.11 0.48 -39.46
N LYS D 120 -6.49 -0.69 -38.94
CA LYS D 120 -7.83 -1.20 -39.17
C LYS D 120 -8.87 -0.43 -38.38
N LEU D 121 -8.53 0.04 -37.18
CA LEU D 121 -9.47 0.86 -36.42
C LEU D 121 -9.75 2.18 -37.12
N LYS D 122 -8.73 2.76 -37.76
CA LYS D 122 -8.96 3.98 -38.53
C LYS D 122 -9.84 3.71 -39.75
N GLU D 123 -9.74 2.52 -40.34
CA GLU D 123 -10.59 2.18 -41.47
C GLU D 123 -12.03 1.97 -41.03
N MET D 124 -12.23 1.36 -39.85
CA MET D 124 -13.58 1.12 -39.35
C MET D 124 -14.21 2.35 -38.71
N PHE D 125 -13.43 3.38 -38.43
CA PHE D 125 -13.93 4.56 -37.72
C PHE D 125 -15.21 5.15 -38.30
N PRO D 126 -15.36 5.35 -39.61
CA PRO D 126 -16.63 5.91 -40.11
C PRO D 126 -17.85 5.07 -39.76
N ILE D 127 -17.70 3.76 -39.67
CA ILE D 127 -18.82 2.91 -39.29
C ILE D 127 -19.21 3.16 -37.84
N ILE D 128 -18.24 3.38 -36.97
CA ILE D 128 -18.57 3.68 -35.58
C ILE D 128 -19.15 5.08 -35.44
N ALA D 129 -18.70 6.01 -36.29
CA ALA D 129 -19.14 7.39 -36.17
C ALA D 129 -20.60 7.54 -36.55
N GLN D 130 -21.08 6.76 -37.51
CA GLN D 130 -22.47 6.88 -37.95
C GLN D 130 -23.44 6.52 -36.81
N TYR D 131 -23.04 5.61 -35.93
CA TYR D 131 -23.90 5.26 -34.81
C TYR D 131 -23.95 6.36 -33.76
N GLY D 132 -22.98 7.29 -33.77
CA GLY D 132 -23.04 8.42 -32.87
C GLY D 132 -24.21 9.35 -33.15
N ASP D 133 -24.61 9.44 -34.43
CA ASP D 133 -25.76 10.28 -34.77
C ASP D 133 -27.05 9.70 -34.22
N VAL D 134 -27.23 8.38 -34.33
CA VAL D 134 -28.41 7.73 -33.76
C VAL D 134 -28.43 7.93 -32.25
N LEU D 135 -27.26 7.94 -31.63
CA LEU D 135 -27.17 8.12 -30.18
C LEU D 135 -27.67 9.48 -29.75
N VAL D 136 -27.21 10.54 -30.43
CA VAL D 136 -27.61 11.89 -30.08
C VAL D 136 -29.10 12.09 -30.31
N ARG D 137 -29.62 11.57 -31.42
CA ARG D 137 -31.04 11.69 -31.72
C ARG D 137 -31.90 10.99 -30.68
N ASN D 138 -31.54 9.76 -30.34
CA ASN D 138 -32.30 9.02 -29.33
C ASN D 138 -32.24 9.72 -27.98
N LEU D 139 -31.09 10.29 -27.65
CA LEU D 139 -30.95 10.97 -26.37
C LEU D 139 -31.72 12.28 -26.35
N ARG D 140 -31.70 13.02 -27.47
CA ARG D 140 -32.44 14.28 -27.55
C ARG D 140 -33.95 14.04 -27.35
N ARG D 141 -34.47 12.93 -27.88
CA ARG D 141 -35.88 12.61 -27.70
C ARG D 141 -36.21 12.44 -26.22
N GLU D 142 -35.43 11.62 -25.51
CA GLU D 142 -35.66 11.44 -24.08
C GLU D 142 -35.35 12.71 -23.30
N ALA D 143 -34.42 13.53 -23.79
CA ALA D 143 -34.05 14.75 -23.07
C ALA D 143 -35.18 15.77 -23.10
N GLU D 144 -35.65 16.13 -24.30
CA GLU D 144 -36.67 17.17 -24.42
C GLU D 144 -38.03 16.74 -23.90
N LYS D 145 -38.19 15.49 -23.43
CA LYS D 145 -39.37 15.14 -22.67
C LYS D 145 -39.35 15.78 -21.28
N GLY D 146 -38.19 16.23 -20.82
CA GLY D 146 -38.06 16.86 -19.53
C GLY D 146 -37.86 15.91 -18.36
N LYS D 147 -37.83 14.62 -18.60
CA LYS D 147 -37.70 13.61 -17.55
C LYS D 147 -36.26 13.15 -17.43
N PRO D 148 -35.90 12.52 -16.31
CA PRO D 148 -34.56 11.93 -16.20
C PRO D 148 -34.42 10.73 -17.14
N VAL D 149 -33.17 10.50 -17.55
CA VAL D 149 -32.86 9.50 -18.56
C VAL D 149 -32.14 8.32 -17.91
N THR D 150 -32.66 7.11 -18.15
CA THR D 150 -31.98 5.87 -17.77
C THR D 150 -30.88 5.62 -18.80
N LEU D 151 -29.62 5.77 -18.37
CA LEU D 151 -28.52 5.79 -19.33
C LEU D 151 -28.32 4.44 -19.99
N LYS D 152 -28.52 3.36 -19.25
CA LYS D 152 -28.22 2.03 -19.80
C LYS D 152 -29.18 1.63 -20.93
N ASP D 153 -30.40 2.20 -20.95
CA ASP D 153 -31.27 2.00 -22.10
C ASP D 153 -30.63 2.56 -23.36
N ILE D 154 -30.17 3.81 -23.29
CA ILE D 154 -29.66 4.49 -24.48
C ILE D 154 -28.27 3.97 -24.85
N PHE D 155 -27.39 3.90 -23.85
CA PHE D 155 -26.01 3.51 -24.13
C PHE D 155 -25.83 2.01 -24.29
N GLY D 156 -26.76 1.20 -23.77
CA GLY D 156 -26.77 -0.21 -24.13
C GLY D 156 -27.14 -0.41 -25.59
N ALA D 157 -28.08 0.38 -26.10
CA ALA D 157 -28.45 0.29 -27.50
C ALA D 157 -27.30 0.73 -28.40
N TYR D 158 -26.55 1.75 -27.98
CA TYR D 158 -25.41 2.21 -28.76
C TYR D 158 -24.33 1.13 -28.85
N SER D 159 -23.91 0.59 -27.70
CA SER D 159 -22.85 -0.41 -27.71
C SER D 159 -23.30 -1.67 -28.45
N MET D 160 -24.57 -2.03 -28.35
CA MET D 160 -25.05 -3.17 -29.12
C MET D 160 -25.10 -2.86 -30.61
N ASP D 161 -25.45 -1.63 -30.97
CA ASP D 161 -25.49 -1.26 -32.39
C ASP D 161 -24.10 -1.25 -33.00
N VAL D 162 -23.12 -0.72 -32.29
CA VAL D 162 -21.76 -0.68 -32.82
C VAL D 162 -21.18 -2.08 -32.92
N ILE D 163 -21.37 -2.91 -31.89
CA ILE D 163 -20.75 -4.22 -31.87
C ILE D 163 -21.39 -5.15 -32.89
N THR D 164 -22.66 -4.94 -33.25
CA THR D 164 -23.27 -5.73 -34.29
C THR D 164 -22.91 -5.22 -35.67
N GLY D 165 -22.89 -3.89 -35.84
CA GLY D 165 -22.54 -3.32 -37.13
C GLY D 165 -21.07 -3.49 -37.47
N THR D 166 -20.20 -3.48 -36.46
CA THR D 166 -18.78 -3.66 -36.72
C THR D 166 -18.41 -5.12 -36.92
N SER D 167 -19.14 -6.04 -36.31
CA SER D 167 -18.81 -7.46 -36.45
C SER D 167 -19.44 -8.06 -37.69
N PHE D 168 -20.70 -7.71 -37.98
CA PHE D 168 -21.43 -8.32 -39.08
C PHE D 168 -21.84 -7.35 -40.19
N GLY D 169 -21.76 -6.04 -39.95
CA GLY D 169 -22.17 -5.09 -40.97
C GLY D 169 -23.67 -4.90 -41.07
N VAL D 170 -24.40 -5.19 -40.01
CA VAL D 170 -25.85 -5.07 -39.99
C VAL D 170 -26.24 -3.96 -39.02
N ASN D 171 -27.19 -3.12 -39.41
CA ASN D 171 -27.56 -1.92 -38.67
C ASN D 171 -28.87 -2.16 -37.93
N ILE D 172 -28.81 -2.12 -36.60
CA ILE D 172 -30.00 -2.13 -35.76
C ILE D 172 -30.14 -0.76 -35.11
N THR D 186 -30.80 -11.22 -23.36
CA THR D 186 -29.82 -10.25 -23.85
C THR D 186 -28.76 -9.98 -22.77
N LYS D 187 -29.14 -10.21 -21.52
CA LYS D 187 -28.26 -10.09 -20.37
C LYS D 187 -28.28 -11.37 -19.55
N LYS D 188 -28.33 -12.51 -20.23
CA LYS D 188 -28.57 -13.78 -19.55
C LYS D 188 -27.30 -14.40 -18.96
N PHE D 189 -26.14 -14.15 -19.57
CA PHE D 189 -24.92 -14.85 -19.17
C PHE D 189 -24.55 -14.55 -17.72
N LEU D 190 -24.60 -15.60 -16.88
CA LEU D 190 -24.12 -15.59 -15.50
C LEU D 190 -24.50 -14.30 -14.77
N LYS D 191 -25.81 -14.07 -14.69
CA LYS D 191 -26.31 -12.86 -14.02
C LYS D 191 -25.99 -12.87 -12.54
N PHE D 192 -26.09 -14.03 -11.90
CA PHE D 192 -25.79 -14.16 -10.48
C PHE D 192 -24.31 -14.38 -10.21
N GLY D 193 -23.49 -14.47 -11.26
CA GLY D 193 -22.04 -14.52 -11.07
C GLY D 193 -21.59 -15.81 -10.43
N PHE D 194 -20.85 -15.69 -9.32
CA PHE D 194 -20.33 -16.87 -8.64
C PHE D 194 -21.40 -17.59 -7.84
N LEU D 195 -22.53 -16.94 -7.58
CA LEU D 195 -23.66 -17.58 -6.93
C LEU D 195 -24.68 -18.12 -7.93
N ASP D 196 -24.36 -18.09 -9.22
CA ASP D 196 -25.21 -18.72 -10.22
C ASP D 196 -25.18 -20.23 -10.02
N PRO D 197 -26.34 -20.89 -9.98
CA PRO D 197 -26.35 -22.30 -9.54
C PRO D 197 -25.48 -23.22 -10.39
N LEU D 198 -25.63 -23.18 -11.71
CA LEU D 198 -24.83 -24.05 -12.57
C LEU D 198 -23.34 -23.76 -12.40
N PHE D 199 -22.96 -22.48 -12.40
CA PHE D 199 -21.55 -22.14 -12.27
C PHE D 199 -21.03 -22.47 -10.87
N LEU D 200 -21.87 -22.27 -9.84
CA LEU D 200 -21.45 -22.60 -8.49
C LEU D 200 -21.21 -24.10 -8.34
N SER D 201 -22.01 -24.93 -9.02
CA SER D 201 -21.78 -26.37 -8.96
C SER D 201 -20.43 -26.74 -9.55
N ILE D 202 -20.03 -26.05 -10.62
CA ILE D 202 -18.73 -26.30 -11.23
C ILE D 202 -17.61 -25.85 -10.30
N ILE D 203 -17.81 -24.76 -9.58
CA ILE D 203 -16.79 -24.27 -8.65
C ILE D 203 -16.56 -25.25 -7.52
N LEU D 204 -17.65 -25.76 -6.93
CA LEU D 204 -17.50 -26.68 -5.80
C LEU D 204 -17.07 -28.06 -6.27
N PHE D 205 -17.51 -28.47 -7.45
CA PHE D 205 -17.28 -29.82 -7.96
C PHE D 205 -16.80 -29.73 -9.40
N PRO D 206 -15.50 -29.50 -9.61
CA PRO D 206 -14.99 -29.36 -10.98
C PRO D 206 -15.15 -30.64 -11.80
N PHE D 207 -15.26 -31.80 -11.16
CA PHE D 207 -15.46 -33.04 -11.91
C PHE D 207 -16.82 -33.11 -12.59
N LEU D 208 -17.72 -32.17 -12.32
CA LEU D 208 -19.00 -32.13 -13.01
C LEU D 208 -18.91 -31.54 -14.40
N THR D 209 -17.81 -30.85 -14.73
CA THR D 209 -17.69 -30.27 -16.07
C THR D 209 -17.77 -31.32 -17.17
N PRO D 210 -17.03 -32.45 -17.11
CA PRO D 210 -17.22 -33.47 -18.16
C PRO D 210 -18.63 -34.05 -18.17
N VAL D 211 -19.32 -34.09 -17.03
CA VAL D 211 -20.69 -34.57 -17.01
C VAL D 211 -21.61 -33.61 -17.78
N PHE D 212 -21.46 -32.31 -17.54
CA PHE D 212 -22.30 -31.33 -18.23
C PHE D 212 -21.97 -31.26 -19.71
N GLU D 213 -20.68 -31.41 -20.06
CA GLU D 213 -20.32 -31.46 -21.47
C GLU D 213 -20.99 -32.62 -22.17
N ALA D 214 -21.00 -33.80 -21.52
CA ALA D 214 -21.69 -34.95 -22.11
C ALA D 214 -23.18 -34.70 -22.24
N LEU D 215 -23.75 -33.88 -21.37
CA LEU D 215 -25.16 -33.54 -21.42
C LEU D 215 -25.45 -32.33 -22.30
N ASN D 216 -24.42 -31.74 -22.92
CA ASN D 216 -24.55 -30.54 -23.73
C ASN D 216 -25.16 -29.39 -22.93
N VAL D 217 -24.88 -29.35 -21.64
CA VAL D 217 -25.22 -28.21 -20.79
C VAL D 217 -24.05 -27.24 -20.86
N SER D 218 -24.34 -25.97 -21.09
CA SER D 218 -23.31 -24.96 -21.31
C SER D 218 -23.54 -23.77 -20.38
N LEU D 219 -22.44 -23.14 -19.97
CA LEU D 219 -22.53 -21.85 -19.30
C LEU D 219 -22.96 -20.75 -20.26
N PHE D 220 -22.91 -21.00 -21.57
CA PHE D 220 -23.28 -20.06 -22.61
C PHE D 220 -24.67 -20.36 -23.14
N PRO D 221 -25.33 -19.36 -23.73
CA PRO D 221 -26.66 -19.57 -24.32
C PRO D 221 -26.64 -20.32 -25.65
N LYS D 222 -26.79 -21.66 -25.61
CA LYS D 222 -26.61 -22.51 -26.80
C LYS D 222 -27.31 -21.95 -28.04
N ASP D 223 -28.50 -21.38 -27.87
CA ASP D 223 -29.37 -21.01 -28.98
C ASP D 223 -28.99 -19.66 -29.56
N THR D 224 -28.74 -18.67 -28.70
CA THR D 224 -28.07 -17.47 -29.16
C THR D 224 -26.78 -17.82 -29.88
N ILE D 225 -26.02 -18.76 -29.34
CA ILE D 225 -24.79 -19.21 -29.97
C ILE D 225 -25.09 -19.84 -31.32
N ASN D 226 -26.14 -20.68 -31.38
CA ASN D 226 -26.46 -21.38 -32.62
C ASN D 226 -27.02 -20.44 -33.68
N PHE D 227 -27.75 -19.40 -33.27
CA PHE D 227 -28.30 -18.45 -34.22
C PHE D 227 -27.20 -17.59 -34.84
N LEU D 228 -26.24 -17.14 -34.03
CA LEU D 228 -25.17 -16.31 -34.55
C LEU D 228 -24.20 -17.13 -35.41
N SER D 229 -24.02 -18.40 -35.09
CA SER D 229 -23.20 -19.26 -35.95
C SER D 229 -23.87 -19.49 -37.30
N LYS D 230 -25.18 -19.76 -37.29
CA LYS D 230 -25.91 -19.88 -38.55
C LYS D 230 -25.89 -18.57 -39.32
N SER D 231 -25.97 -17.44 -38.61
CA SER D 231 -25.93 -16.14 -39.28
C SER D 231 -24.60 -15.93 -40.00
N VAL D 232 -23.50 -16.37 -39.39
CA VAL D 232 -22.16 -16.17 -39.97
C VAL D 232 -22.12 -16.66 -41.41
N ASN D 233 -22.72 -17.82 -41.67
CA ASN D 233 -22.71 -18.36 -43.03
C ASN D 233 -23.51 -17.49 -43.99
N ARG D 234 -24.52 -16.78 -43.50
CA ARG D 234 -25.30 -15.92 -44.39
C ARG D 234 -24.48 -14.74 -44.88
N MET D 235 -23.66 -14.16 -44.01
CA MET D 235 -22.87 -13.00 -44.41
C MET D 235 -21.75 -13.38 -45.37
N LYS D 236 -21.11 -14.53 -45.15
CA LYS D 236 -20.00 -14.93 -46.01
C LYS D 236 -20.49 -15.29 -47.41
N LYS D 237 -21.64 -15.96 -47.50
CA LYS D 237 -22.23 -16.23 -48.81
C LYS D 237 -22.59 -14.93 -49.51
N SER D 238 -23.10 -13.96 -48.76
CA SER D 238 -23.46 -12.66 -49.31
C SER D 238 -22.22 -11.78 -49.46
N ASP D 249 -15.77 -4.14 -40.78
CA ASP D 249 -16.45 -5.44 -40.73
C ASP D 249 -15.52 -6.51 -40.18
N PHE D 250 -15.73 -6.88 -38.92
CA PHE D 250 -14.86 -7.84 -38.26
C PHE D 250 -14.87 -9.19 -38.97
N LEU D 251 -16.04 -9.66 -39.39
CA LEU D 251 -16.12 -10.97 -40.02
C LEU D 251 -15.30 -11.04 -41.30
N GLN D 252 -15.37 -9.98 -42.12
CA GLN D 252 -14.62 -9.98 -43.36
C GLN D 252 -13.12 -9.92 -43.10
N LEU D 253 -12.69 -9.17 -42.08
CA LEU D 253 -11.28 -9.07 -41.76
C LEU D 253 -10.71 -10.42 -41.34
N MET D 254 -11.47 -11.18 -40.53
CA MET D 254 -11.04 -12.52 -40.16
C MET D 254 -11.01 -13.45 -41.36
N ILE D 255 -11.91 -13.24 -42.33
CA ILE D 255 -11.96 -14.08 -43.52
C ILE D 255 -10.71 -13.89 -44.37
N ASP D 256 -10.21 -12.64 -44.46
CA ASP D 256 -9.05 -12.37 -45.30
C ASP D 256 -7.80 -13.09 -44.82
N SER D 257 -7.70 -13.34 -43.51
CA SER D 257 -6.59 -14.08 -42.91
C SER D 257 -5.23 -13.48 -43.27
N HIS D 266 -2.15 -20.65 -38.48
CA HIS D 266 -2.03 -20.49 -39.92
C HIS D 266 -3.13 -21.25 -40.63
N LYS D 267 -3.53 -22.38 -40.04
CA LYS D 267 -4.66 -23.14 -40.55
C LYS D 267 -5.92 -22.27 -40.53
N ALA D 268 -6.57 -22.15 -41.69
CA ALA D 268 -7.80 -21.36 -41.78
C ALA D 268 -8.84 -21.88 -40.80
N LEU D 269 -9.42 -20.98 -40.02
CA LEU D 269 -10.33 -21.36 -38.96
C LEU D 269 -11.75 -21.52 -39.53
N SER D 270 -12.47 -22.51 -38.99
CA SER D 270 -13.69 -23.01 -39.60
C SER D 270 -14.88 -22.08 -39.34
N ASP D 271 -16.05 -22.51 -39.82
CA ASP D 271 -17.26 -21.70 -39.67
C ASP D 271 -17.69 -21.61 -38.22
N LEU D 272 -17.52 -22.68 -37.45
CA LEU D 272 -17.87 -22.63 -36.04
C LEU D 272 -16.85 -21.82 -35.26
N GLU D 273 -15.58 -21.89 -35.66
CA GLU D 273 -14.54 -21.08 -35.01
C GLU D 273 -14.78 -19.59 -35.26
N LEU D 274 -15.12 -19.22 -36.50
CA LEU D 274 -15.50 -17.85 -36.80
C LEU D 274 -16.63 -17.40 -35.87
N ALA D 275 -17.66 -18.22 -35.74
CA ALA D 275 -18.79 -17.88 -34.89
C ALA D 275 -18.35 -17.67 -33.45
N ALA D 276 -17.46 -18.52 -32.94
CA ALA D 276 -16.99 -18.38 -31.57
C ALA D 276 -16.32 -17.04 -31.34
N GLN D 277 -15.47 -16.61 -32.28
CA GLN D 277 -14.79 -15.32 -32.11
C GLN D 277 -15.79 -14.17 -32.12
N SER D 278 -16.69 -14.16 -33.12
CA SER D 278 -17.67 -13.08 -33.22
C SER D 278 -18.59 -13.04 -32.00
N ILE D 279 -18.90 -14.20 -31.42
CA ILE D 279 -19.78 -14.24 -30.26
C ILE D 279 -19.09 -13.64 -29.03
N ILE D 280 -17.80 -13.95 -28.85
CA ILE D 280 -17.07 -13.38 -27.71
C ILE D 280 -16.91 -11.87 -27.87
N PHE D 281 -16.71 -11.40 -29.10
CA PHE D 281 -16.63 -9.96 -29.32
C PHE D 281 -17.91 -9.25 -28.88
N ILE D 282 -19.06 -9.90 -29.10
CA ILE D 282 -20.32 -9.32 -28.65
C ILE D 282 -20.42 -9.33 -27.14
N PHE D 283 -20.12 -10.47 -26.52
CA PHE D 283 -20.20 -10.58 -25.05
C PHE D 283 -19.21 -9.64 -24.38
N ALA D 284 -17.95 -9.67 -24.81
CA ALA D 284 -16.92 -8.88 -24.16
C ALA D 284 -17.15 -7.39 -24.37
N GLY D 285 -17.70 -7.01 -25.51
CA GLY D 285 -17.80 -5.60 -25.86
C GLY D 285 -19.08 -4.91 -25.46
N TYR D 286 -20.13 -5.67 -25.16
CA TYR D 286 -21.44 -5.07 -24.90
C TYR D 286 -21.52 -4.45 -23.51
N GLU D 287 -21.59 -5.29 -22.47
CA GLU D 287 -21.82 -4.79 -21.12
C GLU D 287 -20.66 -3.93 -20.62
N THR D 288 -19.43 -4.26 -21.03
CA THR D 288 -18.28 -3.45 -20.64
C THR D 288 -18.43 -2.02 -21.12
N THR D 289 -18.60 -1.84 -22.44
CA THR D 289 -18.73 -0.50 -23.00
C THR D 289 -19.94 0.23 -22.41
N SER D 290 -21.05 -0.49 -22.21
CA SER D 290 -22.23 0.14 -21.64
C SER D 290 -21.99 0.58 -20.21
N SER D 291 -21.32 -0.25 -19.41
CA SER D 291 -21.10 0.07 -18.00
C SER D 291 -20.12 1.22 -17.85
N VAL D 292 -19.02 1.19 -18.60
CA VAL D 292 -18.00 2.23 -18.47
C VAL D 292 -18.57 3.59 -18.89
N LEU D 293 -19.39 3.60 -19.94
CA LEU D 293 -20.02 4.84 -20.36
C LEU D 293 -20.96 5.38 -19.29
N SER D 294 -21.73 4.49 -18.64
CA SER D 294 -22.59 4.92 -17.55
C SER D 294 -21.77 5.43 -16.38
N PHE D 295 -20.67 4.74 -16.05
CA PHE D 295 -19.80 5.20 -14.97
C PHE D 295 -19.21 6.57 -15.30
N THR D 296 -18.76 6.77 -16.54
CA THR D 296 -18.13 8.01 -16.92
C THR D 296 -19.10 9.18 -16.79
N LEU D 297 -20.32 9.02 -17.29
CA LEU D 297 -21.29 10.11 -17.22
C LEU D 297 -21.76 10.36 -15.80
N TYR D 298 -21.86 9.31 -14.98
CA TYR D 298 -22.14 9.50 -13.57
C TYR D 298 -21.08 10.38 -12.92
N GLU D 299 -19.80 10.10 -13.20
CA GLU D 299 -18.72 10.88 -12.60
C GLU D 299 -18.69 12.31 -13.16
N LEU D 300 -19.05 12.48 -14.43
CA LEU D 300 -19.08 13.82 -14.99
C LEU D 300 -20.24 14.64 -14.42
N ALA D 301 -21.37 13.99 -14.14
CA ALA D 301 -22.51 14.70 -13.58
C ALA D 301 -22.28 15.09 -12.12
N THR D 302 -21.56 14.25 -11.36
CA THR D 302 -21.23 14.57 -9.98
C THR D 302 -19.96 15.39 -9.85
N HIS D 303 -19.19 15.56 -10.93
CA HIS D 303 -18.02 16.42 -10.95
C HIS D 303 -18.20 17.41 -12.09
N PRO D 304 -19.01 18.45 -11.89
CA PRO D 304 -19.30 19.38 -13.00
C PRO D 304 -18.08 20.15 -13.48
N ASP D 305 -17.07 20.35 -12.64
CA ASP D 305 -15.86 21.01 -13.11
C ASP D 305 -15.13 20.16 -14.14
N VAL D 306 -15.11 18.84 -13.95
CA VAL D 306 -14.51 17.96 -14.94
C VAL D 306 -15.34 17.95 -16.23
N GLN D 307 -16.66 17.96 -16.10
CA GLN D 307 -17.52 18.00 -17.29
C GLN D 307 -17.36 19.30 -18.05
N GLN D 308 -17.30 20.43 -17.34
CA GLN D 308 -17.11 21.71 -18.00
C GLN D 308 -15.76 21.74 -18.71
N LYS D 309 -14.70 21.29 -18.04
CA LYS D 309 -13.38 21.29 -18.64
C LYS D 309 -13.30 20.33 -19.82
N LEU D 310 -13.94 19.16 -19.72
CA LEU D 310 -13.95 18.23 -20.84
C LEU D 310 -14.71 18.79 -22.02
N GLN D 311 -15.85 19.45 -21.76
CA GLN D 311 -16.61 20.08 -22.84
C GLN D 311 -15.84 21.22 -23.49
N LYS D 312 -14.95 21.88 -22.74
CA LYS D 312 -14.12 22.91 -23.33
C LYS D 312 -13.13 22.33 -24.33
N GLU D 313 -12.51 21.20 -24.00
CA GLU D 313 -11.57 20.57 -24.92
C GLU D 313 -12.28 20.08 -26.18
N ILE D 314 -13.51 19.57 -26.02
CA ILE D 314 -14.29 19.10 -27.17
C ILE D 314 -14.60 20.27 -28.09
N ASP D 315 -15.04 21.39 -27.53
CA ASP D 315 -15.38 22.55 -28.35
C ASP D 315 -14.14 23.17 -28.99
N ALA D 316 -12.98 23.08 -28.32
CA ALA D 316 -11.76 23.63 -28.91
C ALA D 316 -11.31 22.80 -30.10
N VAL D 317 -11.37 21.47 -29.98
CA VAL D 317 -10.90 20.60 -31.05
C VAL D 317 -11.96 20.45 -32.14
N LEU D 318 -13.23 20.39 -31.76
CA LEU D 318 -14.35 20.21 -32.69
C LEU D 318 -15.34 21.34 -32.49
N PRO D 319 -15.04 22.53 -33.01
CA PRO D 319 -15.91 23.69 -32.74
C PRO D 319 -17.24 23.60 -33.48
N ASN D 320 -18.26 24.17 -32.86
CA ASN D 320 -19.63 24.19 -33.39
C ASN D 320 -20.11 22.78 -33.71
N LYS D 321 -19.84 21.85 -32.79
CA LYS D 321 -20.29 20.46 -32.91
C LYS D 321 -19.79 19.82 -34.19
N ALA D 322 -18.53 20.12 -34.55
CA ALA D 322 -17.95 19.55 -35.75
C ALA D 322 -17.88 18.03 -35.62
N PRO D 323 -18.14 17.30 -36.69
CA PRO D 323 -18.07 15.84 -36.62
C PRO D 323 -16.66 15.36 -36.31
N PRO D 324 -16.52 14.39 -35.40
CA PRO D 324 -15.18 13.95 -35.03
C PRO D 324 -14.54 13.08 -36.10
N THR D 325 -13.22 13.18 -36.21
CA THR D 325 -12.41 12.29 -37.02
C THR D 325 -11.57 11.41 -36.10
N TYR D 326 -10.96 10.38 -36.68
CA TYR D 326 -10.12 9.48 -35.89
C TYR D 326 -8.98 10.24 -35.23
N ASP D 327 -8.30 11.11 -35.99
CA ASP D 327 -7.18 11.86 -35.44
C ASP D 327 -7.66 12.86 -34.39
N ALA D 328 -8.82 13.47 -34.60
CA ALA D 328 -9.36 14.40 -33.61
C ALA D 328 -9.63 13.71 -32.28
N VAL D 329 -10.18 12.49 -32.33
CA VAL D 329 -10.51 11.78 -31.10
C VAL D 329 -9.25 11.44 -30.31
N VAL D 330 -8.25 10.85 -30.98
CA VAL D 330 -7.07 10.35 -30.29
C VAL D 330 -6.20 11.47 -29.75
N GLN D 331 -6.33 12.70 -30.25
CA GLN D 331 -5.50 13.80 -29.80
C GLN D 331 -6.13 14.58 -28.66
N MET D 332 -7.27 14.15 -28.13
CA MET D 332 -7.91 14.84 -27.02
C MET D 332 -7.37 14.27 -25.72
N GLU D 333 -6.45 15.00 -25.10
CA GLU D 333 -5.75 14.48 -23.93
C GLU D 333 -6.67 14.35 -22.73
N TYR D 334 -7.49 15.38 -22.47
CA TYR D 334 -8.33 15.35 -21.28
C TYR D 334 -9.42 14.28 -21.39
N LEU D 335 -9.93 14.03 -22.60
CA LEU D 335 -10.88 12.95 -22.77
C LEU D 335 -10.25 11.61 -22.45
N ASP D 336 -8.97 11.42 -22.82
CA ASP D 336 -8.28 10.18 -22.51
C ASP D 336 -8.10 10.01 -21.00
N MET D 337 -7.83 11.11 -20.30
CA MET D 337 -7.67 11.04 -18.85
C MET D 337 -9.00 10.74 -18.16
N VAL D 338 -10.10 11.28 -18.68
CA VAL D 338 -11.41 11.02 -18.07
C VAL D 338 -11.77 9.55 -18.23
N VAL D 339 -11.52 8.97 -19.41
CA VAL D 339 -11.80 7.56 -19.62
C VAL D 339 -10.88 6.69 -18.77
N ASN D 340 -9.59 7.05 -18.68
CA ASN D 340 -8.66 6.26 -17.90
C ASN D 340 -8.99 6.32 -16.41
N GLU D 341 -9.32 7.51 -15.91
CA GLU D 341 -9.68 7.63 -14.49
C GLU D 341 -10.97 6.90 -14.18
N THR D 342 -11.91 6.87 -15.12
CA THR D 342 -13.10 6.05 -14.93
C THR D 342 -12.75 4.57 -14.83
N LEU D 343 -11.87 4.10 -15.72
CA LEU D 343 -11.47 2.70 -15.68
C LEU D 343 -10.60 2.38 -14.48
N ARG D 344 -9.95 3.38 -13.87
CA ARG D 344 -9.25 3.14 -12.61
C ARG D 344 -10.24 2.86 -11.50
N LEU D 345 -11.23 3.73 -11.34
CA LEU D 345 -12.24 3.55 -10.30
C LEU D 345 -13.06 2.29 -10.56
N PHE D 346 -13.36 2.00 -11.82
CA PHE D 346 -14.28 0.92 -12.18
C PHE D 346 -13.65 0.00 -13.23
N PRO D 347 -12.64 -0.78 -12.84
CA PRO D 347 -12.15 -1.85 -13.73
C PRO D 347 -13.15 -3.00 -13.76
N VAL D 348 -13.93 -3.07 -14.85
CA VAL D 348 -15.14 -3.88 -14.82
C VAL D 348 -14.83 -5.37 -14.70
N ALA D 349 -13.66 -5.79 -15.14
CA ALA D 349 -13.28 -7.20 -14.99
C ALA D 349 -12.84 -7.54 -13.58
N ILE D 350 -12.63 -6.54 -12.72
CA ILE D 350 -12.34 -6.68 -11.30
C ILE D 350 -10.92 -7.20 -11.06
N ARG D 351 -10.51 -8.25 -11.77
CA ARG D 351 -9.16 -8.75 -11.60
C ARG D 351 -8.72 -9.53 -12.82
N LEU D 352 -7.43 -9.87 -12.85
CA LEU D 352 -6.85 -10.74 -13.86
C LEU D 352 -6.58 -12.10 -13.26
N GLU D 353 -6.65 -13.14 -14.08
CA GLU D 353 -6.51 -14.52 -13.62
C GLU D 353 -5.59 -15.29 -14.55
N ARG D 354 -4.73 -16.12 -13.96
CA ARG D 354 -3.85 -17.01 -14.71
C ARG D 354 -3.79 -18.36 -13.98
N THR D 355 -3.70 -19.43 -14.76
CA THR D 355 -3.54 -20.77 -14.21
C THR D 355 -2.08 -21.22 -14.36
N CYS D 356 -1.56 -21.88 -13.33
CA CYS D 356 -0.23 -22.50 -13.40
C CYS D 356 -0.35 -23.81 -14.16
N LYS D 357 0.13 -23.85 -15.41
CA LYS D 357 0.12 -25.10 -16.16
C LYS D 357 1.12 -26.11 -15.63
N LYS D 358 1.99 -25.71 -14.71
CA LYS D 358 2.91 -26.65 -14.06
C LYS D 358 3.35 -26.02 -12.74
N ASP D 359 4.05 -26.81 -11.93
CA ASP D 359 4.62 -26.27 -10.69
C ASP D 359 5.56 -25.13 -11.01
N VAL D 360 5.57 -24.11 -10.15
CA VAL D 360 6.30 -22.88 -10.42
C VAL D 360 6.61 -22.20 -9.09
N GLU D 361 7.74 -21.49 -9.06
CA GLU D 361 8.13 -20.68 -7.91
C GLU D 361 7.74 -19.23 -8.19
N ILE D 362 6.88 -18.68 -7.34
CA ILE D 362 6.41 -17.30 -7.48
C ILE D 362 6.84 -16.57 -6.21
N ASN D 363 7.88 -15.73 -6.33
CA ASN D 363 8.35 -14.89 -5.23
C ASN D 363 8.73 -15.74 -4.02
N GLY D 364 9.57 -16.74 -4.24
CA GLY D 364 10.02 -17.60 -3.17
C GLY D 364 9.00 -18.59 -2.66
N VAL D 365 7.83 -18.67 -3.30
CA VAL D 365 6.76 -19.56 -2.88
C VAL D 365 6.51 -20.56 -4.02
N PHE D 366 6.48 -21.84 -3.67
CA PHE D 366 6.31 -22.90 -4.66
C PHE D 366 4.83 -23.26 -4.76
N ILE D 367 4.24 -23.00 -5.92
CA ILE D 367 2.80 -23.11 -6.14
C ILE D 367 2.55 -24.33 -7.04
N PRO D 368 1.65 -25.23 -6.67
CA PRO D 368 1.47 -26.46 -7.45
C PRO D 368 0.70 -26.22 -8.74
N LYS D 369 0.88 -27.18 -9.65
CA LYS D 369 0.19 -27.16 -10.94
C LYS D 369 -1.32 -27.15 -10.74
N GLY D 370 -2.01 -26.33 -11.53
CA GLY D 370 -3.45 -26.21 -11.45
C GLY D 370 -3.93 -25.05 -10.61
N SER D 371 -3.08 -24.48 -9.76
CA SER D 371 -3.47 -23.35 -8.94
C SER D 371 -3.67 -22.10 -9.80
N MET D 372 -4.40 -21.14 -9.24
CA MET D 372 -4.72 -19.90 -9.93
C MET D 372 -3.99 -18.75 -9.28
N VAL D 373 -3.44 -17.86 -10.12
CA VAL D 373 -2.79 -16.64 -9.68
C VAL D 373 -3.66 -15.47 -10.10
N VAL D 374 -3.95 -14.58 -9.15
CA VAL D 374 -4.87 -13.48 -9.36
C VAL D 374 -4.11 -12.17 -9.19
N ILE D 375 -4.32 -11.24 -10.12
CA ILE D 375 -3.85 -9.87 -9.96
C ILE D 375 -5.08 -9.03 -9.60
N PRO D 376 -5.22 -8.62 -8.34
CA PRO D 376 -6.44 -7.90 -7.93
C PRO D 376 -6.49 -6.48 -8.46
N THR D 377 -6.91 -6.33 -9.73
CA THR D 377 -6.88 -5.03 -10.38
C THR D 377 -7.65 -3.99 -9.59
N TYR D 378 -8.83 -4.35 -9.06
CA TYR D 378 -9.62 -3.40 -8.30
C TYR D 378 -8.88 -2.96 -7.04
N ALA D 379 -8.33 -3.92 -6.29
CA ALA D 379 -7.64 -3.57 -5.05
C ALA D 379 -6.42 -2.69 -5.33
N LEU D 380 -5.70 -2.97 -6.41
CA LEU D 380 -4.53 -2.17 -6.73
C LEU D 380 -4.93 -0.79 -7.27
N HIS D 381 -6.06 -0.71 -7.99
CA HIS D 381 -6.52 0.59 -8.46
C HIS D 381 -6.95 1.48 -7.31
N HIS D 382 -7.39 0.90 -6.19
CA HIS D 382 -7.85 1.67 -5.04
C HIS D 382 -6.84 1.66 -3.91
N ASP D 383 -5.60 1.28 -4.19
CA ASP D 383 -4.57 1.22 -3.16
C ASP D 383 -4.03 2.61 -2.89
N PRO D 384 -4.14 3.13 -1.66
CA PRO D 384 -3.56 4.45 -1.36
C PRO D 384 -2.05 4.46 -1.44
N LYS D 385 -1.40 3.30 -1.48
CA LYS D 385 0.04 3.25 -1.66
C LYS D 385 0.45 3.81 -3.01
N TYR D 386 -0.40 3.65 -4.04
CA TYR D 386 -0.07 4.10 -5.38
C TYR D 386 -0.87 5.31 -5.84
N TRP D 387 -2.02 5.58 -5.23
CA TRP D 387 -2.88 6.68 -5.65
C TRP D 387 -3.29 7.49 -4.43
N THR D 388 -3.07 8.81 -4.50
CA THR D 388 -3.47 9.69 -3.41
C THR D 388 -4.98 9.86 -3.40
N GLU D 389 -5.59 9.57 -2.23
CA GLU D 389 -7.04 9.58 -2.07
C GLU D 389 -7.67 8.75 -3.19
N PRO D 390 -7.52 7.43 -3.14
CA PRO D 390 -7.89 6.59 -4.30
C PRO D 390 -9.38 6.59 -4.61
N GLU D 391 -10.25 6.96 -3.66
CA GLU D 391 -11.68 6.89 -3.93
C GLU D 391 -12.20 8.09 -4.70
N GLU D 392 -11.38 9.12 -4.92
CA GLU D 392 -11.82 10.33 -5.57
C GLU D 392 -11.54 10.30 -7.06
N PHE D 393 -12.44 10.92 -7.83
CA PHE D 393 -12.34 10.96 -9.29
C PHE D 393 -11.48 12.16 -9.69
N ARG D 394 -10.24 11.89 -10.11
CA ARG D 394 -9.30 12.93 -10.53
C ARG D 394 -8.65 12.55 -11.85
N PRO D 395 -9.15 13.04 -12.97
CA PRO D 395 -8.52 12.70 -14.27
C PRO D 395 -7.08 13.16 -14.37
N GLU D 396 -6.69 14.19 -13.63
CA GLU D 396 -5.33 14.70 -13.70
C GLU D 396 -4.29 13.71 -13.18
N ARG D 397 -4.72 12.60 -12.57
CA ARG D 397 -3.78 11.53 -12.24
C ARG D 397 -3.05 11.05 -13.47
N PHE D 398 -3.75 10.97 -14.60
CA PHE D 398 -3.21 10.45 -15.85
C PHE D 398 -2.68 11.55 -16.77
N SER D 399 -2.26 12.67 -16.21
CA SER D 399 -1.70 13.74 -17.01
C SER D 399 -0.43 13.24 -17.70
N LYS D 400 -0.47 13.20 -19.03
CA LYS D 400 0.67 12.69 -19.81
C LYS D 400 1.93 13.50 -19.56
N LYS D 401 1.81 14.73 -19.05
CA LYS D 401 2.95 15.62 -18.94
C LYS D 401 3.95 15.19 -17.88
N LYS D 402 3.57 14.30 -16.96
CA LYS D 402 4.47 13.93 -15.88
C LYS D 402 4.70 12.43 -15.78
N ASP D 403 4.71 11.94 -14.54
CA ASP D 403 5.08 10.55 -14.27
C ASP D 403 4.22 9.58 -15.07
N SER D 404 4.86 8.54 -15.58
CA SER D 404 4.15 7.47 -16.28
C SER D 404 3.45 6.56 -15.28
N ILE D 405 2.46 5.83 -15.76
CA ILE D 405 1.68 4.93 -14.93
C ILE D 405 2.28 3.53 -15.01
N ASP D 406 2.46 2.91 -13.85
CA ASP D 406 2.96 1.54 -13.80
C ASP D 406 1.97 0.61 -14.49
N PRO D 407 2.36 -0.07 -15.57
CA PRO D 407 1.40 -0.92 -16.31
C PRO D 407 1.05 -2.22 -15.60
N TYR D 408 1.63 -2.49 -14.43
CA TYR D 408 1.26 -3.66 -13.66
C TYR D 408 0.43 -3.33 -12.44
N ILE D 409 0.30 -2.05 -12.10
CA ILE D 409 -0.66 -1.60 -11.10
C ILE D 409 -1.99 -1.22 -11.74
N TYR D 410 -1.93 -0.51 -12.86
CA TYR D 410 -3.11 -0.10 -13.61
C TYR D 410 -3.31 -1.11 -14.73
N THR D 411 -4.30 -2.00 -14.57
CA THR D 411 -4.52 -3.10 -15.51
C THR D 411 -5.99 -3.28 -15.82
N PRO D 412 -6.68 -2.24 -16.29
CA PRO D 412 -8.10 -2.42 -16.65
C PRO D 412 -8.28 -3.30 -17.88
N PHE D 413 -7.27 -3.38 -18.74
CA PHE D 413 -7.29 -4.25 -19.91
C PHE D 413 -6.25 -5.37 -19.80
N GLY D 414 -5.69 -5.59 -18.62
CA GLY D 414 -4.61 -6.54 -18.47
C GLY D 414 -3.32 -6.06 -19.15
N THR D 415 -2.32 -6.93 -19.09
CA THR D 415 -1.02 -6.66 -19.69
C THR D 415 -0.42 -7.98 -20.13
N GLY D 416 0.47 -7.92 -21.13
CA GLY D 416 1.16 -9.08 -21.61
C GLY D 416 0.51 -9.68 -22.84
N PRO D 417 1.01 -10.84 -23.28
CA PRO D 417 0.45 -11.46 -24.50
C PRO D 417 -1.01 -11.82 -24.39
N ARG D 418 -1.56 -11.91 -23.17
CA ARG D 418 -2.93 -12.33 -22.93
C ARG D 418 -3.85 -11.14 -22.63
N ASN D 419 -3.43 -9.92 -22.95
CA ASN D 419 -4.21 -8.74 -22.61
C ASN D 419 -5.39 -8.59 -23.56
N CYS D 420 -6.17 -7.53 -23.36
CA CYS D 420 -7.36 -7.28 -24.15
C CYS D 420 -7.00 -6.93 -25.59
N ILE D 421 -7.43 -7.76 -26.54
CA ILE D 421 -7.13 -7.51 -27.94
C ILE D 421 -8.01 -6.41 -28.55
N GLY D 422 -9.14 -6.08 -27.92
CA GLY D 422 -10.01 -5.05 -28.47
C GLY D 422 -9.95 -3.74 -27.72
N MET D 423 -8.84 -3.51 -27.02
CA MET D 423 -8.71 -2.33 -26.18
C MET D 423 -8.83 -1.04 -27.00
N ARG D 424 -8.09 -0.95 -28.11
CA ARG D 424 -8.14 0.24 -28.94
C ARG D 424 -9.54 0.45 -29.51
N PHE D 425 -10.18 -0.63 -29.94
CA PHE D 425 -11.54 -0.52 -30.48
C PHE D 425 -12.52 -0.05 -29.41
N ALA D 426 -12.38 -0.56 -28.18
CA ALA D 426 -13.31 -0.19 -27.13
C ALA D 426 -13.12 1.27 -26.72
N LEU D 427 -11.87 1.72 -26.62
CA LEU D 427 -11.61 3.11 -26.25
C LEU D 427 -12.10 4.07 -27.32
N MET D 428 -11.95 3.70 -28.60
CA MET D 428 -12.47 4.54 -29.68
C MET D 428 -13.99 4.57 -29.66
N ASN D 429 -14.62 3.43 -29.36
CA ASN D 429 -16.08 3.37 -29.35
C ASN D 429 -16.66 4.26 -28.25
N MET D 430 -16.05 4.25 -27.06
CA MET D 430 -16.58 5.02 -25.95
C MET D 430 -16.30 6.51 -26.11
N LYS D 431 -15.10 6.86 -26.58
CA LYS D 431 -14.77 8.27 -26.76
C LYS D 431 -15.66 8.92 -27.81
N LEU D 432 -15.97 8.20 -28.89
CA LEU D 432 -16.87 8.73 -29.91
C LEU D 432 -18.24 9.03 -29.32
N ALA D 433 -18.78 8.10 -28.52
CA ALA D 433 -20.07 8.33 -27.87
C ALA D 433 -19.99 9.51 -26.92
N LEU D 434 -18.92 9.60 -26.13
CA LEU D 434 -18.80 10.69 -25.17
C LEU D 434 -18.70 12.04 -25.86
N ILE D 435 -17.90 12.12 -26.93
CA ILE D 435 -17.74 13.38 -27.66
C ILE D 435 -19.09 13.84 -28.20
N ARG D 436 -19.84 12.93 -28.81
CA ARG D 436 -21.08 13.32 -29.47
C ARG D 436 -22.13 13.79 -28.47
N VAL D 437 -22.27 13.08 -27.34
CA VAL D 437 -23.31 13.47 -26.38
C VAL D 437 -22.89 14.72 -25.60
N LEU D 438 -21.59 14.88 -25.33
CA LEU D 438 -21.12 16.07 -24.64
C LEU D 438 -21.07 17.28 -25.54
N GLN D 439 -21.00 17.09 -26.86
CA GLN D 439 -21.16 18.20 -27.79
C GLN D 439 -22.56 18.80 -27.71
N ASN D 440 -23.57 17.97 -27.43
CA ASN D 440 -24.96 18.39 -27.49
C ASN D 440 -25.62 18.54 -26.12
N PHE D 441 -25.13 17.87 -25.08
CA PHE D 441 -25.84 17.81 -23.81
C PHE D 441 -24.91 18.05 -22.62
N SER D 442 -25.53 18.41 -21.51
CA SER D 442 -24.91 18.40 -20.19
C SER D 442 -25.68 17.44 -19.29
N PHE D 443 -25.00 16.90 -18.29
CA PHE D 443 -25.56 15.86 -17.43
C PHE D 443 -25.49 16.32 -15.98
N LYS D 444 -26.59 16.13 -15.26
CA LYS D 444 -26.73 16.56 -13.88
C LYS D 444 -27.38 15.46 -13.06
N PRO D 445 -27.13 15.44 -11.76
CA PRO D 445 -27.83 14.49 -10.89
C PRO D 445 -29.26 14.95 -10.61
N CYS D 446 -30.15 13.98 -10.49
CA CYS D 446 -31.51 14.20 -10.03
C CYS D 446 -31.74 13.29 -8.82
N LYS D 447 -32.97 13.28 -8.33
CA LYS D 447 -33.28 12.43 -7.17
C LYS D 447 -33.14 10.95 -7.49
N GLU D 448 -33.29 10.56 -8.76
CA GLU D 448 -33.09 9.17 -9.15
C GLU D 448 -31.63 8.78 -9.21
N THR D 449 -30.71 9.75 -9.24
CA THR D 449 -29.29 9.43 -9.22
C THR D 449 -28.89 8.91 -7.84
N GLN D 450 -28.16 7.79 -7.82
CA GLN D 450 -27.77 7.14 -6.58
C GLN D 450 -26.50 7.78 -6.05
N ILE D 451 -26.60 8.43 -4.89
CA ILE D 451 -25.47 9.04 -4.22
C ILE D 451 -25.51 8.63 -2.76
N PRO D 452 -24.49 7.93 -2.23
CA PRO D 452 -23.31 7.49 -2.96
C PRO D 452 -23.57 6.30 -3.89
N LEU D 453 -22.73 6.16 -4.90
CA LEU D 453 -22.90 5.09 -5.88
C LEU D 453 -22.61 3.74 -5.24
N LYS D 454 -23.55 2.81 -5.37
CA LYS D 454 -23.38 1.44 -4.91
C LYS D 454 -23.04 0.54 -6.10
N LEU D 455 -22.16 -0.42 -5.87
CA LEU D 455 -21.70 -1.31 -6.93
C LEU D 455 -22.40 -2.66 -6.85
N ASP D 456 -22.65 -3.24 -8.02
CA ASP D 456 -23.22 -4.58 -8.10
C ASP D 456 -22.31 -5.58 -7.40
N THR D 457 -22.92 -6.51 -6.66
CA THR D 457 -22.17 -7.51 -5.92
C THR D 457 -22.00 -8.82 -6.69
N GLN D 458 -22.68 -8.98 -7.81
CA GLN D 458 -22.63 -10.21 -8.59
C GLN D 458 -22.14 -9.89 -10.00
N GLY D 459 -21.23 -10.71 -10.51
CA GLY D 459 -20.90 -10.56 -11.91
C GLY D 459 -20.01 -9.36 -12.19
N LEU D 460 -20.12 -8.87 -13.43
CA LEU D 460 -19.33 -7.75 -13.89
C LEU D 460 -19.54 -6.53 -13.01
N LEU D 461 -18.51 -5.69 -12.90
CA LEU D 461 -18.61 -4.47 -12.13
C LEU D 461 -19.56 -3.50 -12.85
N GLN D 462 -20.67 -3.20 -12.20
CA GLN D 462 -21.70 -2.35 -12.77
C GLN D 462 -22.48 -1.71 -11.64
N PRO D 463 -23.23 -0.65 -11.91
CA PRO D 463 -24.02 -0.04 -10.83
C PRO D 463 -25.05 -1.01 -10.29
N GLU D 464 -25.27 -0.94 -8.97
CA GLU D 464 -26.30 -1.76 -8.36
C GLU D 464 -27.67 -1.45 -8.95
N LYS D 465 -28.00 -0.16 -9.08
CA LYS D 465 -29.18 0.37 -9.71
C LYS D 465 -28.81 1.01 -11.05
N PRO D 466 -29.65 0.90 -12.08
CA PRO D 466 -29.37 1.61 -13.33
C PRO D 466 -29.20 3.10 -13.10
N ILE D 467 -28.15 3.67 -13.69
CA ILE D 467 -27.84 5.07 -13.47
C ILE D 467 -28.84 5.94 -14.22
N VAL D 468 -29.41 6.92 -13.52
CA VAL D 468 -30.39 7.84 -14.07
C VAL D 468 -29.85 9.26 -13.89
N LEU D 469 -29.93 10.07 -14.94
CA LEU D 469 -29.42 11.43 -14.92
C LEU D 469 -30.36 12.36 -15.66
N LYS D 470 -30.33 13.64 -15.26
CA LYS D 470 -31.00 14.70 -16.02
C LYS D 470 -30.09 15.12 -17.19
N VAL D 471 -30.68 15.26 -18.37
CA VAL D 471 -29.95 15.55 -19.59
C VAL D 471 -30.52 16.82 -20.20
N ASP D 472 -29.67 17.85 -20.32
CA ASP D 472 -30.09 19.15 -20.81
C ASP D 472 -29.32 19.51 -22.08
N SER D 473 -30.02 20.17 -23.00
CA SER D 473 -29.39 20.61 -24.24
C SER D 473 -28.44 21.79 -23.98
N ARG D 474 -27.50 21.97 -24.88
CA ARG D 474 -26.53 23.06 -24.79
C ARG D 474 -26.87 24.19 -25.76
CHA HEM E . 20.10 -14.89 26.66
CHB HEM E . 17.77 -17.98 23.76
CHC HEM E . 18.56 -21.57 26.96
CHD HEM E . 20.30 -18.30 30.10
C1A HEM E . 19.44 -15.45 25.60
C2A HEM E . 19.09 -14.73 24.43
C3A HEM E . 18.43 -15.59 23.61
C4A HEM E . 18.36 -16.84 24.27
CMA HEM E . 17.87 -15.26 22.25
CAA HEM E . 19.38 -13.29 24.12
CBA HEM E . 20.74 -13.13 23.44
CGA HEM E . 20.89 -11.74 22.87
O1A HEM E . 21.71 -11.52 21.95
O2A HEM E . 20.21 -10.79 23.33
C1B HEM E . 17.81 -19.21 24.42
C2B HEM E . 17.22 -20.37 23.84
C3B HEM E . 17.43 -21.40 24.71
C4B HEM E . 18.17 -20.82 25.85
CMB HEM E . 16.52 -20.39 22.50
CAB HEM E . 17.02 -22.83 24.60
CBB HEM E . 16.88 -23.49 23.46
C1C HEM E . 19.11 -21.00 28.10
C2C HEM E . 19.45 -21.69 29.28
C3C HEM E . 19.95 -20.75 30.18
C4C HEM E . 19.90 -19.49 29.52
CMC HEM E . 19.28 -23.18 29.48
CAC HEM E . 20.42 -20.98 31.56
CBC HEM E . 21.23 -21.99 31.90
C1D HEM E . 20.36 -17.12 29.38
C2D HEM E . 20.86 -15.88 30.00
C3D HEM E . 20.80 -14.93 29.06
C4D HEM E . 20.28 -15.59 27.84
CMD HEM E . 21.32 -15.71 31.42
CAD HEM E . 21.21 -13.48 29.22
CBD HEM E . 22.68 -13.29 28.87
CGD HEM E . 23.12 -11.88 29.20
O1D HEM E . 24.30 -11.65 29.57
O2D HEM E . 22.33 -10.92 29.09
NA HEM E . 18.98 -16.73 25.49
NB HEM E . 18.36 -19.51 25.60
NC HEM E . 19.38 -19.66 28.27
ND HEM E . 20.04 -16.90 28.09
FE HEM E . 19.36 -18.14 26.86
C01 MWY F . 12.91 -14.30 32.80
C02 MWY F . 14.15 -14.07 31.95
C03 MWY F . 13.97 -12.98 30.87
C04 MWY F . 12.92 -13.39 29.77
C05 MWY F . 13.24 -14.67 28.97
C06 MWY F . 13.67 -14.47 27.48
C07 MWY F . 14.28 -15.77 26.86
C08 MWY F . 15.57 -16.17 27.56
C09 MWY F . 16.63 -15.07 27.49
C10 MWY F . 16.17 -13.73 28.10
C11 MWY F . 14.80 -13.38 27.42
C12 MWY F . 15.26 -12.91 26.05
C14 MWY F . 16.60 -12.26 26.18
C15 MWY F . 17.10 -12.60 27.58
C16 MWY F . 16.18 -13.77 29.65
C17 MWY F . 15.37 -12.59 30.26
C19 MWY F . 17.59 -13.85 30.20
C20 MWY F . 13.33 -16.95 26.74
C21 MWY F . 12.44 -14.01 26.69
C23 MWY F . 12.04 -16.51 29.88
C25 MWY F . 10.74 -17.27 29.83
C27 MWY F . 8.17 -17.07 30.75
C29 MWY F . 6.35 -17.50 31.70
C33 MWY F . 13.46 -11.73 31.59
N28 MWY F . 6.92 -16.56 30.94
N30 MWY F . 7.21 -18.49 31.94
N31 MWY F . 8.40 -18.22 31.32
N32 MWY F . 5.09 -17.47 32.17
O13 MWY F . 14.64 -13.03 25.00
O18 MWY F . 16.14 -11.88 31.22
O22 MWY F . 12.05 -15.50 29.00
O24 MWY F . 12.95 -16.79 30.61
S26 MWY F . 9.31 -16.18 29.76
C01 MWY G . 13.37 -9.96 24.08
C02 MWY G . 12.14 -10.84 24.14
C03 MWY G . 10.78 -10.12 24.09
C04 MWY G . 10.63 -9.08 25.26
C05 MWY G . 10.70 -9.66 26.69
C06 MWY G . 9.34 -9.70 27.47
C07 MWY G . 9.44 -10.56 28.76
C08 MWY G . 9.73 -12.02 28.43
C09 MWY G . 8.65 -12.63 27.52
C10 MWY G . 8.44 -11.88 26.20
C11 MWY G . 8.26 -10.37 26.56
C12 MWY G . 6.82 -10.35 27.10
C14 MWY G . 6.05 -11.49 26.48
C15 MWY G . 7.06 -12.25 25.64
C16 MWY G . 9.55 -12.20 25.16
C17 MWY G . 9.61 -11.15 24.01
C19 MWY G . 9.42 -13.63 24.63
C20 MWY G . 10.37 -10.04 29.85
C21 MWY G . 8.96 -8.25 27.81
C23 MWY G . 12.83 -9.42 27.74
C25 MWY G . 13.72 -8.48 28.51
C27 MWY G . 16.28 -7.72 29.15
C29 MWY G . 17.96 -6.56 29.65
C33 MWY G . 10.69 -9.35 22.76
N28 MWY G . 17.62 -7.82 29.36
N30 MWY G . 16.87 -5.78 29.62
N31 MWY G . 15.78 -6.51 29.29
N32 MWY G . 19.19 -6.12 29.92
O13 MWY G . 6.36 -9.57 27.91
O18 MWY G . 9.65 -11.81 22.75
O22 MWY G . 11.65 -8.84 27.42
O24 MWY G . 13.11 -10.55 27.46
S26 MWY G . 15.39 -9.15 28.70
CHA HEM H . -28.11 16.97 25.26
CHB HEM H . -27.64 16.75 20.44
CHC HEM H . -27.39 21.62 20.24
CHD HEM H . -27.71 21.80 25.08
C1A HEM H . -28.02 16.52 23.96
C2A HEM H . -28.09 15.16 23.60
C3A HEM H . -27.95 15.09 22.26
C4A HEM H . -27.80 16.41 21.78
CMA HEM H . -27.97 13.83 21.43
CAA HEM H . -28.28 13.99 24.53
CBA HEM H . -29.77 13.69 24.70
CGA HEM H . -29.97 12.41 25.45
O1A HEM H . -30.97 11.70 25.22
O2A HEM H . -29.13 12.05 26.33
C1B HEM H . -27.52 18.08 20.02
C2B HEM H . -27.32 18.39 18.66
C3B HEM H . -27.25 19.76 18.56
C4B HEM H . -27.41 20.25 19.94
CMB HEM H . -27.22 17.36 17.55
CAB HEM H . -27.04 20.63 17.37
CBB HEM H . -27.51 20.34 16.15
C1C HEM H . -27.48 22.10 21.54
C2C HEM H . -27.46 23.45 21.90
C3C HEM H . -27.55 23.50 23.30
C4C HEM H . -27.62 22.16 23.75
CMC HEM H . -27.37 24.58 20.90
CAC HEM H . -27.57 24.68 24.21
CBC HEM H . -27.93 25.91 23.84
C1D HEM H . -27.82 20.47 25.47
C2D HEM H . -27.89 20.12 26.90
C3D HEM H . -28.00 18.79 26.96
C4D HEM H . -27.99 18.32 25.57
CMD HEM H . -27.83 21.05 28.07
CAD HEM H . -28.09 17.95 28.21
CBD HEM H . -29.55 17.74 28.59
CGD HEM H . -29.63 17.14 29.99
O1D HEM H . -30.68 17.25 30.66
O2D HEM H . -28.64 16.55 30.46
NA HEM H . -27.83 17.28 22.83
NB HEM H . -27.58 19.20 20.76
NC HEM H . -27.56 21.32 22.67
ND HEM H . -27.90 19.36 24.71
FE HEM H . -27.85 19.26 22.85
C01 MWY I . -19.08 19.34 26.38
C02 MWY I . -20.48 18.82 26.61
C03 MWY I . -20.64 17.30 26.72
C04 MWY I . -20.18 16.58 25.40
C05 MWY I . -20.93 17.02 24.12
C06 MWY I . -21.91 15.97 23.50
C07 MWY I . -22.87 16.61 22.45
C08 MWY I . -23.83 17.60 23.11
C09 MWY I . -24.68 16.95 24.20
C10 MWY I . -23.83 16.36 25.33
C11 MWY I . -22.81 15.40 24.65
C12 MWY I . -23.70 14.20 24.31
C14 MWY I . -24.75 14.09 25.39
C15 MWY I . -24.69 15.39 26.18
C16 MWY I . -23.22 17.47 26.23
C17 MWY I . -22.09 16.93 27.16
C19 MWY I . -24.30 18.21 27.00
C20 MWY I . -22.21 17.22 21.22
C21 MWY I . -21.07 14.86 22.86
C23 MWY I . -19.66 18.66 22.94
C25 MWY I . -18.41 18.87 22.13
C27 MWY I . -16.39 18.05 20.49
C29 MWY I . -14.69 18.05 19.23
C33 MWY I . -19.72 16.81 27.85
N28 MWY I . -15.59 17.21 19.76
N30 MWY I . -14.95 19.30 19.64
N31 MWY I . -16.04 19.31 20.46
N32 MWY I . -13.71 17.70 18.41
O13 MWY I . -23.62 13.47 23.35
O18 MWY I . -22.30 17.33 28.50
O22 MWY I . -19.90 17.36 23.14
O24 MWY I . -20.35 19.54 23.37
S26 MWY I . -17.73 17.38 21.39
C01 MWY J . -22.75 10.27 24.17
C02 MWY J . -21.69 10.69 23.17
C03 MWY J . -20.37 9.89 23.24
C04 MWY J . -19.68 10.02 24.64
C05 MWY J . -19.15 11.38 25.12
C06 MWY J . -17.60 11.55 25.05
C07 MWY J . -17.14 13.01 25.38
C08 MWY J . -16.70 13.81 24.14
C09 MWY J . -17.57 13.59 22.91
C10 MWY J . -17.67 12.13 22.42
C11 MWY J . -17.12 11.23 23.59
C12 MWY J . -15.60 11.16 23.29
C14 MWY J . -15.33 11.78 21.95
C15 MWY J . -16.66 11.88 21.29
C16 MWY J . -19.11 11.79 21.94
C17 MWY J . -19.43 10.27 22.06
C19 MWY J . -19.35 12.32 20.52
C20 MWY J . -18.02 13.86 26.28
C21 MWY J . -16.97 10.55 26.03
C23 MWY J . -20.66 12.22 26.77
C25 MWY J . -20.91 12.35 28.24
C27 MWY J . -22.69 12.88 30.24
C29 MWY J . -23.69 12.84 32.09
C33 MWY J . -20.71 8.42 23.01
N28 MWY J . -23.79 13.39 30.87
N30 MWY J . -22.61 12.08 32.16
N31 MWY J . -21.94 12.09 30.97
N32 MWY J . -24.58 13.01 33.08
O13 MWY J . -14.76 10.69 24.02
O18 MWY J . -20.00 9.80 20.85
O22 MWY J . -19.56 11.48 26.52
O24 MWY J . -21.33 12.75 25.93
S26 MWY J . -22.43 13.27 28.56
CHA HEM K . 17.23 4.23 -29.72
CHB HEM K . 20.04 6.48 -26.46
CHC HEM K . 22.04 2.20 -25.25
CHD HEM K . 19.39 0.01 -28.65
C1A HEM K . 17.83 5.19 -28.92
C2A HEM K . 17.52 6.57 -28.97
C3A HEM K . 18.30 7.20 -28.07
C4A HEM K . 19.09 6.22 -27.45
CMA HEM K . 18.31 8.68 -27.78
CAA HEM K . 16.50 7.23 -29.88
CBA HEM K . 15.15 7.28 -29.15
CGA HEM K . 14.22 8.17 -29.92
O1A HEM K . 13.21 8.68 -29.35
O2A HEM K . 14.43 8.41 -31.13
C1B HEM K . 20.81 5.46 -25.89
C2B HEM K . 21.79 5.78 -24.92
C3B HEM K . 22.38 4.60 -24.55
C4B HEM K . 21.71 3.55 -25.35
CMB HEM K . 22.10 7.16 -24.41
CAB HEM K . 23.46 4.36 -23.56
CBB HEM K . 23.45 4.93 -22.35
C1C HEM K . 21.49 1.22 -26.06
C2C HEM K . 21.81 -0.14 -26.03
C3C HEM K . 21.05 -0.77 -27.01
C4C HEM K . 20.26 0.25 -27.63
CMC HEM K . 22.82 -0.76 -25.08
CAC HEM K . 21.03 -2.20 -27.39
CBC HEM K . 21.11 -3.20 -26.52
C1D HEM K . 18.62 1.03 -29.20
C2D HEM K . 17.71 0.75 -30.33
C3D HEM K . 17.11 1.91 -30.62
C4D HEM K . 17.65 2.91 -29.69
CMD HEM K . 17.50 -0.57 -31.02
CAD HEM K . 16.09 2.13 -31.72
CBD HEM K . 14.66 2.03 -31.18
CGD HEM K . 13.69 2.02 -32.33
O1D HEM K . 12.63 1.35 -32.24
O2D HEM K . 13.90 2.69 -33.36
NA HEM K . 18.81 4.99 -27.98
NB HEM K . 20.78 4.15 -26.12
NC HEM K . 20.55 1.45 -27.04
ND HEM K . 18.53 2.32 -28.85
FE HEM K . 19.50 3.19 -27.49
C01 MWY L . 24.05 2.83 -36.14
C02 MWY L . 22.84 3.14 -35.28
C03 MWY L . 22.21 4.53 -35.47
C04 MWY L . 23.14 5.70 -34.96
C05 MWY L . 23.52 5.70 -33.47
C06 MWY L . 22.81 6.77 -32.58
C07 MWY L . 23.00 6.50 -31.06
C08 MWY L . 21.68 6.25 -30.32
C09 MWY L . 20.82 5.17 -30.98
C10 MWY L . 20.46 5.44 -32.45
C11 MWY L . 21.26 6.73 -32.87
C12 MWY L . 20.34 7.85 -32.40
C14 MWY L . 18.95 7.41 -32.67
C15 MWY L . 18.96 5.88 -32.52
C16 MWY L . 20.71 4.20 -33.34
C17 MWY L . 20.78 4.55 -34.85
C19 MWY L . 19.68 3.10 -33.05
C20 MWY L . 24.01 5.41 -30.68
C21 MWY L . 23.36 8.16 -32.96
C23 MWY L . 25.75 4.86 -33.34
C25 MWY L . 27.20 5.23 -33.40
C27 MWY L . 28.41 7.49 -34.31
C29 MWY L . 29.45 8.83 -35.56
C33 MWY L . 21.99 4.73 -36.98
N28 MWY L . 28.88 8.77 -34.34
N30 MWY L . 29.32 7.66 -36.18
N31 MWY L . 28.65 6.78 -35.39
N32 MWY L . 30.08 9.90 -36.06
O13 MWY L . 20.66 8.90 -31.89
O18 MWY L . 19.92 3.73 -35.61
O22 MWY L . 24.96 5.94 -33.43
O24 MWY L . 25.34 3.74 -33.25
S26 MWY L . 27.56 6.91 -32.90
C01 MWY M . 20.12 11.67 -33.68
C02 MWY M . 21.63 11.67 -33.74
C03 MWY M . 22.29 12.61 -34.78
C04 MWY M . 22.01 12.17 -36.25
C05 MWY M . 22.51 10.76 -36.62
C06 MWY M . 23.74 10.71 -37.58
C07 MWY M . 24.35 9.28 -37.66
C08 MWY M . 24.90 8.84 -36.29
C09 MWY M . 25.98 9.79 -35.77
C10 MWY M . 25.51 11.25 -35.64
C11 MWY M . 24.86 11.64 -37.00
C12 MWY M . 26.09 11.87 -37.89
C14 MWY M . 27.27 12.23 -37.01
C15 MWY M . 26.74 12.16 -35.59
C16 MWY M . 24.63 11.46 -34.38
C17 MWY M . 23.81 12.78 -34.45
C19 MWY M . 25.46 11.38 -33.10
C20 MWY M . 23.48 8.20 -38.28
C21 MWY M . 23.29 11.18 -38.97
C23 MWY M . 20.72 9.18 -36.59
C25 MWY M . 19.69 8.47 -37.44
C27 MWY M . 17.54 6.80 -37.66
C29 MWY M . 15.85 5.79 -38.38
C33 MWY M . 21.68 14.01 -34.58
N28 MWY M . 16.58 5.92 -37.27
N30 MWY M . 16.37 6.55 -39.36
N31 MWY M . 17.47 7.21 -38.90
N32 MWY M . 14.74 5.06 -38.50
O13 MWY M . 26.14 11.80 -39.09
O18 MWY M . 23.94 13.53 -33.25
O22 MWY M . 21.40 10.10 -37.29
O24 MWY M . 20.90 8.97 -35.43
S26 MWY M . 18.69 7.35 -36.46
CHA HEM N . -9.60 -9.66 -22.66
CHB HEM N . -11.22 -5.71 -20.37
CHC HEM N . -13.62 -4.37 -24.40
CHD HEM N . -12.27 -8.50 -26.55
C1A HEM N . -9.82 -8.68 -21.73
C2A HEM N . -9.26 -8.69 -20.43
C3A HEM N . -9.72 -7.59 -19.78
C4A HEM N . -10.56 -6.88 -20.67
CMA HEM N . -9.37 -7.17 -18.37
CAA HEM N . -8.32 -9.72 -19.85
CBA HEM N . -6.87 -9.36 -20.14
CGA HEM N . -5.93 -10.23 -19.32
O1A HEM N . -4.80 -9.79 -19.01
O2A HEM N . -6.27 -11.38 -18.97
C1B HEM N . -12.02 -5.04 -21.30
C2B HEM N . -12.67 -3.84 -20.97
C3B HEM N . -13.37 -3.43 -22.07
C4B HEM N . -13.09 -4.45 -23.10
CMB HEM N . -12.61 -3.16 -19.62
CAB HEM N . -14.22 -2.24 -22.26
CBB HEM N . -13.93 -1.03 -21.77
C1C HEM N . -13.46 -5.37 -25.34
C2C HEM N . -14.00 -5.35 -26.63
C3C HEM N . -13.63 -6.53 -27.26
C4C HEM N . -12.84 -7.26 -26.32
CMC HEM N . -14.84 -4.25 -27.23
CAC HEM N . -13.99 -6.89 -28.65
CBC HEM N . -13.13 -7.49 -29.48
C1D HEM N . -11.45 -9.12 -25.62
C2D HEM N . -10.85 -10.43 -25.92
C3D HEM N . -10.11 -10.75 -24.84
C4D HEM N . -10.25 -9.64 -23.89
CMD HEM N . -11.05 -11.24 -27.16
CAD HEM N . -9.31 -12.03 -24.67
CBD HEM N . -7.90 -11.87 -25.25
CGD HEM N . -7.14 -13.17 -25.09
O1D HEM N . -6.16 -13.41 -25.82
O2D HEM N . -7.48 -14.01 -24.21
NA HEM N . -10.64 -7.58 -21.85
NB HEM N . -12.27 -5.38 -22.58
NC HEM N . -12.77 -6.53 -25.16
ND HEM N . -11.04 -8.69 -24.42
FE HEM N . -11.53 -7.09 -23.57
C01 MWY O . -18.06 -13.94 -22.12
C02 MWY O . -16.58 -13.64 -22.24
C03 MWY O . -15.73 -13.98 -21.00
C04 MWY O . -16.18 -13.15 -19.75
C05 MWY O . -16.10 -11.62 -19.89
C06 MWY O . -14.98 -10.91 -19.07
C07 MWY O . -14.74 -9.44 -19.53
C08 MWY O . -14.19 -9.39 -20.96
C09 MWY O . -12.87 -10.15 -21.10
C10 MWY O . -13.00 -11.63 -20.73
C11 MWY O . -13.63 -11.68 -19.30
C12 MWY O . -12.44 -11.28 -18.44
C14 MWY O . -11.18 -11.79 -19.10
C15 MWY O . -11.60 -12.23 -20.50
C16 MWY O . -13.77 -12.43 -21.83
C17 MWY O . -14.21 -13.83 -21.33
C19 MWY O . -12.96 -12.50 -23.12
C20 MWY O . -15.93 -8.50 -19.38
C21 MWY O . -15.38 -10.94 -17.58
C23 MWY O . -18.27 -10.80 -20.45
C25 MWY O . -19.65 -10.61 -19.90
C27 MWY O . -21.31 -10.07 -17.78
C29 MWY O . -22.96 -9.49 -16.62
C33 MWY O . -15.97 -15.46 -20.69
N28 MWY O . -21.71 -9.97 -16.48
N30 MWY O . -23.24 -9.32 -17.92
N31 MWY O . -22.19 -9.70 -18.68
N32 MWY O . -23.79 -9.21 -15.61
O13 MWY O . -12.46 -10.65 -17.40
O18 MWY O . -13.83 -14.83 -22.27
O22 MWY O . -17.39 -11.10 -19.47
O24 MWY O . -17.98 -10.74 -21.61
S26 MWY O . -19.69 -10.66 -18.10
C01 MWY P . -11.55 -12.71 -14.85
C02 MWY P . -12.88 -12.11 -14.41
C03 MWY P . -13.58 -12.85 -13.25
C04 MWY P . -13.85 -14.36 -13.56
C05 MWY P . -14.74 -14.65 -14.78
C06 MWY P . -16.18 -15.19 -14.47
C07 MWY P . -17.10 -15.14 -15.72
C08 MWY P . -17.34 -13.71 -16.20
C09 MWY P . -17.96 -12.84 -15.11
C10 MWY P . -17.14 -12.78 -13.80
C11 MWY P . -16.83 -14.26 -13.40
C12 MWY P . -18.19 -14.72 -12.86
C14 MWY P . -18.92 -13.52 -12.30
C15 MWY P . -18.07 -12.31 -12.67
C16 MWY P . -15.92 -11.84 -13.93
C17 MWY P . -14.86 -12.07 -12.81
C19 MWY P . -16.36 -10.37 -14.00
C20 MWY P . -16.72 -16.06 -16.89
C21 MWY P . -16.03 -16.63 -13.94
C23 MWY P . -13.52 -15.29 -16.74
C25 MWY P . -12.93 -16.46 -17.50
C27 MWY P . -11.07 -17.31 -19.30
C29 MWY P . -9.62 -18.48 -20.27
C33 MWY P . -12.65 -12.78 -12.03
N28 MWY P . -10.22 -17.30 -20.37
N30 MWY P . -10.10 -19.15 -19.22
N31 MWY P . -11.05 -18.41 -18.58
N32 MWY P . -8.64 -18.94 -21.07
O13 MWY P . -18.63 -15.85 -12.85
O18 MWY P . -14.48 -10.84 -12.21
O22 MWY P . -14.06 -15.67 -15.57
O24 MWY P . -13.53 -14.16 -17.14
S26 MWY P . -12.06 -15.91 -18.98
#